data_1VPS
#
_entry.id   1VPS
#
_cell.length_a   221.500
_cell.length_b   221.500
_cell.length_c   99.800
_cell.angle_alpha   90.00
_cell.angle_beta   90.00
_cell.angle_gamma   120.00
#
_symmetry.space_group_name_H-M   'P 31 2 1'
#
loop_
_entity.id
_entity.type
_entity.pdbx_description
1 polymer 'POLYOMAVIRUS VP1 PENTAMER'
2 branched 'N-acetyl-alpha-neuraminic acid-(2-3)-beta-D-galactopyranose-(1-3)-[N-acetyl-alpha-neuraminic acid-(2-6)]2-acetamido-2-deoxy-beta-D-glucopyranose'
3 water water
#
_entity_poly.entity_id   1
_entity_poly.type   'polypeptide(L)'
_entity_poly.pdbx_seq_one_letter_code
;GGMEVLDLVTGPDSVTEIEAFLNPRMGQPPTPESLTEGGQYYGWSRGINLATSDTEDSPGNNTLPTWSMAKLQLPMLNED
LTCDTLQMWEAVSVKTEVVGSGSLLDVHGFNKPTDTVNTKGISTPVEGSQYHVFAVGGEPLDLQGLVTDARTKYKEEGVV
TIKTITKKDMVNKDQVLNPISKAKLDKDGMYPVEIWHPDPAKNENTRYFGNYTGGTTTPPVLQFTNTLTTVLLDENGVGP
LCKGEGLYLSCVDIMGWRVTRNYDVHHWRGLPRYFKITLRKRWVKNPYP
;
_entity_poly.pdbx_strand_id   A,B,C,D,E
#
# COMPACT_ATOMS: atom_id res chain seq x y z
N GLY A 1 10.87 30.63 34.74
CA GLY A 1 10.51 31.95 34.23
C GLY A 1 9.70 31.88 32.96
N GLY A 2 9.80 32.92 32.13
CA GLY A 2 9.07 32.93 30.87
C GLY A 2 9.58 31.86 29.92
N MET A 3 8.71 30.93 29.54
CA MET A 3 9.08 29.82 28.64
C MET A 3 9.57 30.22 27.26
N GLU A 4 10.72 30.87 27.21
CA GLU A 4 11.30 31.29 25.95
C GLU A 4 12.48 30.36 25.72
N VAL A 5 12.42 29.62 24.62
CA VAL A 5 13.48 28.68 24.29
C VAL A 5 14.69 29.43 23.73
N LEU A 6 15.86 29.15 24.30
CA LEU A 6 17.09 29.80 23.89
C LEU A 6 18.05 28.83 23.22
N ASP A 7 19.35 28.97 23.47
CA ASP A 7 20.37 28.10 22.87
C ASP A 7 20.44 26.70 23.44
N LEU A 8 21.20 25.85 22.75
CA LEU A 8 21.42 24.48 23.19
C LEU A 8 22.64 24.55 24.11
N VAL A 9 22.53 23.94 25.29
CA VAL A 9 23.65 23.94 26.23
C VAL A 9 24.78 23.10 25.67
N THR A 10 26.02 23.57 25.79
CA THR A 10 27.16 22.80 25.30
C THR A 10 28.02 22.38 26.48
N GLY A 11 28.99 21.51 26.24
CA GLY A 11 29.85 21.09 27.32
C GLY A 11 29.66 19.64 27.73
N PRO A 12 30.42 19.19 28.74
CA PRO A 12 30.34 17.83 29.25
C PRO A 12 28.95 17.49 29.80
N ASP A 13 28.44 16.33 29.38
CA ASP A 13 27.14 15.82 29.83
C ASP A 13 25.90 16.59 29.38
N SER A 14 26.03 17.40 28.33
CA SER A 14 24.89 18.17 27.83
C SER A 14 23.91 17.32 26.99
N VAL A 15 24.35 16.12 26.62
CA VAL A 15 23.54 15.19 25.82
C VAL A 15 23.54 13.84 26.54
N THR A 16 22.43 13.11 26.46
CA THR A 16 22.31 11.81 27.11
C THR A 16 21.30 10.91 26.39
N GLU A 17 21.30 9.62 26.75
CA GLU A 17 20.39 8.64 26.16
C GLU A 17 19.67 7.85 27.25
N ILE A 18 18.40 7.57 27.03
CA ILE A 18 17.58 6.80 27.98
C ILE A 18 16.92 5.65 27.23
N GLU A 19 17.05 4.43 27.77
CA GLU A 19 16.46 3.24 27.17
C GLU A 19 15.41 2.68 28.11
N ALA A 20 14.36 2.07 27.55
CA ALA A 20 13.30 1.46 28.34
C ALA A 20 12.40 0.62 27.46
N PHE A 21 11.83 -0.44 28.04
CA PHE A 21 10.90 -1.29 27.33
C PHE A 21 9.60 -1.29 28.13
N LEU A 22 8.48 -1.22 27.42
CA LEU A 22 7.19 -1.22 28.05
C LEU A 22 6.46 -2.49 27.59
N ASN A 23 6.09 -3.32 28.56
CA ASN A 23 5.38 -4.55 28.25
C ASN A 23 3.91 -4.23 28.03
N PRO A 24 3.24 -4.99 27.14
CA PRO A 24 1.82 -4.73 26.87
C PRO A 24 0.91 -4.99 28.07
N ARG A 25 -0.24 -4.34 28.06
CA ARG A 25 -1.23 -4.50 29.12
C ARG A 25 -2.57 -4.88 28.46
N MET A 26 -2.65 -6.09 27.94
CA MET A 26 -3.82 -6.61 27.25
C MET A 26 -5.02 -7.04 28.11
N GLY A 27 -4.79 -7.27 29.40
CA GLY A 27 -5.87 -7.68 30.28
C GLY A 27 -5.41 -8.51 31.47
N GLN A 28 -4.64 -9.56 31.21
CA GLN A 28 -4.14 -10.40 32.28
C GLN A 28 -2.91 -9.71 32.91
N PRO A 29 -2.93 -9.50 34.23
CA PRO A 29 -1.82 -8.84 34.93
C PRO A 29 -0.57 -9.75 34.93
N PRO A 30 0.60 -9.19 35.30
CA PRO A 30 1.83 -9.98 35.33
C PRO A 30 1.79 -11.14 36.33
N THR A 31 0.96 -11.02 37.37
CA THR A 31 0.82 -12.07 38.38
C THR A 31 -0.64 -12.51 38.44
N PRO A 32 -0.93 -13.77 38.84
CA PRO A 32 0.02 -14.82 39.24
C PRO A 32 0.92 -15.28 38.10
N GLU A 33 2.15 -15.68 38.44
CA GLU A 33 3.12 -16.13 37.45
C GLU A 33 2.88 -17.57 37.00
N SER A 34 2.15 -18.33 37.82
CA SER A 34 1.86 -19.73 37.52
C SER A 34 1.21 -19.93 36.15
N LEU A 35 1.79 -20.84 35.37
CA LEU A 35 1.30 -21.14 34.03
C LEU A 35 0.04 -22.01 34.04
N THR A 36 -0.46 -22.32 35.24
CA THR A 36 -1.69 -23.10 35.38
C THR A 36 -2.74 -22.30 36.14
N GLU A 37 -2.36 -21.12 36.63
CA GLU A 37 -3.27 -20.28 37.41
C GLU A 37 -3.67 -18.94 36.76
N GLY A 38 -3.32 -18.76 35.49
CA GLY A 38 -3.67 -17.52 34.82
C GLY A 38 -2.48 -16.85 34.18
N GLY A 39 -1.29 -17.22 34.65
CA GLY A 39 -0.05 -16.65 34.14
C GLY A 39 0.14 -16.96 32.66
N GLN A 40 -0.41 -18.06 32.19
CA GLN A 40 -0.30 -18.45 30.79
C GLN A 40 -0.96 -17.44 29.84
N TYR A 41 -1.74 -16.51 30.39
CA TYR A 41 -2.40 -15.51 29.57
C TYR A 41 -1.66 -14.17 29.55
N TYR A 42 -0.52 -14.09 30.23
CA TYR A 42 0.26 -12.85 30.28
C TYR A 42 0.78 -12.53 28.87
N GLY A 43 0.43 -11.32 28.41
CA GLY A 43 0.79 -10.87 27.07
C GLY A 43 -0.47 -10.89 26.21
N TRP A 44 -1.54 -11.45 26.77
CA TRP A 44 -2.83 -11.58 26.11
C TRP A 44 -3.92 -11.08 27.05
N SER A 45 -5.14 -11.02 26.54
CA SER A 45 -6.28 -10.63 27.37
C SER A 45 -6.92 -11.97 27.74
N ARG A 46 -7.90 -11.92 28.65
CA ARG A 46 -8.62 -13.14 28.98
C ARG A 46 -9.73 -13.21 27.92
N GLY A 47 -10.48 -14.30 27.88
CA GLY A 47 -11.53 -14.46 26.90
C GLY A 47 -12.54 -13.32 26.83
N ILE A 48 -12.69 -12.73 25.65
CA ILE A 48 -13.62 -11.61 25.48
C ILE A 48 -15.07 -12.07 25.69
N ASN A 49 -15.77 -11.38 26.58
CA ASN A 49 -17.17 -11.69 26.89
C ASN A 49 -18.11 -10.66 26.25
N LEU A 50 -19.15 -11.16 25.59
CA LEU A 50 -20.11 -10.31 24.88
C LEU A 50 -21.31 -9.85 25.68
N ALA A 51 -21.91 -8.75 25.21
CA ALA A 51 -23.10 -8.19 25.83
C ALA A 51 -24.21 -9.24 25.74
N THR A 52 -25.15 -9.21 26.70
CA THR A 52 -26.26 -10.15 26.71
C THR A 52 -27.50 -9.58 26.03
N SER A 53 -27.50 -8.27 25.79
CA SER A 53 -28.61 -7.60 25.12
C SER A 53 -28.15 -6.20 24.73
N ASP A 54 -28.99 -5.48 24.00
CA ASP A 54 -28.67 -4.12 23.56
C ASP A 54 -28.46 -3.16 24.75
N THR A 55 -28.98 -3.52 25.93
CA THR A 55 -28.83 -2.67 27.11
C THR A 55 -27.97 -3.24 28.24
N GLU A 56 -27.40 -4.41 28.03
CA GLU A 56 -26.55 -5.05 29.04
C GLU A 56 -25.19 -5.42 28.46
N ASP A 57 -24.25 -4.49 28.58
CA ASP A 57 -22.89 -4.68 28.08
C ASP A 57 -21.91 -4.44 29.23
N SER A 58 -21.43 -5.55 29.82
CA SER A 58 -20.50 -5.50 30.95
C SER A 58 -19.21 -6.25 30.69
N PRO A 59 -18.23 -5.60 30.04
CA PRO A 59 -16.95 -6.26 29.75
C PRO A 59 -16.09 -6.46 31.00
N GLY A 60 -15.47 -7.65 31.11
CA GLY A 60 -14.60 -7.91 32.25
C GLY A 60 -13.35 -7.05 32.13
N ASN A 61 -12.83 -6.53 33.24
CA ASN A 61 -11.63 -5.70 33.22
C ASN A 61 -10.46 -6.38 32.53
N ASN A 62 -10.30 -7.67 32.76
CA ASN A 62 -9.21 -8.40 32.15
C ASN A 62 -9.41 -8.75 30.66
N THR A 63 -10.45 -8.19 30.04
CA THR A 63 -10.69 -8.42 28.62
C THR A 63 -10.44 -7.09 27.89
N LEU A 64 -10.03 -6.07 28.63
CA LEU A 64 -9.82 -4.76 28.05
C LEU A 64 -8.37 -4.28 28.01
N PRO A 65 -7.79 -4.16 26.80
CA PRO A 65 -6.41 -3.69 26.69
C PRO A 65 -6.35 -2.23 27.17
N THR A 66 -5.29 -1.90 27.90
CA THR A 66 -5.10 -0.56 28.44
C THR A 66 -3.76 0.00 27.99
N TRP A 67 -3.59 1.30 28.17
CA TRP A 67 -2.35 1.98 27.82
C TRP A 67 -1.19 1.58 28.72
N SER A 68 -0.01 1.43 28.12
CA SER A 68 1.20 1.14 28.86
C SER A 68 1.87 2.50 29.04
N MET A 69 2.46 2.76 30.21
CA MET A 69 3.14 4.04 30.44
C MET A 69 4.22 3.88 31.50
N ALA A 70 5.24 4.72 31.42
CA ALA A 70 6.34 4.70 32.37
C ALA A 70 6.87 6.13 32.49
N LYS A 71 7.27 6.49 33.71
CA LYS A 71 7.83 7.80 34.00
C LYS A 71 9.28 7.53 34.39
N LEU A 72 10.21 8.08 33.64
CA LEU A 72 11.63 7.86 33.88
C LEU A 72 12.32 9.13 34.36
N GLN A 73 13.22 8.98 35.32
CA GLN A 73 13.93 10.13 35.86
C GLN A 73 15.15 10.48 35.03
N LEU A 74 15.37 11.77 34.84
CA LEU A 74 16.50 12.27 34.08
C LEU A 74 17.49 12.93 35.05
N PRO A 75 18.78 12.96 34.69
CA PRO A 75 19.80 13.56 35.57
C PRO A 75 19.49 15.03 35.90
N MET A 76 19.81 15.45 37.12
CA MET A 76 19.55 16.82 37.57
C MET A 76 20.22 17.92 36.75
N LEU A 77 19.70 19.14 36.87
CA LEU A 77 20.22 20.26 36.12
C LEU A 77 20.47 21.56 36.90
N ASN A 78 19.41 22.13 37.45
CA ASN A 78 19.50 23.40 38.16
C ASN A 78 19.67 23.37 39.68
N GLU A 79 20.60 24.20 40.14
CA GLU A 79 20.90 24.35 41.56
C GLU A 79 20.11 25.58 42.00
N ASP A 80 20.42 26.71 41.36
CA ASP A 80 19.76 27.99 41.61
C ASP A 80 18.50 28.05 40.73
N LEU A 81 17.35 27.79 41.34
CA LEU A 81 16.06 27.79 40.63
C LEU A 81 15.51 29.18 40.30
N THR A 82 15.93 30.19 41.06
CA THR A 82 15.46 31.56 40.86
C THR A 82 16.29 32.40 39.88
N CYS A 83 17.09 31.75 39.05
CA CYS A 83 17.91 32.44 38.06
C CYS A 83 17.01 32.80 36.87
N ASP A 84 17.28 33.93 36.23
CA ASP A 84 16.49 34.37 35.09
C ASP A 84 16.45 33.34 33.95
N THR A 85 17.56 32.64 33.75
CA THR A 85 17.66 31.62 32.71
C THR A 85 18.06 30.28 33.32
N LEU A 86 17.37 29.23 32.90
CA LEU A 86 17.60 27.88 33.40
C LEU A 86 17.82 26.88 32.27
N GLN A 87 18.17 25.66 32.66
CA GLN A 87 18.39 24.57 31.72
C GLN A 87 17.21 23.61 31.84
N MET A 88 16.92 22.91 30.75
CA MET A 88 15.83 21.95 30.71
C MET A 88 16.19 20.82 29.76
N TRP A 89 15.71 19.62 30.05
CA TRP A 89 15.98 18.49 29.17
C TRP A 89 15.04 18.57 27.97
N GLU A 90 15.57 18.32 26.79
CA GLU A 90 14.79 18.38 25.58
C GLU A 90 14.94 17.07 24.81
N ALA A 91 13.81 16.44 24.49
CA ALA A 91 13.81 15.18 23.73
C ALA A 91 14.01 15.51 22.26
N VAL A 92 15.10 15.03 21.69
CA VAL A 92 15.43 15.29 20.29
C VAL A 92 14.83 14.27 19.33
N SER A 93 15.00 12.99 19.65
CA SER A 93 14.51 11.91 18.80
C SER A 93 14.40 10.62 19.59
N VAL A 94 13.81 9.61 18.98
CA VAL A 94 13.66 8.32 19.63
C VAL A 94 13.71 7.18 18.63
N LYS A 95 14.39 6.11 19.01
CA LYS A 95 14.44 4.90 18.19
C LYS A 95 13.46 4.00 18.94
N THR A 96 12.34 3.65 18.31
CA THR A 96 11.36 2.79 18.96
C THR A 96 11.10 1.56 18.09
N GLU A 97 10.78 0.44 18.71
CA GLU A 97 10.57 -0.80 17.97
C GLU A 97 9.64 -1.76 18.72
N VAL A 98 8.74 -2.40 17.99
CA VAL A 98 7.83 -3.38 18.59
C VAL A 98 8.52 -4.72 18.41
N VAL A 99 8.79 -5.37 19.53
CA VAL A 99 9.53 -6.64 19.53
C VAL A 99 8.68 -7.90 19.65
N GLY A 100 9.05 -8.93 18.88
CA GLY A 100 8.35 -10.20 18.97
C GLY A 100 7.39 -10.66 17.90
N SER A 101 7.28 -9.95 16.77
CA SER A 101 6.34 -10.39 15.73
C SER A 101 6.64 -11.80 15.23
N GLY A 102 7.90 -12.21 15.27
CA GLY A 102 8.26 -13.55 14.85
C GLY A 102 7.57 -14.65 15.65
N SER A 103 7.16 -14.33 16.87
CA SER A 103 6.49 -15.32 17.73
C SER A 103 5.10 -15.67 17.17
N LEU A 104 4.56 -14.79 16.34
CA LEU A 104 3.25 -15.03 15.71
C LEU A 104 3.37 -16.13 14.64
N LEU A 105 4.59 -16.55 14.34
CA LEU A 105 4.82 -17.63 13.37
C LEU A 105 4.53 -19.01 13.98
N ASP A 106 4.20 -19.03 15.27
CA ASP A 106 3.83 -20.28 15.96
C ASP A 106 2.40 -20.62 15.53
N VAL A 107 2.26 -21.60 14.64
CA VAL A 107 0.96 -22.05 14.15
C VAL A 107 0.79 -23.54 14.47
N HIS A 108 1.46 -23.98 15.52
CA HIS A 108 1.41 -25.39 15.93
C HIS A 108 0.69 -25.57 17.26
N GLY A 109 0.03 -24.53 17.75
CA GLY A 109 -0.70 -24.61 19.00
C GLY A 109 -2.07 -25.27 18.92
N PHE A 110 -2.94 -24.94 19.87
CA PHE A 110 -4.28 -25.52 19.94
C PHE A 110 -5.39 -24.50 19.66
N ASN A 111 -5.10 -23.50 18.83
CA ASN A 111 -6.10 -22.49 18.47
C ASN A 111 -7.10 -23.16 17.52
N LYS A 112 -8.12 -22.40 17.14
CA LYS A 112 -9.12 -22.86 16.17
C LYS A 112 -8.31 -23.26 14.93
N PRO A 113 -8.51 -24.49 14.42
CA PRO A 113 -7.77 -24.94 13.24
C PRO A 113 -8.25 -24.31 11.94
N THR A 114 -7.37 -24.27 10.94
CA THR A 114 -7.74 -23.71 9.64
C THR A 114 -8.80 -24.54 8.91
N ASP A 115 -8.82 -25.85 9.15
CA ASP A 115 -9.83 -26.74 8.55
C ASP A 115 -10.75 -27.16 9.70
N THR A 116 -11.88 -26.47 9.84
CA THR A 116 -12.83 -26.78 10.90
C THR A 116 -13.77 -27.95 10.60
N VAL A 117 -13.86 -28.33 9.33
CA VAL A 117 -14.71 -29.45 8.93
C VAL A 117 -14.17 -30.78 9.46
N ASN A 118 -12.84 -30.91 9.44
CA ASN A 118 -12.20 -32.14 9.90
C ASN A 118 -11.28 -31.92 11.10
N THR A 119 -11.15 -30.67 11.54
CA THR A 119 -10.29 -30.29 12.66
C THR A 119 -8.81 -30.63 12.33
N LYS A 120 -8.34 -30.02 11.25
CA LYS A 120 -6.98 -30.24 10.75
C LYS A 120 -6.37 -28.92 10.26
N GLY A 121 -5.21 -29.03 9.61
CA GLY A 121 -4.52 -27.86 9.07
C GLY A 121 -3.48 -27.35 10.04
N ILE A 122 -3.54 -26.05 10.32
CA ILE A 122 -2.63 -25.45 11.30
C ILE A 122 -3.45 -24.69 12.33
N SER A 123 -2.79 -24.30 13.42
CA SER A 123 -3.43 -23.53 14.48
C SER A 123 -3.51 -22.10 13.91
N THR A 124 -4.72 -21.56 13.77
CA THR A 124 -4.90 -20.23 13.20
C THR A 124 -4.09 -19.17 13.93
N PRO A 125 -3.22 -18.45 13.19
CA PRO A 125 -2.40 -17.41 13.82
C PRO A 125 -3.21 -16.15 14.15
N VAL A 126 -2.61 -15.29 14.97
CA VAL A 126 -3.22 -14.02 15.38
C VAL A 126 -3.58 -13.16 14.15
N GLU A 127 -4.81 -12.67 14.11
CA GLU A 127 -5.30 -11.84 13.00
C GLU A 127 -6.35 -10.87 13.56
N GLY A 128 -6.75 -9.90 12.74
CA GLY A 128 -7.78 -8.97 13.16
C GLY A 128 -7.35 -7.53 13.34
N SER A 129 -8.09 -6.84 14.21
CA SER A 129 -7.83 -5.43 14.50
C SER A 129 -6.48 -5.22 15.16
N GLN A 130 -5.78 -4.20 14.66
CA GLN A 130 -4.46 -3.83 15.12
C GLN A 130 -4.46 -2.38 15.50
N TYR A 131 -3.67 -2.03 16.51
CA TYR A 131 -3.63 -0.66 17.00
C TYR A 131 -2.24 -0.42 17.57
N HIS A 132 -1.54 0.55 17.01
CA HIS A 132 -0.19 0.88 17.46
C HIS A 132 -0.05 2.37 17.70
N VAL A 133 0.26 2.75 18.94
CA VAL A 133 0.46 4.15 19.28
C VAL A 133 1.61 4.27 20.27
N PHE A 134 2.45 5.27 20.09
CA PHE A 134 3.55 5.52 21.03
C PHE A 134 3.68 7.03 21.19
N ALA A 135 4.15 7.46 22.36
CA ALA A 135 4.32 8.87 22.65
C ALA A 135 5.49 9.09 23.59
N VAL A 136 6.09 10.26 23.48
CA VAL A 136 7.22 10.66 24.32
C VAL A 136 6.92 12.11 24.71
N GLY A 137 6.96 12.41 26.00
CA GLY A 137 6.67 13.77 26.42
C GLY A 137 7.21 14.15 27.79
N GLY A 138 7.12 15.44 28.09
CA GLY A 138 7.57 15.97 29.36
C GLY A 138 6.48 16.02 30.41
N GLU A 139 5.26 15.65 30.00
CA GLU A 139 4.10 15.61 30.89
C GLU A 139 3.35 14.31 30.53
N PRO A 140 2.39 13.88 31.38
CA PRO A 140 1.67 12.65 31.03
C PRO A 140 0.87 12.91 29.76
N LEU A 141 0.63 11.88 28.97
CA LEU A 141 -0.14 12.04 27.75
C LEU A 141 -1.56 12.52 28.08
N ASP A 142 -1.99 13.59 27.42
CA ASP A 142 -3.34 14.12 27.62
C ASP A 142 -4.31 13.23 26.84
N LEU A 143 -5.35 12.78 27.51
CA LEU A 143 -6.35 11.89 26.92
C LEU A 143 -7.71 12.53 26.72
N GLN A 144 -8.39 12.14 25.64
CA GLN A 144 -9.73 12.60 25.33
C GLN A 144 -10.57 11.33 25.26
N GLY A 145 -11.66 11.29 26.02
CA GLY A 145 -12.49 10.09 26.01
C GLY A 145 -13.49 10.10 24.88
N LEU A 146 -13.73 8.93 24.30
CA LEU A 146 -14.70 8.75 23.21
C LEU A 146 -14.97 7.24 23.16
N VAL A 147 -16.25 6.87 23.27
CA VAL A 147 -16.61 5.46 23.26
C VAL A 147 -17.60 5.08 22.17
N THR A 148 -17.70 3.77 21.93
CA THR A 148 -18.63 3.22 20.96
C THR A 148 -20.06 3.33 21.51
N ASP A 149 -20.20 3.05 22.81
CA ASP A 149 -21.51 3.08 23.45
C ASP A 149 -21.45 3.65 24.87
N ALA A 150 -22.10 4.79 25.06
CA ALA A 150 -22.14 5.47 26.35
C ALA A 150 -22.88 4.65 27.41
N ARG A 151 -23.59 3.61 26.96
CA ARG A 151 -24.35 2.74 27.86
C ARG A 151 -23.51 1.59 28.42
N THR A 152 -22.31 1.40 27.89
CA THR A 152 -21.45 0.31 28.35
C THR A 152 -21.22 0.42 29.86
N LYS A 153 -21.35 -0.72 30.54
CA LYS A 153 -21.19 -0.78 31.98
C LYS A 153 -19.80 -1.27 32.37
N TYR A 154 -18.86 -0.33 32.43
CA TYR A 154 -17.48 -0.68 32.81
C TYR A 154 -17.43 -0.86 34.33
N LYS A 155 -16.52 -1.71 34.81
CA LYS A 155 -16.38 -1.93 36.25
C LYS A 155 -15.91 -0.59 36.84
N GLU A 156 -16.39 -0.28 38.04
CA GLU A 156 -16.01 0.96 38.71
C GLU A 156 -14.62 0.91 39.31
N GLU A 157 -14.16 -0.30 39.61
CA GLU A 157 -12.84 -0.48 40.18
C GLU A 157 -11.96 -1.33 39.29
N GLY A 158 -10.67 -0.99 39.23
CA GLY A 158 -9.76 -1.76 38.40
C GLY A 158 -9.38 -1.08 37.10
N VAL A 159 -10.19 -0.12 36.66
CA VAL A 159 -9.93 0.61 35.42
C VAL A 159 -10.36 2.05 35.61
N VAL A 160 -9.77 2.95 34.83
CA VAL A 160 -10.13 4.35 34.88
C VAL A 160 -10.94 4.64 33.62
N THR A 161 -12.20 4.99 33.81
CA THR A 161 -13.11 5.28 32.71
C THR A 161 -13.66 6.70 32.86
N ILE A 162 -14.52 7.11 31.93
CA ILE A 162 -15.09 8.46 31.97
C ILE A 162 -15.83 8.74 33.28
N LYS A 163 -16.58 7.76 33.78
CA LYS A 163 -17.30 7.94 35.04
C LYS A 163 -16.32 8.20 36.19
N THR A 164 -15.19 7.52 36.17
CA THR A 164 -14.17 7.69 37.20
C THR A 164 -13.75 9.17 37.30
N ILE A 165 -13.65 9.82 36.15
CA ILE A 165 -13.25 11.22 36.07
C ILE A 165 -14.37 12.21 36.38
N THR A 166 -15.52 12.03 35.75
CA THR A 166 -16.65 12.93 35.92
C THR A 166 -17.54 12.68 37.14
N LYS A 167 -17.40 11.50 37.75
CA LYS A 167 -18.21 11.10 38.90
C LYS A 167 -19.69 10.93 38.52
N LYS A 168 -19.95 10.85 37.22
CA LYS A 168 -21.31 10.69 36.71
C LYS A 168 -21.31 9.70 35.56
N ASP A 169 -22.49 9.23 35.19
CA ASP A 169 -22.62 8.28 34.08
C ASP A 169 -22.33 8.97 32.75
N MET A 170 -21.86 8.20 31.78
CA MET A 170 -21.58 8.74 30.46
C MET A 170 -22.84 9.29 29.82
N VAL A 171 -22.66 10.29 28.97
CA VAL A 171 -23.78 10.91 28.26
C VAL A 171 -23.67 10.55 26.77
N ASN A 172 -24.70 10.84 25.99
CA ASN A 172 -24.65 10.52 24.57
C ASN A 172 -23.52 11.23 23.82
N LYS A 173 -23.11 12.39 24.31
CA LYS A 173 -22.03 13.17 23.70
C LYS A 173 -20.71 12.43 23.77
N ASP A 174 -20.60 11.47 24.70
CA ASP A 174 -19.36 10.71 24.86
C ASP A 174 -19.07 9.75 23.70
N GLN A 175 -20.05 9.58 22.81
CA GLN A 175 -19.89 8.73 21.64
C GLN A 175 -19.30 9.56 20.50
N VAL A 176 -19.20 10.87 20.73
CA VAL A 176 -18.57 11.79 19.77
C VAL A 176 -17.56 12.58 20.63
N LEU A 177 -17.22 13.80 20.27
CA LEU A 177 -16.26 14.54 21.09
C LEU A 177 -16.93 15.41 22.15
N ASN A 178 -16.73 15.04 23.41
CA ASN A 178 -17.27 15.78 24.55
C ASN A 178 -16.06 16.31 25.32
N PRO A 179 -15.82 17.64 25.27
CA PRO A 179 -14.69 18.31 25.94
C PRO A 179 -14.59 18.03 27.44
N ILE A 180 -15.71 17.73 28.09
CA ILE A 180 -15.71 17.44 29.51
C ILE A 180 -14.96 16.15 29.85
N SER A 181 -15.02 15.17 28.94
CA SER A 181 -14.39 13.88 29.17
C SER A 181 -12.89 13.83 28.85
N LYS A 182 -12.08 14.37 29.75
CA LYS A 182 -10.63 14.40 29.57
C LYS A 182 -9.92 13.81 30.79
N ALA A 183 -8.70 13.32 30.56
CA ALA A 183 -7.89 12.73 31.62
C ALA A 183 -6.42 12.76 31.23
N LYS A 184 -5.56 12.22 32.09
CA LYS A 184 -4.13 12.17 31.81
C LYS A 184 -3.62 10.76 32.08
N LEU A 185 -2.75 10.27 31.21
CA LEU A 185 -2.20 8.92 31.35
C LEU A 185 -1.11 8.93 32.42
N ASP A 186 -1.55 8.80 33.67
CA ASP A 186 -0.64 8.80 34.82
C ASP A 186 -0.43 7.45 35.50
N LYS A 187 -1.05 6.40 34.94
CA LYS A 187 -0.94 5.05 35.49
C LYS A 187 -0.85 4.00 34.39
N ASP A 188 -0.01 3.00 34.61
CA ASP A 188 0.19 1.90 33.68
C ASP A 188 -0.94 0.88 33.83
N GLY A 189 -1.40 0.32 32.72
CA GLY A 189 -2.44 -0.71 32.72
C GLY A 189 -3.77 -0.38 33.38
N MET A 190 -4.22 0.86 33.28
CA MET A 190 -5.48 1.28 33.90
C MET A 190 -6.47 1.99 32.97
N TYR A 191 -5.97 2.64 31.93
CA TYR A 191 -6.81 3.38 30.99
C TYR A 191 -7.07 2.57 29.71
N PRO A 192 -8.32 2.09 29.53
CA PRO A 192 -8.67 1.29 28.34
C PRO A 192 -8.51 2.05 27.04
N VAL A 193 -7.88 1.43 26.06
CA VAL A 193 -7.66 2.08 24.76
C VAL A 193 -8.94 2.27 23.93
N GLU A 194 -10.02 1.57 24.29
CA GLU A 194 -11.27 1.76 23.57
C GLU A 194 -12.04 2.97 24.09
N ILE A 195 -11.47 3.63 25.11
CA ILE A 195 -12.10 4.81 25.73
C ILE A 195 -11.24 6.07 25.60
N TRP A 196 -9.95 5.94 25.94
CA TRP A 196 -9.01 7.06 25.97
C TRP A 196 -8.09 7.18 24.77
N HIS A 197 -8.16 8.33 24.12
CA HIS A 197 -7.38 8.62 22.93
C HIS A 197 -6.50 9.85 23.12
N PRO A 198 -5.40 9.95 22.36
CA PRO A 198 -4.55 11.14 22.53
C PRO A 198 -5.37 12.40 22.21
N ASP A 199 -5.29 13.40 23.08
CA ASP A 199 -6.02 14.65 22.92
C ASP A 199 -5.24 15.64 22.04
N PRO A 200 -5.72 15.91 20.83
CA PRO A 200 -5.03 16.85 19.93
C PRO A 200 -5.11 18.32 20.36
N ALA A 201 -6.05 18.63 21.25
CA ALA A 201 -6.22 20.00 21.73
C ALA A 201 -5.18 20.37 22.80
N LYS A 202 -4.50 19.36 23.33
CA LYS A 202 -3.50 19.60 24.36
C LYS A 202 -2.18 18.97 23.89
N ASN A 203 -1.48 18.26 24.78
CA ASN A 203 -0.22 17.61 24.42
C ASN A 203 0.81 18.53 23.74
N GLU A 204 0.97 19.72 24.31
CA GLU A 204 1.91 20.69 23.77
C GLU A 204 3.36 20.24 23.97
N ASN A 205 3.58 19.43 24.97
CA ASN A 205 4.92 18.95 25.27
C ASN A 205 5.07 17.44 25.08
N THR A 206 4.28 16.88 24.17
CA THR A 206 4.34 15.45 23.87
C THR A 206 4.15 15.23 22.37
N ARG A 207 4.85 14.26 21.82
CA ARG A 207 4.69 13.92 20.42
C ARG A 207 4.13 12.49 20.42
N TYR A 208 3.00 12.28 19.76
CA TYR A 208 2.39 10.95 19.67
C TYR A 208 2.15 10.56 18.23
N PHE A 209 2.21 9.26 17.95
CA PHE A 209 2.03 8.72 16.61
C PHE A 209 1.19 7.45 16.72
N GLY A 210 0.05 7.43 16.05
CA GLY A 210 -0.80 6.26 16.12
C GLY A 210 -1.39 5.82 14.80
N ASN A 211 -1.75 4.56 14.72
CA ASN A 211 -2.38 4.01 13.54
C ASN A 211 -3.27 2.84 13.91
N TYR A 212 -4.35 2.69 13.15
CA TYR A 212 -5.34 1.67 13.39
C TYR A 212 -5.75 0.96 12.11
N THR A 213 -5.95 -0.35 12.21
CA THR A 213 -6.41 -1.19 11.10
C THR A 213 -7.43 -2.12 11.75
N GLY A 214 -8.68 -2.06 11.29
CA GLY A 214 -9.72 -2.89 11.87
C GLY A 214 -9.93 -4.21 11.16
N GLY A 215 -11.16 -4.71 11.25
CA GLY A 215 -11.50 -5.97 10.62
C GLY A 215 -11.45 -7.13 11.60
N THR A 216 -11.93 -8.29 11.16
CA THR A 216 -11.95 -9.47 12.02
C THR A 216 -10.84 -10.46 11.74
N THR A 217 -10.43 -10.60 10.47
CA THR A 217 -9.37 -11.54 10.14
C THR A 217 -8.24 -10.88 9.34
N THR A 218 -8.13 -9.56 9.44
CA THR A 218 -7.12 -8.80 8.74
C THR A 218 -5.70 -9.26 9.11
N PRO A 219 -4.84 -9.51 8.11
CA PRO A 219 -3.47 -9.95 8.38
C PRO A 219 -2.68 -8.89 9.15
N PRO A 220 -1.94 -9.29 10.20
CA PRO A 220 -1.16 -8.32 10.97
C PRO A 220 0.08 -7.98 10.13
N VAL A 221 0.52 -6.73 10.20
CA VAL A 221 1.70 -6.29 9.47
C VAL A 221 2.57 -5.49 10.44
N LEU A 222 3.88 -5.71 10.38
CA LEU A 222 4.80 -4.99 11.26
C LEU A 222 6.20 -4.95 10.67
N GLN A 223 6.88 -3.83 10.87
CA GLN A 223 8.26 -3.66 10.42
C GLN A 223 9.07 -3.40 11.70
N PHE A 224 10.34 -3.79 11.69
CA PHE A 224 11.22 -3.57 12.84
C PHE A 224 12.67 -3.47 12.36
N THR A 225 13.38 -2.45 12.85
CA THR A 225 14.76 -2.23 12.45
C THR A 225 15.42 -1.31 13.46
N ASN A 226 16.73 -1.44 13.65
CA ASN A 226 17.42 -0.58 14.58
C ASN A 226 18.04 0.61 13.84
N THR A 227 17.61 0.84 12.62
CA THR A 227 18.14 1.93 11.81
C THR A 227 17.16 3.08 11.61
N LEU A 228 15.97 2.98 12.20
CA LEU A 228 14.96 4.03 12.03
C LEU A 228 14.86 4.98 13.22
N THR A 229 15.08 6.27 12.97
CA THR A 229 15.02 7.31 14.01
C THR A 229 13.78 8.19 13.83
N THR A 230 13.03 8.37 14.92
CA THR A 230 11.85 9.23 14.88
C THR A 230 12.20 10.59 15.47
N VAL A 231 12.11 11.62 14.65
CA VAL A 231 12.43 12.98 15.08
C VAL A 231 11.30 13.51 15.97
N LEU A 232 11.67 14.11 17.11
CA LEU A 232 10.68 14.65 18.04
C LEU A 232 10.65 16.19 18.06
N LEU A 233 11.49 16.81 17.23
CA LEU A 233 11.55 18.26 17.13
C LEU A 233 10.35 18.80 16.34
N ASP A 234 9.75 19.90 16.81
CA ASP A 234 8.61 20.48 16.11
C ASP A 234 9.07 21.33 14.92
N GLU A 235 8.12 22.00 14.27
CA GLU A 235 8.43 22.84 13.12
C GLU A 235 9.48 23.93 13.43
N ASN A 236 9.60 24.29 14.71
CA ASN A 236 10.57 25.31 15.12
C ASN A 236 11.89 24.73 15.62
N GLY A 237 12.09 23.42 15.42
CA GLY A 237 13.31 22.77 15.85
C GLY A 237 13.41 22.50 17.34
N VAL A 238 12.29 22.54 18.05
CA VAL A 238 12.31 22.30 19.49
C VAL A 238 11.54 21.03 19.83
N GLY A 239 12.15 20.16 20.63
CA GLY A 239 11.49 18.93 21.00
C GLY A 239 10.76 19.08 22.30
N PRO A 240 10.14 18.01 22.81
CA PRO A 240 9.41 18.05 24.08
C PRO A 240 10.35 18.45 25.22
N LEU A 241 9.92 19.37 26.07
CA LEU A 241 10.76 19.81 27.18
C LEU A 241 10.26 19.23 28.51
N CYS A 242 11.17 18.69 29.30
CA CYS A 242 10.80 18.14 30.59
C CYS A 242 10.76 19.25 31.63
N LYS A 243 9.55 19.64 32.01
CA LYS A 243 9.37 20.69 33.01
C LYS A 243 9.57 20.16 34.44
N GLY A 244 9.21 18.90 34.65
CA GLY A 244 9.35 18.30 35.97
C GLY A 244 10.49 17.31 36.18
N GLU A 245 11.45 17.28 35.25
CA GLU A 245 12.60 16.37 35.35
C GLU A 245 12.27 14.86 35.24
N GLY A 246 11.07 14.56 34.76
CA GLY A 246 10.63 13.18 34.59
C GLY A 246 10.05 13.02 33.18
N LEU A 247 10.60 12.07 32.42
CA LEU A 247 10.20 11.78 31.05
C LEU A 247 9.08 10.75 30.98
N TYR A 248 8.06 11.00 30.16
CA TYR A 248 6.92 10.09 30.02
C TYR A 248 6.88 9.31 28.71
N LEU A 249 6.77 7.99 28.83
CA LEU A 249 6.67 7.10 27.66
C LEU A 249 5.30 6.44 27.73
N SER A 250 4.58 6.43 26.61
CA SER A 250 3.26 5.84 26.55
C SER A 250 3.12 5.02 25.26
N CYS A 251 2.39 3.91 25.31
CA CYS A 251 2.19 3.08 24.13
C CYS A 251 1.16 1.96 24.28
N VAL A 252 0.78 1.42 23.13
CA VAL A 252 -0.15 0.29 23.06
C VAL A 252 0.13 -0.33 21.70
N ASP A 253 0.33 -1.65 21.69
CA ASP A 253 0.60 -2.38 20.46
C ASP A 253 -0.18 -3.68 20.38
N ILE A 254 -1.38 -3.58 19.82
CA ILE A 254 -2.29 -4.71 19.64
C ILE A 254 -2.07 -5.32 18.26
N MET A 255 -1.80 -6.63 18.24
CA MET A 255 -1.54 -7.36 17.01
C MET A 255 -2.78 -8.05 16.42
N GLY A 256 -3.83 -8.17 17.22
CA GLY A 256 -5.04 -8.84 16.78
C GLY A 256 -5.50 -9.79 17.87
N TRP A 257 -6.17 -10.88 17.48
CA TRP A 257 -6.67 -11.89 18.45
C TRP A 257 -6.31 -13.28 18.00
N ARG A 258 -6.26 -14.20 18.96
CA ARG A 258 -6.08 -15.62 18.64
C ARG A 258 -7.48 -16.13 19.00
N VAL A 259 -7.92 -17.20 18.37
CA VAL A 259 -9.25 -17.76 18.58
C VAL A 259 -9.15 -19.22 19.06
N THR A 260 -9.87 -19.55 20.13
CA THR A 260 -9.82 -20.91 20.68
C THR A 260 -10.76 -21.87 19.98
N ARG A 261 -10.66 -23.14 20.34
CA ARG A 261 -11.53 -24.19 19.79
C ARG A 261 -12.86 -24.28 20.53
N ASN A 262 -13.06 -23.43 21.53
CA ASN A 262 -14.29 -23.43 22.32
C ASN A 262 -15.12 -22.18 22.05
N TYR A 263 -16.18 -22.33 21.27
CA TYR A 263 -17.07 -21.22 20.94
C TYR A 263 -16.37 -19.98 20.39
N ASP A 264 -15.32 -20.17 19.59
CA ASP A 264 -14.60 -19.04 18.99
C ASP A 264 -14.22 -17.92 19.97
N VAL A 265 -13.83 -18.27 21.20
CA VAL A 265 -13.43 -17.26 22.17
C VAL A 265 -12.16 -16.55 21.71
N HIS A 266 -12.20 -15.21 21.67
CA HIS A 266 -11.07 -14.39 21.23
C HIS A 266 -10.24 -13.86 22.39
N HIS A 267 -8.92 -13.83 22.20
CA HIS A 267 -7.97 -13.30 23.19
C HIS A 267 -7.08 -12.28 22.46
N TRP A 268 -7.07 -11.03 22.95
CA TRP A 268 -6.22 -10.00 22.38
C TRP A 268 -4.75 -10.37 22.57
N ARG A 269 -3.89 -9.97 21.62
CA ARG A 269 -2.46 -10.20 21.71
C ARG A 269 -1.73 -8.87 21.58
N GLY A 270 -0.83 -8.60 22.53
CA GLY A 270 -0.06 -7.38 22.50
C GLY A 270 1.42 -7.73 22.52
N LEU A 271 2.26 -6.82 22.05
CA LEU A 271 3.70 -7.04 22.03
C LEU A 271 4.41 -5.86 22.71
N PRO A 272 5.58 -6.10 23.32
CA PRO A 272 6.31 -5.03 24.00
C PRO A 272 6.96 -4.02 23.03
N ARG A 273 7.16 -2.80 23.51
CA ARG A 273 7.78 -1.76 22.71
C ARG A 273 9.04 -1.21 23.38
N TYR A 274 10.10 -1.11 22.60
CA TYR A 274 11.38 -0.60 23.08
C TYR A 274 11.53 0.88 22.70
N PHE A 275 12.15 1.66 23.58
CA PHE A 275 12.37 3.09 23.35
C PHE A 275 13.82 3.43 23.68
N LYS A 276 14.45 4.23 22.83
CA LYS A 276 15.80 4.74 23.09
C LYS A 276 15.72 6.22 22.70
N ILE A 277 15.62 7.07 23.72
CA ILE A 277 15.49 8.50 23.51
C ILE A 277 16.79 9.27 23.68
N THR A 278 17.07 10.17 22.74
CA THR A 278 18.24 11.03 22.79
C THR A 278 17.74 12.38 23.31
N LEU A 279 18.36 12.88 24.38
CA LEU A 279 17.97 14.16 24.97
C LEU A 279 19.16 15.10 25.04
N ARG A 280 18.88 16.40 25.05
CA ARG A 280 19.93 17.41 25.14
C ARG A 280 19.45 18.54 26.04
N LYS A 281 20.37 19.26 26.66
CA LYS A 281 20.03 20.38 27.53
C LYS A 281 19.75 21.64 26.72
N ARG A 282 18.70 22.35 27.12
CA ARG A 282 18.27 23.57 26.46
C ARG A 282 18.18 24.74 27.44
N TRP A 283 18.63 25.91 27.01
CA TRP A 283 18.55 27.11 27.84
C TRP A 283 17.14 27.67 27.64
N VAL A 284 16.45 27.93 28.75
CA VAL A 284 15.09 28.48 28.70
C VAL A 284 15.02 29.65 29.68
N LYS A 285 14.38 30.73 29.25
CA LYS A 285 14.25 31.94 30.07
C LYS A 285 13.56 31.68 31.41
N GLY B 1 39.37 0.14 25.05
CA GLY B 1 37.93 0.22 24.92
C GLY B 1 37.41 1.53 24.35
N GLY B 2 38.29 2.54 24.29
CA GLY B 2 37.91 3.84 23.75
C GLY B 2 37.76 3.80 22.24
N MET B 3 36.58 3.41 21.77
CA MET B 3 36.29 3.30 20.34
C MET B 3 36.14 4.65 19.64
N GLU B 4 37.27 5.32 19.40
CA GLU B 4 37.25 6.61 18.73
C GLU B 4 37.47 6.40 17.22
N VAL B 5 36.47 6.78 16.42
CA VAL B 5 36.52 6.63 14.98
C VAL B 5 37.20 7.84 14.32
N LEU B 6 38.18 7.58 13.47
CA LEU B 6 38.92 8.67 12.80
C LEU B 6 38.64 8.71 11.29
N ASP B 7 39.67 9.04 10.50
CA ASP B 7 39.56 9.15 9.04
C ASP B 7 39.44 7.81 8.33
N LEU B 8 39.08 7.89 7.05
CA LEU B 8 38.98 6.71 6.19
C LEU B 8 40.38 6.46 5.64
N VAL B 9 40.81 5.20 5.64
CA VAL B 9 42.12 4.82 5.13
C VAL B 9 42.08 4.94 3.60
N THR B 10 43.10 5.53 3.01
CA THR B 10 43.15 5.67 1.55
C THR B 10 44.30 4.81 1.06
N GLY B 11 44.39 4.62 -0.24
CA GLY B 11 45.47 3.83 -0.80
C GLY B 11 45.04 2.47 -1.34
N PRO B 12 46.00 1.70 -1.86
CA PRO B 12 45.75 0.37 -2.42
C PRO B 12 45.09 -0.58 -1.43
N ASP B 13 44.01 -1.23 -1.87
CA ASP B 13 43.28 -2.22 -1.08
C ASP B 13 42.56 -1.69 0.16
N SER B 14 42.21 -0.41 0.16
CA SER B 14 41.53 0.19 1.30
C SER B 14 40.02 -0.10 1.29
N VAL B 15 39.52 -0.57 0.15
CA VAL B 15 38.10 -0.89 -0.03
C VAL B 15 38.02 -2.31 -0.57
N THR B 16 37.00 -3.07 -0.14
CA THR B 16 36.83 -4.45 -0.60
C THR B 16 35.34 -4.83 -0.68
N GLU B 17 35.05 -5.95 -1.33
CA GLU B 17 33.69 -6.45 -1.50
C GLU B 17 33.60 -7.94 -1.15
N ILE B 18 32.62 -8.29 -0.31
CA ILE B 18 32.38 -9.66 0.10
C ILE B 18 31.02 -10.10 -0.42
N GLU B 19 30.96 -11.32 -0.92
CA GLU B 19 29.73 -11.87 -1.42
C GLU B 19 29.45 -13.21 -0.78
N ALA B 20 28.16 -13.49 -0.61
CA ALA B 20 27.75 -14.75 -0.03
C ALA B 20 26.27 -14.95 -0.18
N PHE B 21 25.85 -16.20 -0.13
CA PHE B 21 24.44 -16.51 -0.21
C PHE B 21 24.15 -17.41 0.98
N LEU B 22 23.01 -17.21 1.62
CA LEU B 22 22.65 -18.03 2.76
C LEU B 22 21.38 -18.77 2.39
N ASN B 23 21.45 -20.10 2.44
CA ASN B 23 20.29 -20.92 2.13
C ASN B 23 19.33 -20.94 3.32
N PRO B 24 18.02 -21.06 3.05
CA PRO B 24 17.04 -21.09 4.14
C PRO B 24 17.15 -22.33 5.02
N ARG B 25 16.72 -22.19 6.28
CA ARG B 25 16.72 -23.30 7.24
C ARG B 25 15.30 -23.46 7.77
N MET B 26 14.43 -24.05 6.94
CA MET B 26 13.02 -24.21 7.29
C MET B 26 12.65 -25.42 8.14
N GLY B 27 13.56 -26.38 8.28
CA GLY B 27 13.26 -27.55 9.09
C GLY B 27 13.99 -28.79 8.60
N GLN B 28 13.85 -29.09 7.31
CA GLN B 28 14.54 -30.25 6.76
C GLN B 28 16.00 -29.87 6.48
N PRO B 29 16.96 -30.61 7.09
CA PRO B 29 18.39 -30.30 6.87
C PRO B 29 18.78 -30.61 5.42
N PRO B 30 19.97 -30.14 4.99
CA PRO B 30 20.45 -30.36 3.62
C PRO B 30 20.59 -31.84 3.27
N THR B 31 20.84 -32.68 4.26
CA THR B 31 20.98 -34.13 4.03
C THR B 31 19.95 -34.86 4.91
N PRO B 32 19.52 -36.08 4.52
CA PRO B 32 19.92 -36.84 3.34
C PRO B 32 19.57 -36.13 2.03
N GLU B 33 20.42 -36.30 1.03
CA GLU B 33 20.23 -35.66 -0.26
C GLU B 33 19.18 -36.38 -1.12
N SER B 34 18.97 -37.66 -0.86
CA SER B 34 18.02 -38.47 -1.60
C SER B 34 16.62 -37.84 -1.68
N LEU B 35 16.07 -37.83 -2.89
CA LEU B 35 14.75 -37.26 -3.13
C LEU B 35 13.61 -38.18 -2.71
N THR B 36 13.93 -39.32 -2.11
CA THR B 36 12.92 -40.26 -1.61
C THR B 36 13.11 -40.51 -0.11
N GLU B 37 14.20 -40.01 0.46
CA GLU B 37 14.49 -40.21 1.87
C GLU B 37 14.32 -38.97 2.75
N GLY B 38 13.82 -37.88 2.17
CA GLY B 38 13.62 -36.65 2.94
C GLY B 38 14.19 -35.44 2.25
N GLY B 39 15.12 -35.66 1.32
CA GLY B 39 15.74 -34.56 0.61
C GLY B 39 14.76 -33.74 -0.20
N GLN B 40 13.64 -34.35 -0.58
CA GLN B 40 12.62 -33.66 -1.38
C GLN B 40 11.97 -32.51 -0.60
N TYR B 41 12.22 -32.45 0.71
CA TYR B 41 11.67 -31.37 1.54
C TYR B 41 12.68 -30.28 1.83
N TYR B 42 13.89 -30.40 1.30
CA TYR B 42 14.92 -29.38 1.53
C TYR B 42 14.46 -28.07 0.90
N GLY B 43 14.41 -27.01 1.71
CA GLY B 43 13.95 -25.71 1.27
C GLY B 43 12.58 -25.47 1.89
N TRP B 44 12.06 -26.52 2.54
CA TRP B 44 10.74 -26.49 3.19
C TRP B 44 10.89 -27.08 4.59
N SER B 45 9.83 -27.00 5.37
CA SER B 45 9.83 -27.63 6.69
C SER B 45 9.13 -28.98 6.44
N ARG B 46 9.11 -29.83 7.45
CA ARG B 46 8.39 -31.10 7.35
C ARG B 46 6.97 -30.72 7.80
N GLY B 47 6.01 -31.62 7.64
CA GLY B 47 4.63 -31.33 8.01
C GLY B 47 4.44 -30.78 9.42
N ILE B 48 3.85 -29.59 9.52
CA ILE B 48 3.61 -28.96 10.81
C ILE B 48 2.66 -29.81 11.66
N ASN B 49 3.12 -30.21 12.85
CA ASN B 49 2.32 -31.03 13.76
C ASN B 49 1.72 -30.13 14.85
N LEU B 50 0.44 -30.33 15.14
CA LEU B 50 -0.29 -29.52 16.11
C LEU B 50 -0.39 -30.08 17.53
N ALA B 51 -0.61 -29.18 18.48
CA ALA B 51 -0.76 -29.53 19.88
C ALA B 51 -1.96 -30.48 20.01
N THR B 52 -1.92 -31.35 21.01
CA THR B 52 -3.03 -32.28 21.23
C THR B 52 -4.03 -31.74 22.24
N SER B 53 -3.65 -30.70 22.97
CA SER B 53 -4.52 -30.08 23.96
C SER B 53 -3.87 -28.76 24.34
N ASP B 54 -4.54 -27.99 25.18
CA ASP B 54 -4.06 -26.70 25.65
C ASP B 54 -2.78 -26.81 26.49
N THR B 55 -2.47 -28.01 26.98
CA THR B 55 -1.28 -28.22 27.80
C THR B 55 -0.28 -29.20 27.18
N GLU B 56 -0.50 -29.57 25.93
CA GLU B 56 0.38 -30.50 25.25
C GLU B 56 0.75 -30.03 23.85
N ASP B 57 1.78 -29.20 23.76
CA ASP B 57 2.25 -28.65 22.51
C ASP B 57 3.72 -29.00 22.32
N SER B 58 3.99 -30.01 21.50
CA SER B 58 5.35 -30.47 21.24
C SER B 58 5.71 -30.43 19.75
N PRO B 59 6.11 -29.24 19.25
CA PRO B 59 6.46 -29.18 17.84
C PRO B 59 7.75 -29.92 17.51
N GLY B 60 7.76 -30.62 16.37
CA GLY B 60 8.95 -31.33 15.95
C GLY B 60 10.02 -30.33 15.52
N ASN B 61 11.28 -30.66 15.75
CA ASN B 61 12.37 -29.75 15.38
C ASN B 61 12.36 -29.41 13.88
N ASN B 62 12.08 -30.40 13.05
CA ASN B 62 12.06 -30.19 11.60
C ASN B 62 10.82 -29.46 11.08
N THR B 63 10.01 -28.91 11.98
CA THR B 63 8.82 -28.17 11.60
C THR B 63 9.00 -26.69 12.02
N LEU B 64 10.16 -26.39 12.62
CA LEU B 64 10.45 -25.04 13.09
C LEU B 64 11.53 -24.31 12.30
N PRO B 65 11.16 -23.26 11.54
CA PRO B 65 12.17 -22.52 10.77
C PRO B 65 13.15 -21.85 11.74
N THR B 66 14.42 -21.86 11.38
CA THR B 66 15.45 -21.27 12.23
C THR B 66 16.26 -20.22 11.44
N TRP B 67 17.00 -19.40 12.17
CA TRP B 67 17.82 -18.36 11.56
C TRP B 67 18.96 -18.94 10.74
N SER B 68 19.24 -18.29 9.61
CA SER B 68 20.37 -18.67 8.78
C SER B 68 21.49 -17.69 9.18
N MET B 69 22.73 -18.16 9.22
CA MET B 69 23.85 -17.27 9.54
C MET B 69 25.17 -17.80 9.01
N ALA B 70 26.11 -16.88 8.84
CA ALA B 70 27.44 -17.19 8.35
C ALA B 70 28.39 -16.13 8.88
N LYS B 71 29.61 -16.55 9.20
CA LYS B 71 30.67 -15.66 9.67
C LYS B 71 31.74 -15.73 8.60
N LEU B 72 31.98 -14.61 7.94
CA LEU B 72 32.96 -14.56 6.86
C LEU B 72 34.26 -13.89 7.29
N GLN B 73 35.38 -14.46 6.85
CA GLN B 73 36.70 -13.93 7.17
C GLN B 73 37.09 -12.77 6.29
N LEU B 74 37.56 -11.70 6.93
CA LEU B 74 37.99 -10.51 6.22
C LEU B 74 39.52 -10.50 6.15
N PRO B 75 40.10 -9.79 5.17
CA PRO B 75 41.57 -9.76 5.07
C PRO B 75 42.16 -9.08 6.32
N MET B 76 43.23 -9.65 6.87
CA MET B 76 43.85 -9.10 8.08
C MET B 76 44.47 -7.72 7.86
N LEU B 77 44.44 -6.90 8.90
CA LEU B 77 44.96 -5.53 8.82
C LEU B 77 46.08 -5.20 9.80
N ASN B 78 45.82 -5.41 11.09
CA ASN B 78 46.81 -5.09 12.13
C ASN B 78 47.57 -6.28 12.66
N GLU B 79 48.87 -6.30 12.41
CA GLU B 79 49.73 -7.37 12.90
C GLU B 79 49.93 -7.15 14.40
N ASP B 80 49.95 -5.88 14.80
CA ASP B 80 50.15 -5.51 16.20
C ASP B 80 48.96 -4.71 16.71
N LEU B 81 48.31 -5.24 17.76
CA LEU B 81 47.15 -4.59 18.36
C LEU B 81 47.48 -3.59 19.47
N THR B 82 48.77 -3.37 19.74
CA THR B 82 49.19 -2.43 20.78
C THR B 82 49.39 -1.01 20.22
N CYS B 83 49.27 -0.86 18.91
CA CYS B 83 49.44 0.45 18.28
C CYS B 83 48.34 1.40 18.75
N ASP B 84 48.71 2.63 19.04
CA ASP B 84 47.77 3.66 19.50
C ASP B 84 46.62 3.86 18.51
N THR B 85 46.94 3.85 17.22
CA THR B 85 45.94 4.01 16.18
C THR B 85 46.01 2.76 15.30
N LEU B 86 44.85 2.18 15.02
CA LEU B 86 44.77 0.97 14.21
C LEU B 86 43.77 1.11 13.07
N GLN B 87 43.70 0.09 12.24
CA GLN B 87 42.76 0.06 11.12
C GLN B 87 41.70 -0.99 11.44
N MET B 88 40.46 -0.75 11.00
CA MET B 88 39.37 -1.67 11.27
C MET B 88 38.46 -1.69 10.06
N TRP B 89 37.92 -2.86 9.72
CA TRP B 89 37.00 -2.98 8.59
C TRP B 89 35.63 -2.38 8.96
N GLU B 90 35.11 -1.56 8.07
CA GLU B 90 33.82 -0.90 8.27
C GLU B 90 32.89 -1.26 7.12
N ALA B 91 31.69 -1.74 7.44
CA ALA B 91 30.70 -2.10 6.41
C ALA B 91 29.97 -0.83 6.00
N VAL B 92 30.05 -0.49 4.71
CA VAL B 92 29.43 0.73 4.21
C VAL B 92 28.00 0.51 3.72
N SER B 93 27.79 -0.55 2.97
CA SER B 93 26.49 -0.85 2.40
C SER B 93 26.42 -2.31 1.97
N VAL B 94 25.22 -2.73 1.58
CA VAL B 94 25.01 -4.10 1.13
C VAL B 94 23.88 -4.14 0.11
N LYS B 95 24.10 -4.92 -0.94
CA LYS B 95 23.09 -5.15 -1.95
C LYS B 95 22.61 -6.55 -1.59
N THR B 96 21.34 -6.66 -1.19
CA THR B 96 20.83 -7.97 -0.81
C THR B 96 19.55 -8.26 -1.60
N GLU B 97 19.34 -9.54 -1.89
CA GLU B 97 18.20 -9.96 -2.68
C GLU B 97 17.75 -11.36 -2.32
N VAL B 98 16.43 -11.56 -2.24
CA VAL B 98 15.87 -12.88 -1.95
C VAL B 98 15.62 -13.48 -3.33
N VAL B 99 16.24 -14.62 -3.61
CA VAL B 99 16.13 -15.25 -4.91
C VAL B 99 15.17 -16.44 -5.02
N GLY B 100 14.46 -16.50 -6.14
CA GLY B 100 13.56 -17.62 -6.38
C GLY B 100 12.05 -17.46 -6.29
N SER B 101 11.53 -16.24 -6.11
CA SER B 101 10.09 -16.07 -6.00
C SER B 101 9.34 -16.60 -7.22
N GLY B 102 10.01 -16.58 -8.37
CA GLY B 102 9.40 -17.09 -9.60
C GLY B 102 9.06 -18.57 -9.50
N SER B 103 9.77 -19.32 -8.66
CA SER B 103 9.48 -20.75 -8.53
C SER B 103 8.10 -20.96 -7.92
N LEU B 104 7.58 -19.94 -7.25
CA LEU B 104 6.25 -20.01 -6.65
C LEU B 104 5.15 -20.01 -7.71
N LEU B 105 5.53 -19.79 -8.98
CA LEU B 105 4.58 -19.83 -10.09
C LEU B 105 4.26 -21.27 -10.51
N ASP B 106 4.91 -22.24 -9.88
CA ASP B 106 4.62 -23.65 -10.17
C ASP B 106 3.31 -23.97 -9.45
N VAL B 107 2.25 -24.12 -10.23
CA VAL B 107 0.93 -24.46 -9.69
C VAL B 107 0.41 -25.73 -10.39
N HIS B 108 1.35 -26.57 -10.81
CA HIS B 108 1.01 -27.81 -11.50
C HIS B 108 1.35 -29.06 -10.68
N GLY B 109 1.71 -28.85 -9.41
CA GLY B 109 2.07 -29.95 -8.53
C GLY B 109 0.90 -30.71 -7.92
N PHE B 110 1.17 -31.36 -6.80
CA PHE B 110 0.18 -32.20 -6.12
C PHE B 110 -0.33 -31.62 -4.80
N ASN B 111 -0.30 -30.29 -4.66
CA ASN B 111 -0.81 -29.67 -3.43
C ASN B 111 -2.34 -29.74 -3.44
N LYS B 112 -2.96 -29.29 -2.35
CA LYS B 112 -4.42 -29.25 -2.24
C LYS B 112 -4.90 -28.47 -3.48
N PRO B 113 -5.83 -29.04 -4.26
CA PRO B 113 -6.32 -28.36 -5.47
C PRO B 113 -7.34 -27.26 -5.18
N THR B 114 -7.46 -26.30 -6.09
CA THR B 114 -8.43 -25.21 -5.92
C THR B 114 -9.89 -25.64 -6.14
N ASP B 115 -10.11 -26.72 -6.87
CA ASP B 115 -11.45 -27.26 -7.09
C ASP B 115 -11.48 -28.57 -6.29
N THR B 116 -11.99 -28.50 -5.07
CA THR B 116 -12.06 -29.67 -4.20
C THR B 116 -13.22 -30.62 -4.50
N VAL B 117 -14.20 -30.16 -5.26
CA VAL B 117 -15.33 -31.02 -5.63
C VAL B 117 -14.90 -32.08 -6.62
N ASN B 118 -14.11 -31.66 -7.61
CA ASN B 118 -13.63 -32.55 -8.66
C ASN B 118 -12.15 -32.89 -8.56
N THR B 119 -11.43 -32.27 -7.63
CA THR B 119 -9.98 -32.44 -7.47
C THR B 119 -9.34 -31.97 -8.79
N LYS B 120 -9.61 -30.71 -9.11
CA LYS B 120 -9.12 -30.07 -10.35
C LYS B 120 -8.67 -28.63 -10.04
N GLY B 121 -8.60 -27.81 -11.09
CA GLY B 121 -8.18 -26.42 -10.95
C GLY B 121 -6.67 -26.37 -11.05
N ILE B 122 -6.02 -25.78 -10.04
CA ILE B 122 -4.56 -25.72 -10.02
C ILE B 122 -4.10 -26.18 -8.65
N SER B 123 -2.80 -26.47 -8.54
CA SER B 123 -2.20 -26.87 -7.28
C SER B 123 -2.05 -25.54 -6.52
N THR B 124 -2.72 -25.40 -5.38
CA THR B 124 -2.65 -24.15 -4.63
C THR B 124 -1.23 -23.68 -4.35
N PRO B 125 -0.88 -22.46 -4.78
CA PRO B 125 0.46 -21.93 -4.55
C PRO B 125 0.69 -21.53 -3.09
N VAL B 126 1.94 -21.32 -2.74
CA VAL B 126 2.37 -20.92 -1.40
C VAL B 126 1.67 -19.62 -1.01
N GLU B 127 1.11 -19.60 0.20
CA GLU B 127 0.40 -18.43 0.73
C GLU B 127 0.53 -18.43 2.24
N GLY B 128 0.10 -17.33 2.86
CA GLY B 128 0.12 -17.26 4.31
C GLY B 128 1.10 -16.28 4.93
N SER B 129 1.54 -16.61 6.14
CA SER B 129 2.46 -15.76 6.88
C SER B 129 3.84 -15.67 6.23
N GLN B 130 4.39 -14.47 6.21
CA GLN B 130 5.67 -14.18 5.59
C GLN B 130 6.53 -13.43 6.60
N TYR B 131 7.83 -13.72 6.56
CA TYR B 131 8.77 -13.11 7.50
C TYR B 131 10.10 -12.94 6.78
N HIS B 132 10.60 -11.71 6.73
CA HIS B 132 11.86 -11.42 6.05
C HIS B 132 12.74 -10.54 6.92
N VAL B 133 13.89 -11.05 7.30
CA VAL B 133 14.84 -10.29 8.14
C VAL B 133 16.25 -10.59 7.66
N PHE B 134 17.10 -9.55 7.63
CA PHE B 134 18.49 -9.71 7.27
C PHE B 134 19.29 -8.75 8.13
N ALA B 135 20.53 -9.13 8.43
CA ALA B 135 21.40 -8.30 9.25
C ALA B 135 22.85 -8.46 8.83
N VAL B 136 23.64 -7.41 9.06
CA VAL B 136 25.06 -7.42 8.75
C VAL B 136 25.72 -6.75 9.95
N GLY B 137 26.76 -7.38 10.50
CA GLY B 137 27.41 -6.80 11.65
C GLY B 137 28.79 -7.34 11.95
N GLY B 138 29.46 -6.71 12.91
CA GLY B 138 30.80 -7.11 13.30
C GLY B 138 30.82 -8.09 14.46
N GLU B 139 29.63 -8.50 14.90
CA GLU B 139 29.47 -9.46 16.01
C GLU B 139 28.24 -10.30 15.69
N PRO B 140 28.03 -11.40 16.44
CA PRO B 140 26.84 -12.22 16.16
C PRO B 140 25.60 -11.37 16.47
N LEU B 141 24.51 -11.60 15.75
CA LEU B 141 23.28 -10.85 15.99
C LEU B 141 22.80 -11.13 17.42
N ASP B 142 22.54 -10.07 18.18
CA ASP B 142 22.05 -10.22 19.55
C ASP B 142 20.56 -10.56 19.48
N LEU B 143 20.16 -11.59 20.23
CA LEU B 143 18.78 -12.07 20.25
C LEU B 143 18.06 -11.87 21.58
N GLN B 144 16.77 -11.58 21.49
CA GLN B 144 15.86 -11.40 22.62
C GLN B 144 14.78 -12.46 22.42
N GLY B 145 14.58 -13.33 23.41
CA GLY B 145 13.57 -14.36 23.29
C GLY B 145 12.20 -13.86 23.69
N LEU B 146 11.17 -14.37 23.01
CA LEU B 146 9.78 -14.03 23.28
C LEU B 146 8.97 -15.07 22.52
N VAL B 147 8.07 -15.75 23.22
CA VAL B 147 7.27 -16.79 22.60
C VAL B 147 5.77 -16.59 22.75
N THR B 148 5.01 -17.34 21.96
CA THR B 148 3.56 -17.30 22.02
C THR B 148 3.11 -17.97 23.32
N ASP B 149 3.73 -19.11 23.64
CA ASP B 149 3.34 -19.87 24.83
C ASP B 149 4.56 -20.40 25.59
N ALA B 150 4.68 -19.97 26.84
CA ALA B 150 5.78 -20.41 27.71
C ALA B 150 5.65 -21.89 28.10
N ARG B 151 4.50 -22.49 27.79
CA ARG B 151 4.25 -23.91 28.09
C ARG B 151 4.66 -24.83 26.93
N THR B 152 5.04 -24.24 25.79
CA THR B 152 5.43 -25.03 24.64
C THR B 152 6.62 -25.90 25.02
N LYS B 153 6.51 -27.19 24.72
CA LYS B 153 7.54 -28.16 25.04
C LYS B 153 8.49 -28.41 23.88
N TYR B 154 9.42 -27.49 23.68
CA TYR B 154 10.41 -27.64 22.62
C TYR B 154 11.36 -28.78 22.96
N LYS B 155 11.88 -29.46 21.95
CA LYS B 155 12.84 -30.53 22.20
C LYS B 155 14.04 -29.93 22.89
N GLU B 156 14.72 -30.69 23.74
CA GLU B 156 15.89 -30.17 24.43
C GLU B 156 17.14 -30.27 23.55
N GLU B 157 17.17 -31.26 22.68
CA GLU B 157 18.31 -31.44 21.80
C GLU B 157 17.89 -31.10 20.37
N GLY B 158 18.78 -30.49 19.61
CA GLY B 158 18.46 -30.18 18.23
C GLY B 158 18.16 -28.72 17.92
N VAL B 159 17.71 -27.96 18.92
CA VAL B 159 17.40 -26.54 18.75
C VAL B 159 17.86 -25.79 19.99
N VAL B 160 18.16 -24.51 19.81
CA VAL B 160 18.57 -23.69 20.94
C VAL B 160 17.36 -22.86 21.33
N THR B 161 16.80 -23.13 22.50
CA THR B 161 15.64 -22.41 22.98
C THR B 161 15.99 -21.65 24.25
N ILE B 162 15.00 -20.99 24.85
CA ILE B 162 15.23 -20.22 26.07
C ILE B 162 15.80 -21.11 27.19
N LYS B 163 15.26 -22.32 27.34
CA LYS B 163 15.73 -23.24 28.36
C LYS B 163 17.21 -23.62 28.14
N THR B 164 17.62 -23.75 26.88
CA THR B 164 19.00 -24.08 26.56
C THR B 164 19.93 -23.02 27.15
N ILE B 165 19.45 -21.78 27.18
CA ILE B 165 20.22 -20.66 27.69
C ILE B 165 20.14 -20.47 29.20
N THR B 166 18.92 -20.52 29.75
CA THR B 166 18.73 -20.30 31.18
C THR B 166 18.91 -21.53 32.06
N LYS B 167 18.82 -22.72 31.46
CA LYS B 167 18.93 -23.99 32.18
C LYS B 167 17.67 -24.21 33.03
N LYS B 168 16.64 -23.39 32.80
CA LYS B 168 15.38 -23.49 33.53
C LYS B 168 14.21 -23.38 32.55
N ASP B 169 13.04 -23.87 32.96
CA ASP B 169 11.85 -23.80 32.11
C ASP B 169 11.46 -22.34 31.90
N MET B 170 10.72 -22.07 30.83
CA MET B 170 10.27 -20.72 30.55
C MET B 170 9.29 -20.25 31.60
N VAL B 171 9.24 -18.95 31.83
CA VAL B 171 8.34 -18.35 32.80
C VAL B 171 7.29 -17.55 32.02
N ASN B 172 6.20 -17.15 32.67
CA ASN B 172 5.16 -16.39 31.96
C ASN B 172 5.66 -15.09 31.32
N LYS B 173 6.70 -14.49 31.89
CA LYS B 173 7.29 -13.25 31.36
C LYS B 173 7.88 -13.46 29.96
N ASP B 174 8.15 -14.70 29.60
CA ASP B 174 8.72 -15.01 28.30
C ASP B 174 7.73 -14.80 27.16
N GLN B 175 6.47 -14.54 27.50
CA GLN B 175 5.45 -14.26 26.51
C GLN B 175 5.42 -12.77 26.20
N VAL B 176 6.20 -12.00 26.96
CA VAL B 176 6.36 -10.55 26.74
C VAL B 176 7.89 -10.37 26.76
N LEU B 177 8.40 -9.20 27.15
CA LEU B 177 9.85 -9.03 27.16
C LEU B 177 10.46 -9.31 28.53
N ASN B 178 11.25 -10.37 28.59
CA ASN B 178 11.96 -10.78 29.80
C ASN B 178 13.44 -10.63 29.48
N PRO B 179 14.10 -9.62 30.05
CA PRO B 179 15.53 -9.32 29.86
C PRO B 179 16.48 -10.51 30.04
N ILE B 180 16.09 -11.44 30.91
CA ILE B 180 16.91 -12.62 31.18
C ILE B 180 17.07 -13.52 29.96
N SER B 181 16.03 -13.62 29.15
CA SER B 181 16.05 -14.48 27.96
C SER B 181 16.77 -13.89 26.75
N LYS B 182 18.09 -13.98 26.74
CA LYS B 182 18.89 -13.46 25.65
C LYS B 182 19.90 -14.48 25.18
N ALA B 183 20.32 -14.33 23.93
CA ALA B 183 21.29 -15.22 23.30
C ALA B 183 21.93 -14.51 22.11
N LYS B 184 22.85 -15.20 21.45
CA LYS B 184 23.54 -14.65 20.28
C LYS B 184 23.44 -15.64 19.13
N LEU B 185 23.18 -15.14 17.94
CA LEU B 185 23.07 -15.98 16.75
C LEU B 185 24.46 -16.43 16.29
N ASP B 186 24.98 -17.45 16.97
CA ASP B 186 26.30 -17.98 16.65
C ASP B 186 26.34 -19.30 15.87
N LYS B 187 25.16 -19.87 15.60
CA LYS B 187 25.09 -21.12 14.84
C LYS B 187 23.95 -21.04 13.83
N ASP B 188 24.21 -21.58 12.65
CA ASP B 188 23.26 -21.61 11.55
C ASP B 188 22.25 -22.75 11.77
N GLY B 189 20.99 -22.49 11.43
CA GLY B 189 19.93 -23.48 11.55
C GLY B 189 19.68 -24.10 12.91
N MET B 190 19.79 -23.32 13.98
CA MET B 190 19.59 -23.84 15.33
C MET B 190 18.66 -23.02 16.21
N TYR B 191 18.56 -21.72 15.94
CA TYR B 191 17.71 -20.80 16.71
C TYR B 191 16.36 -20.53 16.02
N PRO B 192 15.26 -21.09 16.56
CA PRO B 192 13.93 -20.90 15.98
C PRO B 192 13.51 -19.43 15.91
N VAL B 193 12.96 -19.03 14.76
CA VAL B 193 12.51 -17.65 14.57
C VAL B 193 11.25 -17.30 15.33
N GLU B 194 10.51 -18.31 15.78
CA GLU B 194 9.31 -18.02 16.56
C GLU B 194 9.69 -17.79 18.04
N ILE B 195 10.98 -17.91 18.34
CA ILE B 195 11.47 -17.71 19.71
C ILE B 195 12.43 -16.54 19.84
N TRP B 196 13.38 -16.45 18.91
CA TRP B 196 14.43 -15.44 18.94
C TRP B 196 14.29 -14.28 17.97
N HIS B 197 14.31 -13.07 18.53
CA HIS B 197 14.15 -11.84 17.76
C HIS B 197 15.34 -10.92 17.93
N PRO B 198 15.59 -10.02 16.97
CA PRO B 198 16.74 -9.10 17.10
C PRO B 198 16.54 -8.26 18.35
N ASP B 199 17.59 -8.16 19.16
CA ASP B 199 17.54 -7.39 20.40
C ASP B 199 17.85 -5.92 20.15
N PRO B 200 16.84 -5.03 20.28
CA PRO B 200 17.03 -3.59 20.06
C PRO B 200 17.90 -2.93 21.13
N ALA B 201 18.01 -3.55 22.29
CA ALA B 201 18.79 -3.02 23.40
C ALA B 201 20.30 -3.19 23.19
N LYS B 202 20.68 -4.02 22.23
CA LYS B 202 22.10 -4.26 21.94
C LYS B 202 22.32 -4.07 20.44
N ASN B 203 23.09 -4.96 19.80
CA ASN B 203 23.36 -4.86 18.36
C ASN B 203 23.95 -3.50 17.99
N GLU B 204 24.87 -3.02 18.82
CA GLU B 204 25.49 -1.71 18.59
C GLU B 204 26.37 -1.71 17.35
N ASN B 205 26.80 -2.90 16.94
CA ASN B 205 27.67 -3.03 15.77
C ASN B 205 27.08 -3.91 14.68
N THR B 206 25.75 -3.90 14.59
CA THR B 206 25.01 -4.68 13.61
C THR B 206 23.79 -3.89 13.17
N ARG B 207 23.43 -3.99 11.89
CA ARG B 207 22.24 -3.31 11.38
C ARG B 207 21.28 -4.43 10.92
N TYR B 208 20.05 -4.42 11.41
CA TYR B 208 19.08 -5.44 10.99
C TYR B 208 17.82 -4.77 10.47
N PHE B 209 17.13 -5.43 9.55
CA PHE B 209 15.92 -4.90 8.92
C PHE B 209 14.93 -6.07 8.78
N GLY B 210 13.78 -5.96 9.44
CA GLY B 210 12.81 -7.02 9.35
C GLY B 210 11.39 -6.57 9.12
N ASN B 211 10.59 -7.45 8.53
CA ASN B 211 9.18 -7.16 8.30
C ASN B 211 8.39 -8.46 8.36
N TYR B 212 7.15 -8.33 8.83
CA TYR B 212 6.27 -9.47 9.01
C TYR B 212 4.86 -9.17 8.49
N THR B 213 4.26 -10.18 7.88
CA THR B 213 2.89 -10.12 7.38
C THR B 213 2.28 -11.47 7.75
N GLY B 214 1.21 -11.43 8.54
CA GLY B 214 0.56 -12.65 8.98
C GLY B 214 -0.55 -13.19 8.10
N GLY B 215 -1.48 -13.92 8.71
CA GLY B 215 -2.60 -14.48 7.96
C GLY B 215 -2.40 -15.94 7.57
N THR B 216 -3.45 -16.55 7.04
CA THR B 216 -3.38 -17.95 6.64
C THR B 216 -3.30 -18.12 5.13
N THR B 217 -3.92 -17.22 4.39
CA THR B 217 -3.92 -17.32 2.93
C THR B 217 -3.45 -16.05 2.25
N THR B 218 -2.78 -15.17 3.00
CA THR B 218 -2.28 -13.91 2.49
C THR B 218 -1.36 -14.10 1.27
N PRO B 219 -1.57 -13.31 0.21
CA PRO B 219 -0.71 -13.44 -0.97
C PRO B 219 0.72 -13.03 -0.66
N PRO B 220 1.70 -13.85 -1.10
CA PRO B 220 3.11 -13.53 -0.87
C PRO B 220 3.50 -12.39 -1.81
N VAL B 221 4.31 -11.45 -1.32
CA VAL B 221 4.75 -10.32 -2.12
C VAL B 221 6.27 -10.17 -1.97
N LEU B 222 6.97 -9.92 -3.08
CA LEU B 222 8.42 -9.77 -3.05
C LEU B 222 8.93 -8.97 -4.23
N GLN B 223 9.97 -8.17 -3.99
CA GLN B 223 10.62 -7.38 -5.04
C GLN B 223 12.07 -7.87 -5.10
N PHE B 224 12.68 -7.77 -6.26
CA PHE B 224 14.07 -8.17 -6.44
C PHE B 224 14.66 -7.37 -7.60
N THR B 225 15.82 -6.78 -7.37
CA THR B 225 16.51 -5.97 -8.36
C THR B 225 17.97 -5.84 -7.93
N ASN B 226 18.86 -5.70 -8.91
CA ASN B 226 20.28 -5.54 -8.58
C ASN B 226 20.66 -4.05 -8.57
N THR B 227 19.66 -3.17 -8.47
CA THR B 227 19.91 -1.73 -8.47
C THR B 227 19.68 -1.07 -7.10
N LEU B 228 19.30 -1.86 -6.11
CA LEU B 228 19.02 -1.32 -4.78
C LEU B 228 20.12 -1.59 -3.75
N THR B 229 20.66 -0.52 -3.20
CA THR B 229 21.71 -0.58 -2.19
C THR B 229 21.16 -0.19 -0.81
N THR B 230 21.46 -0.97 0.21
CA THR B 230 21.03 -0.67 1.58
C THR B 230 22.23 -0.04 2.29
N VAL B 231 22.08 1.20 2.72
CA VAL B 231 23.15 1.91 3.41
C VAL B 231 23.28 1.34 4.83
N LEU B 232 24.50 1.04 5.25
CA LEU B 232 24.74 0.50 6.59
C LEU B 232 25.32 1.52 7.56
N LEU B 233 25.63 2.72 7.06
CA LEU B 233 26.18 3.79 7.88
C LEU B 233 25.12 4.35 8.84
N ASP B 234 25.53 4.67 10.07
CA ASP B 234 24.61 5.23 11.04
C ASP B 234 24.45 6.74 10.83
N GLU B 235 23.73 7.39 11.74
CA GLU B 235 23.49 8.83 11.67
C GLU B 235 24.76 9.69 11.63
N ASN B 236 25.88 9.11 12.08
CA ASN B 236 27.16 9.82 12.09
C ASN B 236 28.06 9.43 10.91
N GLY B 237 27.52 8.67 9.97
CA GLY B 237 28.29 8.25 8.82
C GLY B 237 29.26 7.10 9.09
N VAL B 238 29.01 6.37 10.17
CA VAL B 238 29.87 5.25 10.56
C VAL B 238 29.10 3.93 10.49
N GLY B 239 29.60 2.99 9.68
CA GLY B 239 28.95 1.72 9.57
C GLY B 239 29.45 0.76 10.64
N PRO B 240 28.96 -0.49 10.65
CA PRO B 240 29.38 -1.49 11.62
C PRO B 240 30.88 -1.74 11.50
N LEU B 241 31.56 -1.86 12.65
CA LEU B 241 33.00 -2.11 12.66
C LEU B 241 33.31 -3.56 13.06
N CYS B 242 34.31 -4.16 12.42
CA CYS B 242 34.68 -5.53 12.77
C CYS B 242 35.87 -5.50 13.73
N LYS B 243 35.62 -5.73 15.01
CA LYS B 243 36.69 -5.73 16.00
C LYS B 243 37.47 -7.05 15.94
N GLY B 244 36.82 -8.12 15.47
CA GLY B 244 37.47 -9.40 15.37
C GLY B 244 37.75 -9.89 13.95
N GLU B 245 37.57 -9.01 12.97
CA GLU B 245 37.76 -9.31 11.55
C GLU B 245 37.00 -10.53 10.98
N GLY B 246 35.80 -10.72 11.52
CA GLY B 246 34.89 -11.77 11.09
C GLY B 246 33.56 -11.06 10.91
N LEU B 247 33.04 -11.04 9.69
CA LEU B 247 31.79 -10.39 9.36
C LEU B 247 30.62 -11.35 9.55
N TYR B 248 29.53 -10.88 10.16
CA TYR B 248 28.36 -11.73 10.39
C TYR B 248 27.16 -11.38 9.53
N LEU B 249 26.65 -12.38 8.81
CA LEU B 249 25.46 -12.26 7.96
C LEU B 249 24.37 -13.12 8.59
N SER B 250 23.18 -12.57 8.74
CA SER B 250 22.07 -13.31 9.34
C SER B 250 20.79 -13.04 8.56
N CYS B 251 19.92 -14.03 8.46
CA CYS B 251 18.65 -13.85 7.77
C CYS B 251 17.66 -15.00 7.93
N VAL B 252 16.43 -14.71 7.52
CA VAL B 252 15.33 -15.67 7.51
C VAL B 252 14.34 -15.09 6.51
N ASP B 253 13.92 -15.90 5.55
CA ASP B 253 12.99 -15.46 4.51
C ASP B 253 11.91 -16.49 4.23
N ILE B 254 10.84 -16.39 5.01
CA ILE B 254 9.68 -17.28 4.90
C ILE B 254 8.66 -16.68 3.93
N MET B 255 8.27 -17.49 2.93
CA MET B 255 7.31 -17.06 1.91
C MET B 255 5.87 -17.47 2.23
N GLY B 256 5.71 -18.41 3.16
CA GLY B 256 4.39 -18.88 3.54
C GLY B 256 4.41 -20.41 3.61
N TRP B 257 3.27 -21.05 3.33
CA TRP B 257 3.16 -22.50 3.37
C TRP B 257 2.53 -23.07 2.11
N ARG B 258 2.83 -24.32 1.82
CA ARG B 258 2.15 -25.03 0.76
C ARG B 258 1.27 -26.00 1.59
N VAL B 259 0.14 -26.43 1.02
CA VAL B 259 -0.80 -27.30 1.72
C VAL B 259 -1.00 -28.60 0.93
N THR B 260 -0.81 -29.74 1.58
CA THR B 260 -0.95 -31.04 0.91
C THR B 260 -2.42 -31.49 0.79
N ARG B 261 -2.63 -32.59 0.08
CA ARG B 261 -3.96 -33.15 -0.09
C ARG B 261 -4.33 -34.07 1.09
N ASN B 262 -3.43 -34.19 2.05
CA ASN B 262 -3.66 -35.06 3.21
C ASN B 262 -3.89 -34.26 4.48
N TYR B 263 -5.16 -34.10 4.85
CA TYR B 263 -5.55 -33.37 6.06
C TYR B 263 -4.98 -31.96 6.17
N ASP B 264 -4.88 -31.28 5.03
CA ASP B 264 -4.37 -29.91 5.02
C ASP B 264 -3.03 -29.70 5.74
N VAL B 265 -2.12 -30.66 5.62
CA VAL B 265 -0.81 -30.53 6.25
C VAL B 265 -0.02 -29.39 5.58
N HIS B 266 0.52 -28.49 6.40
CA HIS B 266 1.27 -27.35 5.89
C HIS B 266 2.78 -27.57 5.98
N HIS B 267 3.50 -27.01 4.99
CA HIS B 267 4.95 -27.08 4.96
C HIS B 267 5.45 -25.65 4.70
N TRP B 268 6.30 -25.13 5.59
CA TRP B 268 6.87 -23.79 5.41
C TRP B 268 7.77 -23.77 4.17
N ARG B 269 7.79 -22.64 3.47
CA ARG B 269 8.66 -22.47 2.30
C ARG B 269 9.59 -21.30 2.56
N GLY B 270 10.88 -21.52 2.33
CA GLY B 270 11.85 -20.46 2.52
C GLY B 270 12.65 -20.29 1.25
N LEU B 271 13.24 -19.11 1.05
CA LEU B 271 14.06 -18.85 -0.13
C LEU B 271 15.43 -18.31 0.29
N PRO B 272 16.47 -18.61 -0.50
CA PRO B 272 17.84 -18.16 -0.21
C PRO B 272 18.00 -16.64 -0.40
N ARG B 273 18.96 -16.06 0.32
CA ARG B 273 19.21 -14.64 0.23
C ARG B 273 20.67 -14.35 -0.14
N TYR B 274 20.86 -13.44 -1.08
CA TYR B 274 22.18 -13.05 -1.55
C TYR B 274 22.64 -11.77 -0.85
N PHE B 275 23.93 -11.67 -0.59
CA PHE B 275 24.53 -10.51 0.05
C PHE B 275 25.79 -10.09 -0.69
N LYS B 276 25.95 -8.79 -0.92
CA LYS B 276 27.16 -8.26 -1.53
C LYS B 276 27.49 -7.05 -0.68
N ILE B 277 28.43 -7.23 0.25
CA ILE B 277 28.82 -6.16 1.17
C ILE B 277 30.04 -5.37 0.73
N THR B 278 29.93 -4.03 0.77
CA THR B 278 31.03 -3.13 0.44
C THR B 278 31.65 -2.69 1.76
N LEU B 279 32.96 -2.90 1.89
CA LEU B 279 33.66 -2.54 3.11
C LEU B 279 34.85 -1.62 2.85
N ARG B 280 35.22 -0.82 3.84
CA ARG B 280 36.36 0.08 3.72
C ARG B 280 37.13 0.09 5.03
N LYS B 281 38.42 0.43 4.96
CA LYS B 281 39.25 0.49 6.16
C LYS B 281 39.08 1.84 6.84
N ARG B 282 38.96 1.80 8.16
CA ARG B 282 38.77 2.98 8.99
C ARG B 282 39.86 3.09 10.03
N TRP B 283 40.42 4.28 10.22
CA TRP B 283 41.44 4.50 11.25
C TRP B 283 40.68 4.67 12.56
N VAL B 284 41.11 3.99 13.61
CA VAL B 284 40.45 4.10 14.90
C VAL B 284 41.46 4.10 16.05
N LYS B 285 41.12 4.78 17.13
CA LYS B 285 41.98 4.84 18.30
C LYS B 285 41.80 3.52 19.03
N ASN B 286 42.93 2.84 19.29
CA ASN B 286 42.98 1.53 19.96
C ASN B 286 41.87 1.22 20.96
N PRO B 287 40.88 0.39 20.55
CA PRO B 287 39.76 -0.02 21.40
C PRO B 287 40.00 -1.34 22.12
N TYR B 288 41.18 -1.92 21.92
CA TYR B 288 41.52 -3.21 22.53
C TYR B 288 41.92 -3.14 24.01
N PRO B 289 41.37 -4.06 24.83
CA PRO B 289 41.64 -4.16 26.26
C PRO B 289 43.12 -4.47 26.55
N GLY C 1 40.15 -3.34 -24.33
CA GLY C 1 41.30 -3.31 -23.45
C GLY C 1 40.92 -3.07 -22.00
N GLY C 2 41.64 -2.16 -21.34
CA GLY C 2 41.36 -1.85 -19.94
C GLY C 2 39.96 -1.29 -19.75
N MET C 3 39.14 -1.98 -18.96
CA MET C 3 37.77 -1.53 -18.70
C MET C 3 37.66 -0.30 -17.81
N GLU C 4 38.30 0.79 -18.23
CA GLU C 4 38.26 2.04 -17.47
C GLU C 4 37.27 2.97 -18.16
N VAL C 5 36.38 3.55 -17.37
CA VAL C 5 35.35 4.44 -17.90
C VAL C 5 35.81 5.90 -17.85
N LEU C 6 35.86 6.53 -19.02
CA LEU C 6 36.30 7.91 -19.15
C LEU C 6 35.14 8.87 -19.42
N ASP C 7 35.36 9.87 -20.27
CA ASP C 7 34.34 10.87 -20.59
C ASP C 7 33.26 10.41 -21.56
N LEU C 8 32.20 11.20 -21.64
CA LEU C 8 31.11 10.93 -22.57
C LEU C 8 31.56 11.52 -23.89
N VAL C 9 31.27 10.80 -24.98
CA VAL C 9 31.62 11.26 -26.32
C VAL C 9 30.64 12.38 -26.71
N THR C 10 31.15 13.44 -27.34
CA THR C 10 30.28 14.52 -27.76
C THR C 10 30.30 14.63 -29.29
N GLY C 11 29.34 15.38 -29.84
CA GLY C 11 29.29 15.54 -31.27
C GLY C 11 28.11 14.87 -31.94
N PRO C 12 28.06 14.92 -33.28
CA PRO C 12 26.99 14.33 -34.08
C PRO C 12 26.83 12.82 -33.87
N ASP C 13 25.59 12.38 -33.65
CA ASP C 13 25.27 10.96 -33.46
C ASP C 13 25.90 10.30 -32.23
N SER C 14 26.19 11.07 -31.19
CA SER C 14 26.82 10.52 -29.98
C SER C 14 25.78 9.97 -29.01
N VAL C 15 24.51 10.27 -29.28
CA VAL C 15 23.38 9.82 -28.46
C VAL C 15 22.38 9.17 -29.43
N THR C 16 21.74 8.10 -29.00
CA THR C 16 20.76 7.42 -29.84
C THR C 16 19.61 6.84 -28.99
N GLU C 17 18.55 6.43 -29.68
CA GLU C 17 17.36 5.87 -29.02
C GLU C 17 16.93 4.63 -29.77
N ILE C 18 16.66 3.56 -29.03
CA ILE C 18 16.24 2.28 -29.60
C ILE C 18 14.86 1.93 -29.01
N GLU C 19 13.95 1.46 -29.87
CA GLU C 19 12.60 1.07 -29.45
C GLU C 19 12.33 -0.37 -29.84
N ALA C 20 11.49 -1.05 -29.08
CA ALA C 20 11.13 -2.42 -29.35
C ALA C 20 10.03 -2.86 -28.41
N PHE C 21 9.25 -3.86 -28.84
CA PHE C 21 8.21 -4.42 -28.01
C PHE C 21 8.50 -5.92 -27.96
N LEU C 22 8.26 -6.54 -26.81
CA LEU C 22 8.48 -7.97 -26.65
C LEU C 22 7.14 -8.58 -26.32
N ASN C 23 6.67 -9.48 -27.16
CA ASN C 23 5.40 -10.14 -26.91
C ASN C 23 5.59 -11.22 -25.84
N PRO C 24 4.55 -11.49 -25.04
CA PRO C 24 4.63 -12.50 -23.98
C PRO C 24 4.76 -13.93 -24.53
N ARG C 25 5.37 -14.81 -23.72
CA ARG C 25 5.54 -16.22 -24.10
C ARG C 25 4.93 -17.09 -22.99
N MET C 26 3.59 -17.12 -22.95
CA MET C 26 2.88 -17.88 -21.91
C MET C 26 2.73 -19.37 -22.09
N GLY C 27 3.03 -19.88 -23.28
CA GLY C 27 2.90 -21.30 -23.53
C GLY C 27 2.52 -21.63 -24.97
N GLN C 28 1.48 -20.98 -25.50
CA GLN C 28 1.07 -21.22 -26.88
C GLN C 28 1.92 -20.38 -27.82
N PRO C 29 2.60 -21.02 -28.79
CA PRO C 29 3.46 -20.31 -29.75
C PRO C 29 2.62 -19.39 -30.65
N PRO C 30 3.28 -18.49 -31.41
CA PRO C 30 2.56 -17.58 -32.31
C PRO C 30 1.84 -18.32 -33.42
N THR C 31 2.33 -19.51 -33.76
CA THR C 31 1.72 -20.33 -34.81
C THR C 31 1.30 -21.68 -34.22
N PRO C 32 0.27 -22.33 -34.79
CA PRO C 32 -0.54 -21.90 -35.95
C PRO C 32 -1.36 -20.64 -35.65
N GLU C 33 -1.58 -19.80 -36.67
CA GLU C 33 -2.34 -18.58 -36.48
C GLU C 33 -3.84 -18.83 -36.35
N SER C 34 -4.31 -19.96 -36.90
CA SER C 34 -5.73 -20.32 -36.88
C SER C 34 -6.41 -20.14 -35.53
N LEU C 35 -7.54 -19.45 -35.54
CA LEU C 35 -8.30 -19.22 -34.32
C LEU C 35 -9.13 -20.43 -33.86
N THR C 36 -8.97 -21.57 -34.54
CA THR C 36 -9.68 -22.78 -34.15
C THR C 36 -8.67 -23.88 -33.84
N GLU C 37 -7.49 -23.82 -34.45
CA GLU C 37 -6.48 -24.84 -34.25
C GLU C 37 -5.43 -24.56 -33.16
N GLY C 38 -5.64 -23.53 -32.34
CA GLY C 38 -4.68 -23.24 -31.30
C GLY C 38 -4.32 -21.78 -31.17
N GLY C 39 -4.42 -21.05 -32.28
CA GLY C 39 -4.10 -19.63 -32.27
C GLY C 39 -4.94 -18.81 -31.31
N GLN C 40 -6.12 -19.31 -30.96
CA GLN C 40 -6.98 -18.59 -30.02
C GLN C 40 -6.35 -18.52 -28.62
N TYR C 41 -5.31 -19.30 -28.38
CA TYR C 41 -4.64 -19.31 -27.08
C TYR C 41 -3.38 -18.45 -27.06
N TYR C 42 -3.02 -17.85 -28.20
CA TYR C 42 -1.83 -17.00 -28.27
C TYR C 42 -1.97 -15.81 -27.32
N GLY C 43 -1.00 -15.70 -26.41
CA GLY C 43 -1.01 -14.65 -25.41
C GLY C 43 -1.39 -15.26 -24.06
N TRP C 44 -1.69 -16.56 -24.10
CA TRP C 44 -2.08 -17.32 -22.93
C TRP C 44 -1.34 -18.64 -22.98
N SER C 45 -1.43 -19.41 -21.89
CA SER C 45 -0.84 -20.74 -21.87
C SER C 45 -1.99 -21.68 -22.24
N ARG C 46 -1.68 -22.95 -22.50
CA ARG C 46 -2.73 -23.92 -22.75
C ARG C 46 -3.16 -24.35 -21.32
N GLY C 47 -4.24 -25.12 -21.20
CA GLY C 47 -4.74 -25.52 -19.89
C GLY C 47 -3.70 -26.15 -18.98
N ILE C 48 -3.55 -25.62 -17.77
CA ILE C 48 -2.58 -26.15 -16.81
C ILE C 48 -2.96 -27.58 -16.38
N ASN C 49 -2.03 -28.51 -16.56
CA ASN C 49 -2.25 -29.91 -16.18
C ASN C 49 -1.53 -30.22 -14.85
N LEU C 50 -2.23 -30.89 -13.95
CA LEU C 50 -1.70 -31.20 -12.62
C LEU C 50 -1.02 -32.55 -12.48
N ALA C 51 -0.15 -32.64 -11.47
CA ALA C 51 0.57 -33.87 -11.17
C ALA C 51 -0.43 -34.97 -10.81
N THR C 52 -0.09 -36.22 -11.11
CA THR C 52 -0.97 -37.34 -10.81
C THR C 52 -0.67 -37.99 -9.46
N SER C 53 0.47 -37.63 -8.87
CA SER C 53 0.87 -38.15 -7.56
C SER C 53 2.05 -37.31 -7.07
N ASP C 54 2.48 -37.58 -5.84
CA ASP C 54 3.59 -36.88 -5.23
C ASP C 54 4.91 -37.12 -6.00
N THR C 55 4.96 -38.18 -6.80
CA THR C 55 6.17 -38.50 -7.55
C THR C 55 6.02 -38.43 -9.07
N GLU C 56 4.86 -38.00 -9.54
CA GLU C 56 4.60 -37.90 -10.98
C GLU C 56 4.08 -36.51 -11.38
N ASP C 57 4.99 -35.59 -11.63
CA ASP C 57 4.64 -34.22 -12.02
C ASP C 57 5.27 -33.90 -13.38
N SER C 58 4.48 -34.06 -14.44
CA SER C 58 4.95 -33.81 -15.81
C SER C 58 4.15 -32.71 -16.52
N PRO C 59 4.53 -31.44 -16.30
CA PRO C 59 3.81 -30.32 -16.95
C PRO C 59 4.12 -30.23 -18.45
N GLY C 60 3.10 -29.93 -19.24
CA GLY C 60 3.30 -29.78 -20.68
C GLY C 60 4.04 -28.48 -20.95
N ASN C 61 4.91 -28.47 -21.96
CA ASN C 61 5.68 -27.26 -22.31
C ASN C 61 4.79 -26.05 -22.59
N ASN C 62 3.67 -26.27 -23.25
CA ASN C 62 2.76 -25.19 -23.56
C ASN C 62 1.94 -24.68 -22.38
N THR C 63 2.23 -25.18 -21.18
CA THR C 63 1.54 -24.71 -19.99
C THR C 63 2.51 -23.91 -19.12
N LEU C 64 3.76 -23.79 -19.56
CA LEU C 64 4.79 -23.09 -18.80
C LEU C 64 5.25 -21.76 -19.38
N PRO C 65 4.97 -20.65 -18.66
CA PRO C 65 5.40 -19.34 -19.17
C PRO C 65 6.94 -19.30 -19.17
N THR C 66 7.51 -18.72 -20.23
CA THR C 66 8.95 -18.61 -20.36
C THR C 66 9.36 -17.14 -20.52
N TRP C 67 10.65 -16.87 -20.39
CA TRP C 67 11.17 -15.52 -20.55
C TRP C 67 11.09 -15.02 -21.99
N SER C 68 10.81 -13.74 -22.17
CA SER C 68 10.81 -13.10 -23.48
C SER C 68 12.19 -12.41 -23.56
N MET C 69 12.81 -12.39 -24.74
CA MET C 69 14.10 -11.70 -24.89
C MET C 69 14.36 -11.34 -26.35
N ALA C 70 15.15 -10.30 -26.55
CA ALA C 70 15.50 -9.83 -27.89
C ALA C 70 16.90 -9.21 -27.83
N LYS C 71 17.67 -9.44 -28.88
CA LYS C 71 19.03 -8.92 -29.01
C LYS C 71 18.95 -7.91 -30.14
N LEU C 72 19.15 -6.63 -29.82
CA LEU C 72 19.07 -5.55 -30.81
C LEU C 72 20.44 -4.99 -31.20
N GLN C 73 20.62 -4.77 -32.51
CA GLN C 73 21.87 -4.21 -33.04
C GLN C 73 21.89 -2.70 -32.87
N LEU C 74 23.05 -2.17 -32.50
CA LEU C 74 23.21 -0.74 -32.33
C LEU C 74 24.12 -0.24 -33.45
N PRO C 75 24.11 1.07 -33.74
CA PRO C 75 24.95 1.60 -34.81
C PRO C 75 26.46 1.42 -34.52
N MET C 76 27.25 1.27 -35.57
CA MET C 76 28.70 1.07 -35.45
C MET C 76 29.47 2.19 -34.75
N LEU C 77 30.68 1.88 -34.30
CA LEU C 77 31.51 2.84 -33.59
C LEU C 77 32.99 2.92 -34.01
N ASN C 78 33.81 2.07 -33.41
CA ASN C 78 35.26 2.04 -33.62
C ASN C 78 35.74 1.55 -34.99
N GLU C 79 36.63 2.33 -35.59
CA GLU C 79 37.22 1.99 -36.88
C GLU C 79 38.54 1.27 -36.59
N ASP C 80 39.47 2.00 -35.97
CA ASP C 80 40.77 1.44 -35.61
C ASP C 80 40.58 0.62 -34.33
N LEU C 81 40.42 -0.69 -34.50
CA LEU C 81 40.20 -1.61 -33.38
C LEU C 81 41.35 -1.72 -32.37
N THR C 82 42.58 -1.44 -32.81
CA THR C 82 43.74 -1.52 -31.91
C THR C 82 44.16 -0.16 -31.32
N CYS C 83 43.18 0.59 -30.83
CA CYS C 83 43.44 1.90 -30.22
C CYS C 83 43.49 1.78 -28.70
N ASP C 84 44.20 2.70 -28.07
CA ASP C 84 44.34 2.71 -26.61
C ASP C 84 42.99 3.01 -25.95
N THR C 85 42.26 3.94 -26.54
CA THR C 85 40.96 4.35 -26.02
C THR C 85 39.89 4.09 -27.10
N LEU C 86 38.83 3.41 -26.71
CA LEU C 86 37.74 3.07 -27.62
C LEU C 86 36.43 3.70 -27.15
N GLN C 87 35.41 3.57 -27.98
CA GLN C 87 34.07 4.09 -27.66
C GLN C 87 33.13 2.90 -27.53
N MET C 88 32.27 2.94 -26.53
CA MET C 88 31.28 1.90 -26.31
C MET C 88 29.93 2.54 -26.08
N TRP C 89 28.87 1.83 -26.45
CA TRP C 89 27.52 2.34 -26.22
C TRP C 89 27.17 2.12 -24.76
N GLU C 90 26.55 3.12 -24.14
CA GLU C 90 26.17 3.06 -22.75
C GLU C 90 24.68 3.34 -22.66
N ALA C 91 23.94 2.43 -22.02
CA ALA C 91 22.51 2.62 -21.86
C ALA C 91 22.32 3.53 -20.65
N VAL C 92 21.68 4.67 -20.87
CA VAL C 92 21.44 5.66 -19.83
C VAL C 92 20.14 5.45 -19.07
N SER C 93 19.06 5.21 -19.80
CA SER C 93 17.75 5.02 -19.19
C SER C 93 16.84 4.28 -20.15
N VAL C 94 15.64 3.95 -19.66
CA VAL C 94 14.65 3.26 -20.46
C VAL C 94 13.24 3.62 -20.01
N LYS C 95 12.37 3.85 -20.98
CA LYS C 95 10.96 4.10 -20.71
C LYS C 95 10.35 2.75 -21.06
N THR C 96 9.79 2.07 -20.07
CA THR C 96 9.20 0.76 -20.33
C THR C 96 7.74 0.79 -19.88
N GLU C 97 6.90 0.01 -20.56
CA GLU C 97 5.48 -0.01 -20.25
C GLU C 97 4.85 -1.34 -20.63
N VAL C 98 3.96 -1.85 -19.78
CA VAL C 98 3.25 -3.10 -20.06
C VAL C 98 1.93 -2.60 -20.66
N VAL C 99 1.65 -3.04 -21.89
CA VAL C 99 0.46 -2.59 -22.62
C VAL C 99 -0.68 -3.59 -22.64
N GLY C 100 -1.91 -3.07 -22.58
CA GLY C 100 -3.08 -3.91 -22.68
C GLY C 100 -3.89 -4.29 -21.46
N SER C 101 -3.59 -3.74 -20.28
CA SER C 101 -4.35 -4.09 -19.09
C SER C 101 -5.86 -3.82 -19.25
N GLY C 102 -6.20 -2.81 -20.06
CA GLY C 102 -7.60 -2.51 -20.29
C GLY C 102 -8.36 -3.70 -20.91
N SER C 103 -7.66 -4.58 -21.62
CA SER C 103 -8.32 -5.74 -22.23
C SER C 103 -8.88 -6.70 -21.17
N LEU C 104 -8.34 -6.61 -19.95
CA LEU C 104 -8.79 -7.44 -18.84
C LEU C 104 -10.19 -7.02 -18.37
N LEU C 105 -10.67 -5.88 -18.89
CA LEU C 105 -12.00 -5.37 -18.55
C LEU C 105 -13.09 -6.13 -19.31
N ASP C 106 -12.69 -7.06 -20.18
CA ASP C 106 -13.64 -7.89 -20.91
C ASP C 106 -14.14 -8.94 -19.93
N VAL C 107 -15.37 -8.76 -19.46
CA VAL C 107 -15.98 -9.72 -18.54
C VAL C 107 -17.28 -10.24 -19.16
N HIS C 108 -17.32 -10.30 -20.49
CA HIS C 108 -18.51 -10.76 -21.21
C HIS C 108 -18.28 -12.08 -21.94
N GLY C 109 -17.13 -12.70 -21.71
CA GLY C 109 -16.81 -13.96 -22.36
C GLY C 109 -17.45 -15.20 -21.76
N PHE C 110 -16.86 -16.36 -22.05
CA PHE C 110 -17.38 -17.64 -21.58
C PHE C 110 -16.56 -18.26 -20.44
N ASN C 111 -15.94 -17.44 -19.60
CA ASN C 111 -15.15 -17.95 -18.48
C ASN C 111 -16.13 -18.42 -17.41
N LYS C 112 -15.60 -19.05 -16.36
CA LYS C 112 -16.42 -19.48 -15.23
C LYS C 112 -17.18 -18.23 -14.76
N PRO C 113 -18.52 -18.31 -14.69
CA PRO C 113 -19.32 -17.16 -14.27
C PRO C 113 -19.27 -16.90 -12.76
N THR C 114 -19.53 -15.66 -12.36
CA THR C 114 -19.52 -15.30 -10.94
C THR C 114 -20.70 -15.90 -10.17
N ASP C 115 -21.79 -16.20 -10.88
CA ASP C 115 -22.95 -16.86 -10.28
C ASP C 115 -23.00 -18.24 -10.95
N THR C 116 -22.33 -19.21 -10.33
CA THR C 116 -22.26 -20.57 -10.86
C THR C 116 -23.55 -21.38 -10.68
N VAL C 117 -24.35 -21.04 -9.68
CA VAL C 117 -25.61 -21.74 -9.45
C VAL C 117 -26.52 -21.60 -10.67
N ASN C 118 -26.66 -20.37 -11.16
CA ASN C 118 -27.53 -20.07 -12.30
C ASN C 118 -26.80 -19.82 -13.62
N THR C 119 -25.47 -19.82 -13.59
CA THR C 119 -24.67 -19.54 -14.79
C THR C 119 -25.02 -18.11 -15.25
N LYS C 120 -24.85 -17.16 -14.33
CA LYS C 120 -25.15 -15.74 -14.56
C LYS C 120 -24.02 -14.87 -14.01
N GLY C 121 -24.27 -13.56 -13.93
CA GLY C 121 -23.28 -12.61 -13.44
C GLY C 121 -22.39 -12.16 -14.58
N ILE C 122 -21.08 -12.23 -14.37
CA ILE C 122 -20.12 -11.85 -15.41
C ILE C 122 -19.12 -12.97 -15.60
N SER C 123 -18.39 -12.93 -16.71
CA SER C 123 -17.35 -13.90 -17.00
C SER C 123 -16.18 -13.47 -16.11
N THR C 124 -15.80 -14.31 -15.15
CA THR C 124 -14.73 -13.97 -14.21
C THR C 124 -13.46 -13.47 -14.89
N PRO C 125 -13.02 -12.24 -14.53
CA PRO C 125 -11.82 -11.67 -15.12
C PRO C 125 -10.54 -12.35 -14.62
N VAL C 126 -9.43 -12.08 -15.30
CA VAL C 126 -8.13 -12.63 -14.96
C VAL C 126 -7.74 -12.20 -13.53
N GLU C 127 -7.30 -13.18 -12.71
CA GLU C 127 -6.91 -12.94 -11.32
C GLU C 127 -5.81 -13.94 -10.92
N GLY C 128 -5.25 -13.73 -9.73
CA GLY C 128 -4.25 -14.66 -9.25
C GLY C 128 -2.82 -14.14 -9.19
N SER C 129 -1.88 -15.07 -9.28
CA SER C 129 -0.47 -14.75 -9.23
C SER C 129 -0.01 -13.87 -10.39
N GLN C 130 0.83 -12.89 -10.07
CA GLN C 130 1.36 -11.94 -11.02
C GLN C 130 2.87 -11.87 -10.87
N TYR C 131 3.56 -11.71 -11.99
CA TYR C 131 5.02 -11.68 -12.00
C TYR C 131 5.44 -10.69 -13.08
N HIS C 132 6.22 -9.69 -12.70
CA HIS C 132 6.68 -8.68 -13.66
C HIS C 132 8.17 -8.44 -13.51
N VAL C 133 8.93 -8.76 -14.56
CA VAL C 133 10.38 -8.56 -14.54
C VAL C 133 10.86 -8.02 -15.88
N PHE C 134 11.75 -7.02 -15.85
CA PHE C 134 12.33 -6.52 -17.09
C PHE C 134 13.81 -6.21 -16.84
N ALA C 135 14.61 -6.36 -17.89
CA ALA C 135 16.04 -6.13 -17.81
C ALA C 135 16.58 -5.55 -19.11
N VAL C 136 17.66 -4.77 -18.98
CA VAL C 136 18.34 -4.18 -20.13
C VAL C 136 19.82 -4.37 -19.84
N GLY C 137 20.57 -4.87 -20.81
CA GLY C 137 22.00 -5.09 -20.60
C GLY C 137 22.83 -5.27 -21.85
N GLY C 138 24.15 -5.33 -21.66
CA GLY C 138 25.07 -5.49 -22.77
C GLY C 138 25.47 -6.93 -23.02
N GLU C 139 24.84 -7.84 -22.28
CA GLU C 139 25.08 -9.29 -22.38
C GLU C 139 23.75 -9.97 -22.05
N PRO C 140 23.63 -11.28 -22.34
CA PRO C 140 22.37 -11.97 -22.01
C PRO C 140 22.18 -11.94 -20.49
N LEU C 141 20.94 -11.91 -20.04
CA LEU C 141 20.65 -11.92 -18.60
C LEU C 141 21.16 -13.23 -17.97
N ASP C 142 21.96 -13.11 -16.91
CA ASP C 142 22.49 -14.29 -16.20
C ASP C 142 21.38 -14.87 -15.33
N LEU C 143 21.18 -16.18 -15.43
CA LEU C 143 20.12 -16.87 -14.69
C LEU C 143 20.65 -17.86 -13.66
N GLN C 144 19.89 -17.96 -12.57
CA GLN C 144 20.17 -18.87 -11.46
C GLN C 144 18.93 -19.75 -11.38
N GLY C 145 19.11 -21.06 -11.48
CA GLY C 145 17.98 -21.97 -11.41
C GLY C 145 17.59 -22.25 -9.97
N LEU C 146 16.29 -22.39 -9.74
CA LEU C 146 15.72 -22.69 -8.42
C LEU C 146 14.28 -23.11 -8.68
N VAL C 147 13.92 -24.31 -8.25
CA VAL C 147 12.59 -24.83 -8.48
C VAL C 147 11.87 -25.21 -7.20
N THR C 148 10.56 -25.41 -7.34
CA THR C 148 9.70 -25.83 -6.24
C THR C 148 10.00 -27.30 -5.92
N ASP C 149 10.16 -28.11 -6.96
CA ASP C 149 10.38 -29.54 -6.80
C ASP C 149 11.42 -30.10 -7.75
N ALA C 150 12.53 -30.59 -7.19
CA ALA C 150 13.63 -31.18 -7.95
C ALA C 150 13.20 -32.47 -8.67
N ARG C 151 12.06 -33.02 -8.27
CA ARG C 151 11.53 -34.24 -8.87
C ARG C 151 10.63 -33.97 -10.08
N THR C 152 10.33 -32.70 -10.34
CA THR C 152 9.47 -32.35 -11.48
C THR C 152 10.07 -32.88 -12.78
N LYS C 153 9.24 -33.53 -13.58
CA LYS C 153 9.69 -34.10 -14.85
C LYS C 153 9.37 -33.21 -16.05
N TYR C 154 10.22 -32.23 -16.30
CA TYR C 154 10.06 -31.32 -17.42
C TYR C 154 10.42 -32.05 -18.72
N LYS C 155 9.77 -31.67 -19.83
CA LYS C 155 10.09 -32.27 -21.12
C LYS C 155 11.55 -31.98 -21.43
N GLU C 156 12.22 -32.94 -22.08
CA GLU C 156 13.61 -32.75 -22.44
C GLU C 156 13.79 -31.88 -23.68
N GLU C 157 12.77 -31.85 -24.54
CA GLU C 157 12.82 -31.03 -25.75
C GLU C 157 11.79 -29.93 -25.69
N GLY C 158 12.12 -28.77 -26.26
CA GLY C 158 11.18 -27.67 -26.28
C GLY C 158 11.34 -26.64 -25.19
N VAL C 159 12.11 -26.96 -24.14
CA VAL C 159 12.36 -26.04 -23.03
C VAL C 159 13.77 -26.26 -22.53
N VAL C 160 14.37 -25.21 -21.99
CA VAL C 160 15.72 -25.32 -21.44
C VAL C 160 15.54 -25.32 -19.92
N THR C 161 15.86 -26.46 -19.30
CA THR C 161 15.73 -26.59 -17.86
C THR C 161 17.11 -26.85 -17.25
N ILE C 162 17.15 -27.06 -15.94
CA ILE C 162 18.42 -27.32 -15.25
C ILE C 162 19.14 -28.54 -15.83
N LYS C 163 18.39 -29.60 -16.09
CA LYS C 163 18.98 -30.81 -16.64
C LYS C 163 19.56 -30.56 -18.02
N THR C 164 18.96 -29.64 -18.77
CA THR C 164 19.46 -29.30 -20.11
C THR C 164 20.89 -28.79 -19.99
N ILE C 165 21.13 -28.00 -18.95
CA ILE C 165 22.44 -27.41 -18.70
C ILE C 165 23.44 -28.40 -18.10
N THR C 166 23.06 -29.07 -17.02
CA THR C 166 23.94 -30.00 -16.31
C THR C 166 24.08 -31.40 -16.91
N LYS C 167 23.14 -31.79 -17.77
CA LYS C 167 23.12 -33.11 -18.39
C LYS C 167 22.82 -34.19 -17.34
N LYS C 168 22.41 -33.78 -16.15
CA LYS C 168 22.07 -34.70 -15.06
C LYS C 168 20.75 -34.27 -14.42
N ASP C 169 20.08 -35.20 -13.73
CA ASP C 169 18.82 -34.88 -13.06
C ASP C 169 19.04 -33.83 -11.98
N MET C 170 17.98 -33.11 -11.65
CA MET C 170 18.06 -32.11 -10.59
C MET C 170 18.34 -32.80 -9.25
N VAL C 171 18.98 -32.07 -8.34
CA VAL C 171 19.29 -32.61 -7.02
C VAL C 171 18.49 -31.79 -6.01
N ASN C 172 18.44 -32.23 -4.75
CA ASN C 172 17.66 -31.50 -3.76
C ASN C 172 18.11 -30.06 -3.54
N LYS C 173 19.39 -29.77 -3.76
CA LYS C 173 19.91 -28.41 -3.62
C LYS C 173 19.27 -27.44 -4.63
N ASP C 174 18.70 -27.98 -5.69
CA ASP C 174 18.06 -27.14 -6.72
C ASP C 174 16.76 -26.49 -6.21
N GLN C 175 16.32 -26.90 -5.02
CA GLN C 175 15.14 -26.34 -4.39
C GLN C 175 15.53 -25.12 -3.56
N VAL C 176 16.83 -24.90 -3.41
CA VAL C 176 17.38 -23.73 -2.72
C VAL C 176 18.41 -23.19 -3.72
N LEU C 177 19.47 -22.53 -3.25
CA LEU C 177 20.44 -22.00 -4.19
C LEU C 177 21.61 -22.97 -4.39
N ASN C 178 21.68 -23.52 -5.60
CA ASN C 178 22.75 -24.44 -5.99
C ASN C 178 23.54 -23.68 -7.06
N PRO C 179 24.78 -23.25 -6.72
CA PRO C 179 25.66 -22.50 -7.63
C PRO C 179 25.92 -23.16 -8.98
N ILE C 180 25.78 -24.47 -9.06
CA ILE C 180 26.01 -25.21 -10.30
C ILE C 180 24.91 -24.96 -11.35
N SER C 181 23.70 -24.69 -10.87
CA SER C 181 22.57 -24.48 -11.78
C SER C 181 22.45 -23.06 -12.32
N LYS C 182 23.26 -22.74 -13.32
CA LYS C 182 23.27 -21.42 -13.92
C LYS C 182 23.15 -21.51 -15.44
N ALA C 183 22.62 -20.45 -16.04
CA ALA C 183 22.45 -20.39 -17.48
C ALA C 183 22.39 -18.93 -17.91
N LYS C 184 22.19 -18.70 -19.19
CA LYS C 184 22.09 -17.35 -19.73
C LYS C 184 20.86 -17.28 -20.60
N LEU C 185 20.10 -16.19 -20.49
CA LEU C 185 18.89 -16.02 -21.29
C LEU C 185 19.27 -15.64 -22.73
N ASP C 186 19.61 -16.65 -23.52
CA ASP C 186 20.04 -16.42 -24.90
C ASP C 186 18.98 -16.76 -25.97
N LYS C 187 17.82 -17.26 -25.54
CA LYS C 187 16.75 -17.62 -26.45
C LYS C 187 15.40 -17.15 -25.93
N ASP C 188 14.56 -16.70 -26.85
CA ASP C 188 13.21 -16.25 -26.52
C ASP C 188 12.27 -17.47 -26.41
N GLY C 189 11.34 -17.41 -25.46
CA GLY C 189 10.37 -18.48 -25.29
C GLY C 189 10.87 -19.90 -24.99
N MET C 190 11.97 -20.02 -24.25
CA MET C 190 12.53 -21.34 -23.94
C MET C 190 12.86 -21.60 -22.46
N TYR C 191 13.16 -20.53 -21.71
CA TYR C 191 13.51 -20.66 -20.30
C TYR C 191 12.32 -20.40 -19.38
N PRO C 192 11.79 -21.45 -18.75
CA PRO C 192 10.63 -21.31 -17.84
C PRO C 192 10.90 -20.38 -16.67
N VAL C 193 10.00 -19.44 -16.42
CA VAL C 193 10.17 -18.52 -15.32
C VAL C 193 10.03 -19.18 -13.94
N GLU C 194 9.41 -20.35 -13.88
CA GLU C 194 9.29 -21.02 -12.58
C GLU C 194 10.61 -21.73 -12.24
N ILE C 195 11.57 -21.69 -13.17
CA ILE C 195 12.88 -22.31 -13.00
C ILE C 195 14.04 -21.32 -12.94
N TRP C 196 14.07 -20.41 -13.93
CA TRP C 196 15.16 -19.44 -14.08
C TRP C 196 14.91 -18.03 -13.57
N HIS C 197 15.76 -17.60 -12.65
CA HIS C 197 15.65 -16.29 -12.01
C HIS C 197 16.89 -15.44 -12.24
N PRO C 198 16.76 -14.10 -12.16
CA PRO C 198 17.95 -13.27 -12.37
C PRO C 198 19.02 -13.64 -11.34
N ASP C 199 20.26 -13.80 -11.79
CA ASP C 199 21.37 -14.15 -10.91
C ASP C 199 22.02 -12.90 -10.30
N PRO C 200 21.86 -12.68 -8.98
CA PRO C 200 22.45 -11.50 -8.34
C PRO C 200 23.99 -11.55 -8.21
N ALA C 201 24.56 -12.74 -8.35
CA ALA C 201 26.02 -12.91 -8.26
C ALA C 201 26.73 -12.50 -9.56
N LYS C 202 25.97 -12.30 -10.63
CA LYS C 202 26.54 -11.89 -11.91
C LYS C 202 25.81 -10.64 -12.42
N ASN C 203 25.48 -10.59 -13.71
CA ASN C 203 24.77 -9.44 -14.30
C ASN C 203 25.43 -8.10 -13.99
N GLU C 204 26.75 -8.06 -14.13
CA GLU C 204 27.51 -6.86 -13.87
C GLU C 204 27.23 -5.81 -14.93
N ASN C 205 26.73 -6.25 -16.07
CA ASN C 205 26.45 -5.37 -17.20
C ASN C 205 24.97 -5.33 -17.59
N THR C 206 24.09 -5.62 -16.64
CA THR C 206 22.65 -5.63 -16.88
C THR C 206 21.96 -5.10 -15.64
N ARG C 207 20.84 -4.39 -15.83
CA ARG C 207 20.05 -3.89 -14.71
C ARG C 207 18.71 -4.61 -14.84
N TYR C 208 18.25 -5.26 -13.78
CA TYR C 208 16.98 -5.97 -13.82
C TYR C 208 16.10 -5.54 -12.65
N PHE C 209 14.79 -5.52 -12.89
CA PHE C 209 13.80 -5.09 -11.90
C PHE C 209 12.63 -6.07 -11.91
N GLY C 210 12.38 -6.71 -10.78
CA GLY C 210 11.29 -7.67 -10.72
C GLY C 210 10.44 -7.59 -9.47
N ASN C 211 9.20 -8.04 -9.58
CA ASN C 211 8.28 -8.07 -8.46
C ASN C 211 7.30 -9.22 -8.64
N TYR C 212 6.84 -9.76 -7.52
CA TYR C 212 5.95 -10.90 -7.53
C TYR C 212 4.84 -10.73 -6.51
N THR C 213 3.63 -11.15 -6.89
CA THR C 213 2.47 -11.13 -6.01
C THR C 213 1.78 -12.48 -6.25
N GLY C 214 1.68 -13.30 -5.21
CA GLY C 214 1.08 -14.61 -5.36
C GLY C 214 -0.43 -14.68 -5.14
N GLY C 215 -0.89 -15.85 -4.69
CA GLY C 215 -2.30 -16.03 -4.44
C GLY C 215 -3.05 -16.68 -5.58
N THR C 216 -4.28 -17.10 -5.28
CA THR C 216 -5.12 -17.76 -6.27
C THR C 216 -6.13 -16.81 -6.95
N THR C 217 -6.62 -15.82 -6.21
CA THR C 217 -7.61 -14.90 -6.78
C THR C 217 -7.26 -13.44 -6.56
N THR C 218 -5.99 -13.17 -6.31
CA THR C 218 -5.51 -11.82 -6.06
C THR C 218 -5.82 -10.89 -7.24
N PRO C 219 -6.35 -9.69 -6.96
CA PRO C 219 -6.69 -8.73 -8.02
C PRO C 219 -5.41 -8.28 -8.74
N PRO C 220 -5.43 -8.26 -10.09
CA PRO C 220 -4.24 -7.82 -10.84
C PRO C 220 -4.17 -6.29 -10.73
N VAL C 221 -2.96 -5.74 -10.62
CA VAL C 221 -2.77 -4.30 -10.51
C VAL C 221 -1.69 -3.89 -11.51
N LEU C 222 -1.87 -2.75 -12.17
CA LEU C 222 -0.88 -2.29 -13.14
C LEU C 222 -0.99 -0.80 -13.39
N GLN C 223 0.15 -0.13 -13.57
CA GLN C 223 0.18 1.30 -13.87
C GLN C 223 0.85 1.43 -15.24
N PHE C 224 0.52 2.48 -15.97
CA PHE C 224 1.11 2.71 -17.28
C PHE C 224 1.06 4.19 -17.61
N THR C 225 2.20 4.75 -18.02
CA THR C 225 2.30 6.15 -18.36
C THR C 225 3.53 6.35 -19.25
N ASN C 226 3.49 7.35 -20.13
CA ASN C 226 4.65 7.60 -20.97
C ASN C 226 5.53 8.68 -20.36
N THR C 227 5.33 8.95 -19.07
CA THR C 227 6.10 9.98 -18.36
C THR C 227 7.12 9.43 -17.37
N LEU C 228 7.19 8.11 -17.23
CA LEU C 228 8.10 7.49 -16.28
C LEU C 228 9.38 6.95 -16.92
N THR C 229 10.52 7.51 -16.49
CA THR C 229 11.82 7.08 -17.00
C THR C 229 12.55 6.26 -15.94
N THR C 230 13.09 5.13 -16.34
CA THR C 230 13.85 4.27 -15.43
C THR C 230 15.33 4.50 -15.68
N VAL C 231 16.03 4.95 -14.65
CA VAL C 231 17.45 5.22 -14.72
C VAL C 231 18.24 3.90 -14.72
N LEU C 232 19.19 3.77 -15.65
CA LEU C 232 20.00 2.55 -15.74
C LEU C 232 21.44 2.75 -15.27
N LEU C 233 21.77 3.98 -14.87
CA LEU C 233 23.11 4.32 -14.39
C LEU C 233 23.32 3.77 -12.98
N ASP C 234 24.51 3.22 -12.71
CA ASP C 234 24.81 2.69 -11.38
C ASP C 234 25.21 3.80 -10.41
N GLU C 235 25.75 3.43 -9.25
CA GLU C 235 26.16 4.40 -8.24
C GLU C 235 27.29 5.34 -8.70
N ASN C 236 28.03 4.93 -9.73
CA ASN C 236 29.13 5.74 -10.27
C ASN C 236 28.74 6.55 -11.50
N GLY C 237 27.46 6.52 -11.87
CA GLY C 237 27.00 7.26 -13.02
C GLY C 237 27.27 6.58 -14.35
N VAL C 238 27.55 5.28 -14.30
CA VAL C 238 27.83 4.51 -15.51
C VAL C 238 26.72 3.48 -15.71
N GLY C 239 26.15 3.43 -16.91
CA GLY C 239 25.09 2.47 -17.17
C GLY C 239 25.69 1.23 -17.81
N PRO C 240 24.87 0.25 -18.22
CA PRO C 240 25.35 -0.98 -18.85
C PRO C 240 26.12 -0.63 -20.14
N LEU C 241 27.25 -1.30 -20.35
CA LEU C 241 28.05 -1.05 -21.54
C LEU C 241 27.93 -2.20 -22.54
N CYS C 242 27.69 -1.87 -23.81
CA CYS C 242 27.58 -2.91 -24.82
C CYS C 242 28.98 -3.29 -25.31
N LYS C 243 29.48 -4.41 -24.80
CA LYS C 243 30.79 -4.91 -25.17
C LYS C 243 30.85 -5.44 -26.60
N GLY C 244 29.83 -6.19 -27.01
CA GLY C 244 29.81 -6.73 -28.36
C GLY C 244 28.74 -6.14 -29.27
N GLU C 245 28.48 -4.84 -29.10
CA GLU C 245 27.48 -4.11 -29.88
C GLU C 245 26.11 -4.77 -30.14
N GLY C 246 25.62 -5.47 -29.12
CA GLY C 246 24.33 -6.13 -29.17
C GLY C 246 23.65 -5.82 -27.83
N LEU C 247 22.51 -5.14 -27.89
CA LEU C 247 21.76 -4.77 -26.69
C LEU C 247 20.75 -5.87 -26.36
N TYR C 248 20.65 -6.25 -25.09
CA TYR C 248 19.73 -7.31 -24.67
C TYR C 248 18.54 -6.80 -23.84
N LEU C 249 17.35 -7.21 -24.27
CA LEU C 249 16.10 -6.85 -23.60
C LEU C 249 15.47 -8.16 -23.13
N SER C 250 15.04 -8.20 -21.86
CA SER C 250 14.43 -9.40 -21.30
C SER C 250 13.22 -9.03 -20.44
N CYS C 251 12.19 -9.87 -20.44
CA CYS C 251 11.01 -9.60 -19.62
C CYS C 251 10.01 -10.75 -19.54
N VAL C 252 9.08 -10.60 -18.61
CA VAL C 252 7.99 -11.54 -18.39
C VAL C 252 6.95 -10.74 -17.63
N ASP C 253 5.71 -10.78 -18.11
CA ASP C 253 4.62 -10.05 -17.49
C ASP C 253 3.36 -10.88 -17.41
N ILE C 254 3.26 -11.63 -16.32
CA ILE C 254 2.11 -12.50 -16.06
C ILE C 254 1.09 -11.72 -15.23
N MET C 255 -0.15 -11.69 -15.72
CA MET C 255 -1.25 -10.97 -15.08
C MET C 255 -2.14 -11.84 -14.19
N GLY C 256 -2.02 -13.15 -14.34
CA GLY C 256 -2.84 -14.08 -13.58
C GLY C 256 -3.37 -15.18 -14.48
N TRP C 257 -4.52 -15.74 -14.14
CA TRP C 257 -5.14 -16.81 -14.93
C TRP C 257 -6.59 -16.49 -15.19
N ARG C 258 -7.14 -17.07 -16.25
CA ARG C 258 -8.56 -16.99 -16.50
C ARG C 258 -8.95 -18.46 -16.24
N VAL C 259 -10.17 -18.68 -15.77
CA VAL C 259 -10.65 -20.03 -15.44
C VAL C 259 -11.85 -20.41 -16.34
N THR C 260 -11.81 -21.59 -16.95
CA THR C 260 -12.90 -22.04 -17.81
C THR C 260 -14.08 -22.62 -17.04
N ARG C 261 -15.15 -22.96 -17.75
CA ARG C 261 -16.34 -23.55 -17.14
C ARG C 261 -16.22 -25.05 -17.02
N ASN C 262 -15.04 -25.58 -17.63
CA ASN C 262 -14.82 -27.02 -17.63
C ASN C 262 -13.78 -27.42 -16.59
N TYR C 263 -14.10 -28.00 -15.33
CA TYR C 263 -13.17 -28.45 -14.32
C TYR C 263 -12.16 -27.39 -13.87
N ASP C 264 -12.60 -26.13 -13.82
CA ASP C 264 -11.74 -25.03 -13.40
C ASP C 264 -10.37 -24.99 -14.07
N VAL C 265 -10.29 -25.31 -15.36
CA VAL C 265 -9.02 -25.27 -16.08
C VAL C 265 -8.50 -23.81 -16.12
N HIS C 266 -7.24 -23.62 -15.72
CA HIS C 266 -6.63 -22.30 -15.69
C HIS C 266 -5.70 -22.09 -16.89
N HIS C 267 -5.69 -20.86 -17.40
CA HIS C 267 -4.81 -20.48 -18.51
C HIS C 267 -4.10 -19.21 -18.07
N TRP C 268 -2.77 -19.22 -18.07
CA TRP C 268 -1.99 -18.04 -17.70
C TRP C 268 -2.25 -16.95 -18.75
N ARG C 269 -2.23 -15.68 -18.34
CA ARG C 269 -2.40 -14.56 -19.26
C ARG C 269 -1.16 -13.68 -19.11
N GLY C 270 -0.56 -13.32 -20.24
CA GLY C 270 0.60 -12.45 -20.23
C GLY C 270 0.32 -11.25 -21.13
N LEU C 271 1.07 -10.16 -20.93
CA LEU C 271 0.89 -8.95 -21.74
C LEU C 271 2.24 -8.50 -22.30
N PRO C 272 2.23 -7.84 -23.47
CA PRO C 272 3.48 -7.37 -24.08
C PRO C 272 4.10 -6.18 -23.35
N ARG C 273 5.42 -6.02 -23.52
CA ARG C 273 6.11 -4.93 -22.88
C ARG C 273 6.85 -4.09 -23.92
N TYR C 274 6.74 -2.77 -23.79
CA TYR C 274 7.38 -1.83 -24.70
C TYR C 274 8.66 -1.30 -24.05
N PHE C 275 9.68 -1.05 -24.87
CA PHE C 275 10.97 -0.54 -24.40
C PHE C 275 11.45 0.61 -25.28
N LYS C 276 11.90 1.70 -24.67
CA LYS C 276 12.49 2.82 -25.43
C LYS C 276 13.76 3.16 -24.65
N ILE C 277 14.90 2.69 -25.16
CA ILE C 277 16.19 2.89 -24.50
C ILE C 277 16.99 4.06 -25.07
N THR C 278 17.52 4.89 -24.18
CA THR C 278 18.36 6.02 -24.58
C THR C 278 19.80 5.60 -24.32
N LEU C 279 20.64 5.70 -25.33
CA LEU C 279 22.04 5.32 -25.19
C LEU C 279 22.94 6.48 -25.63
N ARG C 280 24.17 6.48 -25.12
CA ARG C 280 25.14 7.52 -25.46
C ARG C 280 26.49 6.82 -25.59
N LYS C 281 27.41 7.43 -26.34
CA LYS C 281 28.74 6.86 -26.52
C LYS C 281 29.64 7.25 -25.36
N ARG C 282 30.45 6.30 -24.90
CA ARG C 282 31.36 6.51 -23.78
C ARG C 282 32.79 6.20 -24.17
N TRP C 283 33.73 6.98 -23.67
CA TRP C 283 35.15 6.75 -23.93
C TRP C 283 35.61 5.74 -22.89
N VAL C 284 36.20 4.63 -23.34
CA VAL C 284 36.71 3.61 -22.41
C VAL C 284 38.15 3.27 -22.78
N LYS C 285 38.98 3.06 -21.77
CA LYS C 285 40.39 2.73 -21.95
C LYS C 285 40.59 1.54 -22.89
N GLY D 1 7.37 25.82 -38.87
CA GLY D 1 8.01 24.81 -39.71
C GLY D 1 8.75 23.77 -38.91
N GLY D 2 10.02 24.04 -38.62
CA GLY D 2 10.84 23.10 -37.87
C GLY D 2 10.52 23.13 -36.37
N MET D 3 10.47 21.96 -35.76
CA MET D 3 10.15 21.86 -34.33
C MET D 3 11.31 22.11 -33.37
N GLU D 4 12.00 23.23 -33.55
CA GLU D 4 13.09 23.60 -32.67
C GLU D 4 12.42 24.49 -31.61
N VAL D 5 12.47 24.05 -30.36
CA VAL D 5 11.86 24.78 -29.26
C VAL D 5 12.79 25.87 -28.75
N LEU D 6 12.28 27.10 -28.69
CA LEU D 6 13.07 28.24 -28.24
C LEU D 6 12.60 28.78 -26.89
N ASP D 7 12.60 30.11 -26.75
CA ASP D 7 12.20 30.78 -25.51
C ASP D 7 10.70 30.83 -25.27
N LEU D 8 10.34 31.16 -24.03
CA LEU D 8 8.94 31.31 -23.64
C LEU D 8 8.55 32.73 -24.01
N VAL D 9 7.38 32.89 -24.61
CA VAL D 9 6.87 34.20 -25.01
C VAL D 9 6.45 34.97 -23.75
N THR D 10 6.82 36.25 -23.65
CA THR D 10 6.42 37.05 -22.50
C THR D 10 5.46 38.15 -22.96
N GLY D 11 4.83 38.84 -22.02
CA GLY D 11 3.92 39.90 -22.37
C GLY D 11 2.45 39.63 -22.16
N PRO D 12 1.59 40.58 -22.56
CA PRO D 12 0.13 40.43 -22.40
C PRO D 12 -0.42 39.16 -23.06
N ASP D 13 -1.18 38.41 -22.27
CA ASP D 13 -1.85 37.18 -22.73
C ASP D 13 -0.92 36.06 -23.19
N SER D 14 0.26 35.95 -22.59
CA SER D 14 1.20 34.89 -22.98
C SER D 14 0.92 33.58 -22.24
N VAL D 15 0.04 33.63 -21.25
CA VAL D 15 -0.32 32.45 -20.46
C VAL D 15 -1.86 32.41 -20.40
N THR D 16 -2.43 31.21 -20.31
CA THR D 16 -3.88 31.08 -20.23
C THR D 16 -4.29 29.77 -19.53
N GLU D 17 -5.56 29.67 -19.14
CA GLU D 17 -6.10 28.49 -18.47
C GLU D 17 -7.33 28.01 -19.22
N ILE D 18 -7.49 26.70 -19.29
CA ILE D 18 -8.62 26.06 -19.95
C ILE D 18 -9.26 25.09 -18.96
N GLU D 19 -10.58 25.17 -18.78
CA GLU D 19 -11.30 24.28 -17.89
C GLU D 19 -12.32 23.48 -18.69
N ALA D 20 -12.52 22.23 -18.30
CA ALA D 20 -13.46 21.37 -18.99
C ALA D 20 -13.75 20.14 -18.15
N PHE D 21 -14.94 19.57 -18.36
CA PHE D 21 -15.31 18.35 -17.65
C PHE D 21 -15.73 17.35 -18.72
N LEU D 22 -15.32 16.11 -18.54
CA LEU D 22 -15.69 15.05 -19.48
C LEU D 22 -16.56 14.05 -18.75
N ASN D 23 -17.79 13.90 -19.21
CA ASN D 23 -18.71 12.93 -18.62
C ASN D 23 -18.32 11.53 -19.08
N PRO D 24 -18.55 10.51 -18.22
CA PRO D 24 -18.20 9.14 -18.58
C PRO D 24 -19.04 8.57 -19.73
N ARG D 25 -18.48 7.58 -20.43
CA ARG D 25 -19.17 6.92 -21.54
C ARG D 25 -19.17 5.41 -21.25
N MET D 26 -20.01 5.01 -20.29
CA MET D 26 -20.11 3.61 -19.87
C MET D 26 -20.96 2.67 -20.73
N GLY D 27 -21.79 3.23 -21.60
CA GLY D 27 -22.62 2.40 -22.46
C GLY D 27 -23.92 3.07 -22.85
N GLN D 28 -24.67 3.53 -21.87
CA GLN D 28 -25.93 4.22 -22.14
C GLN D 28 -25.62 5.66 -22.56
N PRO D 29 -26.11 6.08 -23.75
CA PRO D 29 -25.86 7.45 -24.22
C PRO D 29 -26.60 8.49 -23.37
N PRO D 30 -26.29 9.79 -23.53
CA PRO D 30 -26.95 10.83 -22.73
C PRO D 30 -28.46 10.90 -22.96
N THR D 31 -28.92 10.48 -24.13
CA THR D 31 -30.33 10.48 -24.48
C THR D 31 -30.72 9.05 -24.87
N PRO D 32 -32.00 8.67 -24.71
CA PRO D 32 -33.13 9.48 -24.20
C PRO D 32 -32.93 9.92 -22.75
N GLU D 33 -33.43 11.12 -22.44
CA GLU D 33 -33.29 11.67 -21.09
C GLU D 33 -34.28 11.09 -20.09
N SER D 34 -35.40 10.58 -20.59
CA SER D 34 -36.44 9.99 -19.74
C SER D 34 -35.92 8.95 -18.77
N LEU D 35 -36.31 9.09 -17.51
CA LEU D 35 -35.89 8.17 -16.47
C LEU D 35 -36.66 6.85 -16.49
N THR D 36 -37.50 6.65 -17.50
CA THR D 36 -38.23 5.39 -17.62
C THR D 36 -37.97 4.74 -18.98
N GLU D 37 -37.28 5.46 -19.86
CA GLU D 37 -37.00 4.95 -21.20
C GLU D 37 -35.52 4.56 -21.42
N GLY D 38 -34.70 4.67 -20.37
CA GLY D 38 -33.31 4.32 -20.52
C GLY D 38 -32.37 5.36 -19.92
N GLY D 39 -32.87 6.58 -19.74
CA GLY D 39 -32.04 7.64 -19.19
C GLY D 39 -31.61 7.35 -17.76
N GLN D 40 -32.33 6.46 -17.08
CA GLN D 40 -31.98 6.10 -15.71
C GLN D 40 -30.65 5.34 -15.64
N TYR D 41 -30.14 4.92 -16.79
CA TYR D 41 -28.85 4.21 -16.85
C TYR D 41 -27.68 5.12 -17.26
N TYR D 42 -27.94 6.41 -17.48
CA TYR D 42 -26.88 7.33 -17.88
C TYR D 42 -25.85 7.43 -16.76
N GLY D 43 -24.58 7.20 -17.09
CA GLY D 43 -23.51 7.21 -16.11
C GLY D 43 -23.13 5.76 -15.82
N TRP D 44 -23.90 4.83 -16.41
CA TRP D 44 -23.71 3.38 -16.24
C TRP D 44 -23.79 2.71 -17.61
N SER D 45 -23.51 1.43 -17.66
CA SER D 45 -23.63 0.68 -18.90
C SER D 45 -24.98 -0.02 -18.77
N ARG D 46 -25.43 -0.67 -19.83
CA ARG D 46 -26.66 -1.45 -19.74
C ARG D 46 -26.17 -2.82 -19.22
N GLY D 47 -27.11 -3.71 -18.88
CA GLY D 47 -26.74 -5.01 -18.34
C GLY D 47 -25.77 -5.80 -19.18
N ILE D 48 -24.64 -6.19 -18.58
CA ILE D 48 -23.62 -6.96 -19.30
C ILE D 48 -24.15 -8.33 -19.74
N ASN D 49 -24.03 -8.63 -21.03
CA ASN D 49 -24.50 -9.89 -21.60
C ASN D 49 -23.31 -10.83 -21.85
N LEU D 50 -23.45 -12.09 -21.43
CA LEU D 50 -22.37 -13.08 -21.59
C LEU D 50 -22.42 -13.92 -22.86
N ALA D 51 -21.25 -14.43 -23.25
CA ALA D 51 -21.10 -15.28 -24.43
C ALA D 51 -21.97 -16.53 -24.24
N THR D 52 -22.46 -17.10 -25.34
CA THR D 52 -23.28 -18.30 -25.25
C THR D 52 -22.45 -19.57 -25.43
N SER D 53 -21.21 -19.41 -25.89
CA SER D 53 -20.29 -20.53 -26.09
C SER D 53 -18.88 -19.97 -26.28
N ASP D 54 -17.91 -20.87 -26.41
CA ASP D 54 -16.52 -20.51 -26.62
C ASP D 54 -16.32 -19.78 -27.97
N THR D 55 -17.28 -19.93 -28.89
CA THR D 55 -17.16 -19.32 -30.21
C THR D 55 -18.24 -18.27 -30.51
N GLU D 56 -19.07 -17.95 -29.53
CA GLU D 56 -20.14 -16.99 -29.73
C GLU D 56 -20.18 -15.92 -28.63
N ASP D 57 -19.37 -14.89 -28.81
CA ASP D 57 -19.25 -13.80 -27.87
C ASP D 57 -19.50 -12.47 -28.61
N SER D 58 -20.67 -11.90 -28.43
CA SER D 58 -21.03 -10.65 -29.09
C SER D 58 -21.63 -9.66 -28.09
N PRO D 59 -20.77 -8.84 -27.46
CA PRO D 59 -21.28 -7.87 -26.48
C PRO D 59 -22.09 -6.75 -27.11
N GLY D 60 -23.13 -6.30 -26.42
CA GLY D 60 -23.92 -5.19 -26.90
C GLY D 60 -23.08 -3.93 -26.75
N ASN D 61 -23.16 -3.01 -27.71
CA ASN D 61 -22.38 -1.76 -27.64
C ASN D 61 -22.67 -0.97 -26.35
N ASN D 62 -23.93 -0.97 -25.92
CA ASN D 62 -24.28 -0.23 -24.72
C ASN D 62 -23.81 -0.91 -23.42
N THR D 63 -23.02 -1.98 -23.53
CA THR D 63 -22.48 -2.66 -22.36
C THR D 63 -20.96 -2.46 -22.31
N LEU D 64 -20.40 -1.80 -23.33
CA LEU D 64 -18.96 -1.57 -23.42
C LEU D 64 -18.53 -0.14 -23.14
N PRO D 65 -17.80 0.08 -22.03
CA PRO D 65 -17.35 1.45 -21.74
C PRO D 65 -16.35 1.88 -22.82
N THR D 66 -16.44 3.14 -23.23
CA THR D 66 -15.57 3.69 -24.26
C THR D 66 -14.83 4.92 -23.74
N TRP D 67 -13.80 5.33 -24.45
CA TRP D 67 -13.03 6.51 -24.09
C TRP D 67 -13.87 7.79 -24.21
N SER D 68 -13.63 8.73 -23.29
CA SER D 68 -14.27 10.04 -23.33
C SER D 68 -13.18 10.92 -23.93
N MET D 69 -13.57 11.89 -24.77
CA MET D 69 -12.58 12.81 -25.35
C MET D 69 -13.24 14.12 -25.78
N ALA D 70 -12.44 15.18 -25.81
CA ALA D 70 -12.88 16.51 -26.23
C ALA D 70 -11.72 17.26 -26.86
N LYS D 71 -12.02 18.06 -27.86
CA LYS D 71 -11.02 18.88 -28.55
C LYS D 71 -11.45 20.32 -28.25
N LEU D 72 -10.57 21.09 -27.62
CA LEU D 72 -10.89 22.45 -27.24
C LEU D 72 -10.07 23.48 -28.02
N GLN D 73 -10.72 24.57 -28.40
CA GLN D 73 -10.06 25.65 -29.13
C GLN D 73 -9.30 26.56 -28.19
N LEU D 74 -8.12 26.97 -28.60
CA LEU D 74 -7.27 27.87 -27.83
C LEU D 74 -7.31 29.23 -28.54
N PRO D 75 -6.98 30.33 -27.84
CA PRO D 75 -6.99 31.65 -28.50
C PRO D 75 -5.95 31.69 -29.63
N MET D 76 -6.26 32.44 -30.70
CA MET D 76 -5.34 32.53 -31.84
C MET D 76 -3.97 33.13 -31.57
N LEU D 77 -3.03 32.88 -32.47
CA LEU D 77 -1.66 33.36 -32.30
C LEU D 77 -1.04 34.14 -33.48
N ASN D 78 -0.50 33.41 -34.45
CA ASN D 78 0.19 33.99 -35.59
C ASN D 78 -0.68 34.65 -36.67
N GLU D 79 -0.26 35.83 -37.09
CA GLU D 79 -0.92 36.61 -38.14
C GLU D 79 -0.35 36.17 -39.49
N ASP D 80 0.99 36.14 -39.55
CA ASP D 80 1.71 35.72 -40.73
C ASP D 80 2.20 34.29 -40.48
N LEU D 81 1.68 33.35 -41.26
CA LEU D 81 2.05 31.93 -41.12
C LEU D 81 3.38 31.60 -41.81
N THR D 82 3.74 32.39 -42.82
CA THR D 82 4.99 32.17 -43.55
C THR D 82 6.18 32.90 -42.90
N CYS D 83 6.38 32.68 -41.60
CA CYS D 83 7.47 33.30 -40.86
C CYS D 83 8.42 32.22 -40.37
N ASP D 84 9.69 32.57 -40.19
CA ASP D 84 10.71 31.63 -39.73
C ASP D 84 10.52 31.16 -38.28
N THR D 85 10.16 32.07 -37.40
CA THR D 85 9.93 31.75 -35.99
C THR D 85 8.47 32.07 -35.66
N LEU D 86 7.77 31.09 -35.11
CA LEU D 86 6.36 31.23 -34.76
C LEU D 86 6.13 30.97 -33.28
N GLN D 87 4.86 31.04 -32.89
CA GLN D 87 4.46 30.78 -31.52
C GLN D 87 3.50 29.60 -31.49
N MET D 88 3.64 28.76 -30.48
CA MET D 88 2.80 27.59 -30.30
C MET D 88 2.38 27.52 -28.84
N TRP D 89 1.17 27.02 -28.61
CA TRP D 89 0.68 26.86 -27.25
C TRP D 89 1.32 25.62 -26.67
N GLU D 90 1.75 25.72 -25.42
CA GLU D 90 2.41 24.63 -24.72
C GLU D 90 1.67 24.37 -23.40
N ALA D 91 1.30 23.11 -23.18
CA ALA D 91 0.61 22.71 -21.95
C ALA D 91 1.67 22.50 -20.89
N VAL D 92 1.60 23.28 -19.81
CA VAL D 92 2.57 23.20 -18.73
C VAL D 92 2.17 22.21 -17.65
N SER D 93 0.91 22.25 -17.24
CA SER D 93 0.41 21.39 -16.18
C SER D 93 -1.10 21.28 -16.21
N VAL D 94 -1.63 20.35 -15.42
CA VAL D 94 -3.07 20.13 -15.34
C VAL D 94 -3.49 19.70 -13.95
N LYS D 95 -4.61 20.26 -13.49
CA LYS D 95 -5.20 19.88 -12.23
C LYS D 95 -6.39 19.06 -12.69
N THR D 96 -6.40 17.77 -12.37
CA THR D 96 -7.49 16.92 -12.80
C THR D 96 -8.09 16.22 -11.59
N GLU D 97 -9.38 15.93 -11.64
CA GLU D 97 -10.05 15.30 -10.51
C GLU D 97 -11.26 14.48 -10.95
N VAL D 98 -11.40 13.29 -10.39
CA VAL D 98 -12.55 12.43 -10.70
C VAL D 98 -13.57 12.82 -9.63
N VAL D 99 -14.70 13.35 -10.07
CA VAL D 99 -15.76 13.83 -9.16
C VAL D 99 -16.92 12.88 -8.92
N GLY D 100 -17.37 12.81 -7.68
CA GLY D 100 -18.53 12.00 -7.34
C GLY D 100 -18.39 10.68 -6.60
N SER D 101 -17.20 10.31 -6.13
CA SER D 101 -17.06 9.04 -5.42
C SER D 101 -18.00 8.95 -4.22
N GLY D 102 -18.33 10.10 -3.64
CA GLY D 102 -19.24 10.11 -2.50
C GLY D 102 -20.61 9.52 -2.82
N SER D 103 -21.02 9.57 -4.09
CA SER D 103 -22.31 9.03 -4.50
C SER D 103 -22.35 7.50 -4.31
N LEU D 104 -21.17 6.88 -4.29
CA LEU D 104 -21.08 5.45 -4.11
C LEU D 104 -21.46 5.04 -2.68
N LEU D 105 -21.64 6.04 -1.81
CA LEU D 105 -22.04 5.81 -0.43
C LEU D 105 -23.55 5.54 -0.34
N ASP D 106 -24.23 5.57 -1.47
CA ASP D 106 -25.67 5.26 -1.50
C ASP D 106 -25.77 3.73 -1.47
N VAL D 107 -26.11 3.20 -0.31
CA VAL D 107 -26.27 1.75 -0.16
C VAL D 107 -27.70 1.45 0.29
N HIS D 108 -28.63 2.32 -0.12
CA HIS D 108 -30.05 2.17 0.25
C HIS D 108 -30.96 1.87 -0.95
N GLY D 109 -30.35 1.57 -2.10
CA GLY D 109 -31.10 1.26 -3.30
C GLY D 109 -31.65 -0.15 -3.39
N PHE D 110 -31.85 -0.61 -4.63
CA PHE D 110 -32.43 -1.93 -4.89
C PHE D 110 -31.45 -2.92 -5.54
N ASN D 111 -30.15 -2.75 -5.29
CA ASN D 111 -29.15 -3.67 -5.84
C ASN D 111 -29.26 -4.97 -5.04
N LYS D 112 -28.51 -5.98 -5.46
CA LYS D 112 -28.46 -7.27 -4.76
C LYS D 112 -28.12 -6.92 -3.29
N PRO D 113 -28.92 -7.42 -2.31
CA PRO D 113 -28.65 -7.11 -0.90
C PRO D 113 -27.50 -7.94 -0.30
N THR D 114 -26.87 -7.42 0.74
CA THR D 114 -25.76 -8.13 1.40
C THR D 114 -26.22 -9.40 2.14
N ASP D 115 -27.47 -9.44 2.56
CA ASP D 115 -28.03 -10.61 3.24
C ASP D 115 -29.06 -11.21 2.28
N THR D 116 -28.65 -12.19 1.49
CA THR D 116 -29.55 -12.82 0.52
C THR D 116 -30.55 -13.79 1.14
N VAL D 117 -30.22 -14.33 2.31
CA VAL D 117 -31.14 -15.25 2.98
C VAL D 117 -32.48 -14.55 3.24
N ASN D 118 -32.41 -13.36 3.85
CA ASN D 118 -33.61 -12.59 4.17
C ASN D 118 -33.87 -11.42 3.24
N THR D 119 -32.98 -11.18 2.29
CA THR D 119 -33.11 -10.03 1.37
C THR D 119 -33.09 -8.76 2.24
N LYS D 120 -32.04 -8.65 3.05
CA LYS D 120 -31.88 -7.53 3.96
C LYS D 120 -30.43 -7.02 3.89
N GLY D 121 -30.00 -6.32 4.94
CA GLY D 121 -28.66 -5.78 4.99
C GLY D 121 -28.66 -4.43 4.30
N ILE D 122 -27.76 -4.25 3.34
CA ILE D 122 -27.70 -3.01 2.59
C ILE D 122 -27.65 -3.35 1.11
N SER D 123 -27.90 -2.35 0.27
CA SER D 123 -27.84 -2.48 -1.18
C SER D 123 -26.34 -2.51 -1.48
N THR D 124 -25.84 -3.66 -1.95
CA THR D 124 -24.41 -3.81 -2.24
C THR D 124 -23.85 -2.66 -3.06
N PRO D 125 -22.83 -1.97 -2.53
CA PRO D 125 -22.23 -0.84 -3.25
C PRO D 125 -21.38 -1.30 -4.45
N VAL D 126 -21.03 -0.35 -5.31
CA VAL D 126 -20.21 -0.60 -6.48
C VAL D 126 -18.85 -1.20 -6.06
N GLU D 127 -18.44 -2.26 -6.74
CA GLU D 127 -17.18 -2.95 -6.44
C GLU D 127 -16.64 -3.59 -7.71
N GLY D 128 -15.40 -4.07 -7.65
CA GLY D 128 -14.81 -4.77 -8.78
C GLY D 128 -13.66 -4.10 -9.49
N SER D 129 -13.56 -4.37 -10.78
CA SER D 129 -12.50 -3.82 -11.63
C SER D 129 -12.62 -2.31 -11.80
N GLN D 130 -11.48 -1.64 -11.66
CA GLN D 130 -11.39 -0.19 -11.77
C GLN D 130 -10.33 0.17 -12.81
N TYR D 131 -10.60 1.23 -13.57
CA TYR D 131 -9.71 1.65 -14.63
C TYR D 131 -9.71 3.17 -14.69
N HIS D 132 -8.55 3.79 -14.50
CA HIS D 132 -8.44 5.24 -14.51
C HIS D 132 -7.31 5.70 -15.42
N VAL D 133 -7.66 6.43 -16.47
CA VAL D 133 -6.68 6.94 -17.42
C VAL D 133 -7.07 8.36 -17.84
N PHE D 134 -6.09 9.24 -17.96
CA PHE D 134 -6.35 10.59 -18.46
C PHE D 134 -5.15 11.01 -19.30
N ALA D 135 -5.40 11.91 -20.25
CA ALA D 135 -4.34 12.38 -21.14
C ALA D 135 -4.64 13.79 -21.58
N VAL D 136 -3.57 14.51 -21.91
CA VAL D 136 -3.65 15.88 -22.41
C VAL D 136 -2.59 15.96 -23.51
N GLY D 137 -2.96 16.43 -24.69
CA GLY D 137 -1.99 16.53 -25.76
C GLY D 137 -2.39 17.49 -26.86
N GLY D 138 -1.50 17.65 -27.84
CA GLY D 138 -1.76 18.55 -28.95
C GLY D 138 -2.29 17.83 -30.17
N GLU D 139 -2.46 16.51 -30.07
CA GLU D 139 -2.97 15.68 -31.15
C GLU D 139 -3.86 14.65 -30.48
N PRO D 140 -4.69 13.93 -31.28
CA PRO D 140 -5.56 12.92 -30.65
C PRO D 140 -4.65 11.85 -30.03
N LEU D 141 -5.09 11.24 -28.93
CA LEU D 141 -4.33 10.20 -28.27
C LEU D 141 -4.11 9.03 -29.25
N ASP D 142 -2.87 8.60 -29.42
CA ASP D 142 -2.57 7.47 -30.30
C ASP D 142 -2.95 6.17 -29.57
N LEU D 143 -3.68 5.31 -30.26
CA LEU D 143 -4.15 4.06 -29.69
C LEU D 143 -3.53 2.82 -30.31
N GLN D 144 -3.34 1.80 -29.46
CA GLN D 144 -2.80 0.50 -29.85
C GLN D 144 -3.90 -0.49 -29.45
N GLY D 145 -4.34 -1.31 -30.40
CA GLY D 145 -5.37 -2.28 -30.11
C GLY D 145 -4.80 -3.58 -29.55
N LEU D 146 -5.53 -4.18 -28.62
CA LEU D 146 -5.15 -5.46 -27.99
C LEU D 146 -6.40 -5.93 -27.27
N VAL D 147 -6.82 -7.16 -27.57
CA VAL D 147 -8.03 -7.69 -26.97
C VAL D 147 -7.83 -9.03 -26.24
N THR D 148 -8.83 -9.39 -25.45
CA THR D 148 -8.81 -10.66 -24.73
C THR D 148 -8.99 -11.82 -25.71
N ASP D 149 -9.91 -11.65 -26.66
CA ASP D 149 -10.25 -12.69 -27.62
C ASP D 149 -10.44 -12.14 -29.04
N ALA D 150 -9.58 -12.56 -29.97
CA ALA D 150 -9.64 -12.14 -31.37
C ALA D 150 -10.90 -12.66 -32.08
N ARG D 151 -11.63 -13.55 -31.40
CA ARG D 151 -12.86 -14.13 -31.95
C ARG D 151 -14.12 -13.35 -31.54
N THR D 152 -13.96 -12.40 -30.61
CA THR D 152 -15.11 -11.62 -30.15
C THR D 152 -15.79 -10.93 -31.33
N LYS D 153 -17.10 -11.13 -31.42
CA LYS D 153 -17.89 -10.54 -32.48
C LYS D 153 -18.44 -9.18 -32.10
N TYR D 154 -17.60 -8.15 -32.11
CA TYR D 154 -18.04 -6.80 -31.78
C TYR D 154 -18.99 -6.33 -32.89
N LYS D 155 -20.00 -5.55 -32.54
CA LYS D 155 -20.94 -5.04 -33.55
C LYS D 155 -20.20 -4.22 -34.61
N GLU D 156 -20.68 -4.27 -35.84
CA GLU D 156 -20.04 -3.51 -36.92
C GLU D 156 -20.52 -2.06 -36.95
N GLU D 157 -21.65 -1.80 -36.29
CA GLU D 157 -22.20 -0.46 -36.26
C GLU D 157 -22.07 0.17 -34.89
N GLY D 158 -21.95 1.50 -34.86
CA GLY D 158 -21.87 2.24 -33.62
C GLY D 158 -20.63 2.22 -32.75
N VAL D 159 -19.57 1.54 -33.18
CA VAL D 159 -18.33 1.49 -32.40
C VAL D 159 -17.15 1.37 -33.34
N VAL D 160 -15.98 1.80 -32.89
CA VAL D 160 -14.79 1.67 -33.70
C VAL D 160 -13.95 0.56 -33.05
N THR D 161 -13.79 -0.55 -33.77
CA THR D 161 -13.00 -1.68 -33.30
C THR D 161 -11.84 -1.92 -34.26
N ILE D 162 -11.03 -2.95 -34.01
CA ILE D 162 -9.88 -3.23 -34.86
C ILE D 162 -10.32 -3.46 -36.31
N LYS D 163 -11.36 -4.26 -36.49
CA LYS D 163 -11.87 -4.54 -37.83
C LYS D 163 -12.29 -3.27 -38.58
N THR D 164 -12.78 -2.27 -37.84
CA THR D 164 -13.18 -1.00 -38.45
C THR D 164 -11.98 -0.34 -39.12
N ILE D 165 -10.82 -0.43 -38.47
CA ILE D 165 -9.59 0.18 -38.97
C ILE D 165 -8.90 -0.64 -40.06
N THR D 166 -8.75 -1.94 -39.85
CA THR D 166 -8.05 -2.80 -40.80
C THR D 166 -8.90 -3.29 -41.96
N LYS D 167 -10.23 -3.22 -41.82
CA LYS D 167 -11.16 -3.69 -42.84
C LYS D 167 -11.11 -5.21 -42.94
N LYS D 168 -10.50 -5.85 -41.95
CA LYS D 168 -10.37 -7.31 -41.94
C LYS D 168 -10.61 -7.85 -40.53
N ASP D 169 -10.98 -9.12 -40.43
CA ASP D 169 -11.22 -9.76 -39.14
C ASP D 169 -9.94 -9.78 -38.30
N MET D 170 -10.11 -9.82 -36.99
CA MET D 170 -8.95 -9.87 -36.09
C MET D 170 -8.21 -11.21 -36.28
N VAL D 171 -6.92 -11.19 -35.97
CA VAL D 171 -6.06 -12.35 -36.10
C VAL D 171 -5.52 -12.66 -34.70
N ASN D 172 -4.93 -13.82 -34.49
CA ASN D 172 -4.42 -14.18 -33.17
C ASN D 172 -3.42 -13.16 -32.57
N LYS D 173 -2.65 -12.48 -33.43
CA LYS D 173 -1.68 -11.48 -32.96
C LYS D 173 -2.36 -10.33 -32.21
N ASP D 174 -3.64 -10.12 -32.46
CA ASP D 174 -4.38 -9.05 -31.80
C ASP D 174 -4.60 -9.29 -30.31
N GLN D 175 -4.27 -10.50 -29.84
CA GLN D 175 -4.38 -10.83 -28.41
C GLN D 175 -3.08 -10.44 -27.70
N VAL D 176 -2.05 -10.08 -28.48
CA VAL D 176 -0.77 -9.60 -27.96
C VAL D 176 -0.55 -8.26 -28.69
N LEU D 177 0.68 -7.84 -28.93
CA LEU D 177 0.88 -6.57 -29.62
C LEU D 177 1.07 -6.75 -31.12
N ASN D 178 0.09 -6.27 -31.88
CA ASN D 178 0.12 -6.32 -33.34
C ASN D 178 0.24 -4.86 -33.81
N PRO D 179 1.41 -4.46 -34.33
CA PRO D 179 1.67 -3.09 -34.82
C PRO D 179 0.65 -2.55 -35.84
N ILE D 180 0.00 -3.45 -36.56
CA ILE D 180 -1.00 -3.07 -37.55
C ILE D 180 -2.28 -2.52 -36.92
N SER D 181 -2.62 -2.99 -35.73
CA SER D 181 -3.86 -2.56 -35.08
C SER D 181 -3.75 -1.24 -34.30
N LYS D 182 -3.66 -0.14 -35.04
CA LYS D 182 -3.53 1.16 -34.42
C LYS D 182 -4.65 2.10 -34.87
N ALA D 183 -4.95 3.11 -34.04
CA ALA D 183 -5.99 4.08 -34.33
C ALA D 183 -5.72 5.36 -33.55
N LYS D 184 -6.60 6.35 -33.70
CA LYS D 184 -6.47 7.61 -32.99
C LYS D 184 -7.79 7.93 -32.27
N LEU D 185 -7.69 8.44 -31.06
CA LEU D 185 -8.88 8.77 -30.28
C LEU D 185 -9.45 10.10 -30.78
N ASP D 186 -10.21 10.02 -31.87
CA ASP D 186 -10.80 11.21 -32.48
C ASP D 186 -12.30 11.37 -32.28
N LYS D 187 -12.93 10.49 -31.51
CA LYS D 187 -14.36 10.58 -31.27
C LYS D 187 -14.67 10.17 -29.84
N ASP D 188 -15.63 10.86 -29.24
CA ASP D 188 -16.07 10.59 -27.89
C ASP D 188 -17.08 9.44 -27.92
N GLY D 189 -17.01 8.56 -26.92
CA GLY D 189 -17.94 7.43 -26.81
C GLY D 189 -17.98 6.43 -27.95
N MET D 190 -16.86 6.22 -28.64
CA MET D 190 -16.83 5.29 -29.77
C MET D 190 -15.77 4.19 -29.71
N TYR D 191 -14.69 4.42 -28.97
CA TYR D 191 -13.59 3.44 -28.86
C TYR D 191 -13.61 2.67 -27.55
N PRO D 192 -13.97 1.38 -27.56
CA PRO D 192 -14.01 0.57 -26.32
C PRO D 192 -12.66 0.49 -25.59
N VAL D 193 -12.68 0.69 -24.27
CA VAL D 193 -11.45 0.65 -23.50
C VAL D 193 -10.87 -0.78 -23.36
N GLU D 194 -11.69 -1.80 -23.63
CA GLU D 194 -11.19 -3.16 -23.56
C GLU D 194 -10.48 -3.55 -24.86
N ILE D 195 -10.45 -2.61 -25.82
CA ILE D 195 -9.80 -2.83 -27.10
C ILE D 195 -8.65 -1.86 -27.33
N TRP D 196 -8.90 -0.59 -27.06
CA TRP D 196 -7.93 0.48 -27.32
C TRP D 196 -7.15 1.02 -26.14
N HIS D 197 -5.82 0.92 -26.25
CA HIS D 197 -4.91 1.34 -25.18
C HIS D 197 -3.96 2.43 -25.66
N PRO D 198 -3.47 3.29 -24.74
CA PRO D 198 -2.53 4.34 -25.16
C PRO D 198 -1.31 3.68 -25.81
N ASP D 199 -0.89 4.20 -26.97
CA ASP D 199 0.26 3.64 -27.68
C ASP D 199 1.57 4.28 -27.21
N PRO D 200 2.42 3.50 -26.51
CA PRO D 200 3.70 4.03 -26.01
C PRO D 200 4.73 4.30 -27.12
N ALA D 201 4.51 3.73 -28.30
CA ALA D 201 5.43 3.93 -29.43
C ALA D 201 5.21 5.28 -30.14
N LYS D 202 4.09 5.94 -29.84
CA LYS D 202 3.79 7.23 -30.44
C LYS D 202 3.49 8.24 -29.33
N ASN D 203 2.47 9.08 -29.48
CA ASN D 203 2.12 10.06 -28.45
C ASN D 203 3.27 10.95 -28.03
N GLU D 204 4.06 11.40 -29.00
CA GLU D 204 5.20 12.27 -28.71
C GLU D 204 4.75 13.65 -28.25
N ASN D 205 3.49 13.95 -28.48
CA ASN D 205 2.93 15.24 -28.12
C ASN D 205 1.74 15.15 -27.16
N THR D 206 1.70 14.07 -26.39
CA THR D 206 0.63 13.83 -25.43
C THR D 206 1.23 13.15 -24.19
N ARG D 207 0.71 13.47 -23.01
CA ARG D 207 1.16 12.83 -21.77
C ARG D 207 -0.07 12.08 -21.24
N TYR D 208 0.07 10.78 -20.99
CA TYR D 208 -1.06 10.00 -20.47
C TYR D 208 -0.63 9.28 -19.20
N PHE D 209 -1.59 9.07 -18.30
CA PHE D 209 -1.34 8.42 -17.01
C PHE D 209 -2.50 7.47 -16.74
N GLY D 210 -2.19 6.19 -16.57
CA GLY D 210 -3.26 5.24 -16.31
C GLY D 210 -2.93 4.18 -15.28
N ASN D 211 -3.98 3.60 -14.71
CA ASN D 211 -3.82 2.53 -13.73
C ASN D 211 -5.05 1.62 -13.75
N TYR D 212 -4.80 0.35 -13.46
CA TYR D 212 -5.82 -0.67 -13.48
C TYR D 212 -5.78 -1.55 -12.22
N THR D 213 -6.95 -1.89 -11.71
CA THR D 213 -7.11 -2.78 -10.56
C THR D 213 -8.24 -3.73 -10.95
N GLY D 214 -7.94 -5.03 -11.02
CA GLY D 214 -8.94 -6.01 -11.41
C GLY D 214 -9.73 -6.62 -10.26
N GLY D 215 -10.24 -7.82 -10.48
CA GLY D 215 -11.02 -8.50 -9.45
C GLY D 215 -12.52 -8.36 -9.65
N THR D 216 -13.29 -9.15 -8.91
CA THR D 216 -14.75 -9.11 -9.04
C THR D 216 -15.42 -8.30 -7.95
N THR D 217 -14.84 -8.29 -6.75
CA THR D 217 -15.43 -7.54 -5.65
C THR D 217 -14.43 -6.62 -4.95
N THR D 218 -13.37 -6.27 -5.66
CA THR D 218 -12.33 -5.38 -5.12
C THR D 218 -12.91 -4.03 -4.70
N PRO D 219 -12.58 -3.56 -3.49
CA PRO D 219 -13.09 -2.27 -3.01
C PRO D 219 -12.58 -1.12 -3.89
N PRO D 220 -13.48 -0.18 -4.29
CA PRO D 220 -13.07 0.96 -5.12
C PRO D 220 -12.31 1.94 -4.23
N VAL D 221 -11.25 2.55 -4.76
CA VAL D 221 -10.47 3.52 -4.00
C VAL D 221 -10.30 4.77 -4.87
N LEU D 222 -10.33 5.94 -4.26
CA LEU D 222 -10.17 7.19 -5.00
C LEU D 222 -9.79 8.36 -4.10
N GLN D 223 -8.91 9.23 -4.59
CA GLN D 223 -8.51 10.43 -3.86
C GLN D 223 -8.96 11.61 -4.72
N PHE D 224 -9.27 12.74 -4.09
CA PHE D 224 -9.66 13.93 -4.81
C PHE D 224 -9.29 15.16 -3.98
N THR D 225 -8.62 16.11 -4.61
CA THR D 225 -8.20 17.34 -3.94
C THR D 225 -7.95 18.40 -4.99
N ASN D 226 -8.10 19.67 -4.62
CA ASN D 226 -7.85 20.76 -5.56
C ASN D 226 -6.45 21.33 -5.36
N THR D 227 -5.60 20.59 -4.66
CA THR D 227 -4.24 21.03 -4.36
C THR D 227 -3.16 20.24 -5.09
N LEU D 228 -3.56 19.33 -5.97
CA LEU D 228 -2.60 18.51 -6.68
C LEU D 228 -2.41 18.90 -8.14
N THR D 229 -1.20 19.25 -8.51
CA THR D 229 -0.89 19.63 -9.88
C THR D 229 -0.06 18.54 -10.57
N THR D 230 -0.46 18.19 -11.78
CA THR D 230 0.25 17.19 -12.57
C THR D 230 1.10 17.94 -13.59
N VAL D 231 2.42 17.80 -13.50
CA VAL D 231 3.32 18.48 -14.43
C VAL D 231 3.28 17.77 -15.78
N LEU D 232 3.16 18.56 -16.85
CA LEU D 232 3.12 18.00 -18.20
C LEU D 232 4.42 18.20 -18.98
N LEU D 233 5.39 18.87 -18.37
CA LEU D 233 6.69 19.11 -19.01
C LEU D 233 7.52 17.82 -19.07
N ASP D 234 8.25 17.62 -20.17
CA ASP D 234 9.08 16.42 -20.31
C ASP D 234 10.42 16.64 -19.63
N GLU D 235 11.36 15.71 -19.83
CA GLU D 235 12.69 15.80 -19.23
C GLU D 235 13.48 17.04 -19.61
N ASN D 236 13.10 17.68 -20.72
CA ASN D 236 13.78 18.88 -21.19
C ASN D 236 12.99 20.17 -20.89
N GLY D 237 11.98 20.05 -20.02
CA GLY D 237 11.16 21.20 -19.65
C GLY D 237 10.19 21.66 -20.71
N VAL D 238 9.80 20.77 -21.62
CA VAL D 238 8.86 21.12 -22.69
C VAL D 238 7.58 20.30 -22.57
N GLY D 239 6.44 20.96 -22.57
CA GLY D 239 5.18 20.25 -22.48
C GLY D 239 4.61 20.00 -23.87
N PRO D 240 3.43 19.39 -23.97
CA PRO D 240 2.82 19.12 -25.27
C PRO D 240 2.57 20.43 -26.03
N LEU D 241 2.85 20.45 -27.33
CA LEU D 241 2.65 21.63 -28.17
C LEU D 241 1.46 21.49 -29.10
N CYS D 242 0.62 22.51 -29.19
CA CYS D 242 -0.54 22.47 -30.09
C CYS D 242 -0.16 22.99 -31.46
N LYS D 243 0.10 22.08 -32.40
CA LYS D 243 0.47 22.47 -33.76
C LYS D 243 -0.76 22.88 -34.56
N GLY D 244 -1.90 22.28 -34.23
CA GLY D 244 -3.14 22.62 -34.93
C GLY D 244 -4.01 23.57 -34.12
N GLU D 245 -3.48 24.00 -32.98
CA GLU D 245 -4.17 24.93 -32.07
C GLU D 245 -5.53 24.39 -31.57
N GLY D 246 -5.52 23.10 -31.25
CA GLY D 246 -6.69 22.39 -30.74
C GLY D 246 -6.17 21.44 -29.67
N LEU D 247 -6.60 21.66 -28.43
CA LEU D 247 -6.18 20.85 -27.30
C LEU D 247 -7.04 19.59 -27.12
N TYR D 248 -6.40 18.44 -26.95
CA TYR D 248 -7.11 17.17 -26.77
C TYR D 248 -7.07 16.65 -25.34
N LEU D 249 -8.26 16.34 -24.80
CA LEU D 249 -8.41 15.80 -23.46
C LEU D 249 -9.06 14.43 -23.62
N SER D 250 -8.46 13.40 -22.99
CA SER D 250 -8.98 12.03 -23.07
C SER D 250 -9.02 11.41 -21.68
N CYS D 251 -9.99 10.53 -21.44
CA CYS D 251 -10.08 9.87 -20.14
C CYS D 251 -11.12 8.77 -20.09
N VAL D 252 -11.04 7.96 -19.04
CA VAL D 252 -11.98 6.90 -18.74
C VAL D 252 -11.79 6.64 -17.25
N ASP D 253 -12.90 6.60 -16.52
CA ASP D 253 -12.86 6.38 -15.08
C ASP D 253 -13.94 5.41 -14.60
N ILE D 254 -13.59 4.13 -14.63
CA ILE D 254 -14.48 3.04 -14.22
C ILE D 254 -14.26 2.74 -12.74
N MET D 255 -15.35 2.76 -11.97
CA MET D 255 -15.29 2.51 -10.53
C MET D 255 -15.65 1.08 -10.16
N GLY D 256 -16.21 0.33 -11.10
CA GLY D 256 -16.61 -1.04 -10.83
C GLY D 256 -18.00 -1.33 -11.38
N TRP D 257 -18.72 -2.26 -10.74
CA TRP D 257 -20.08 -2.62 -11.16
C TRP D 257 -21.05 -2.63 -10.00
N ARG D 258 -22.32 -2.42 -10.31
CA ARG D 258 -23.36 -2.57 -9.30
C ARG D 258 -24.02 -3.86 -9.83
N VAL D 259 -24.65 -4.63 -8.95
CA VAL D 259 -25.26 -5.90 -9.33
C VAL D 259 -26.75 -5.86 -8.95
N THR D 260 -27.61 -6.25 -9.88
CA THR D 260 -29.05 -6.22 -9.64
C THR D 260 -29.54 -7.46 -8.88
N ARG D 261 -30.80 -7.42 -8.46
CA ARG D 261 -31.43 -8.52 -7.74
C ARG D 261 -31.94 -9.59 -8.73
N ASN D 262 -31.66 -9.44 -10.08
CA ASN D 262 -32.11 -10.36 -11.11
C ASN D 262 -30.94 -11.06 -11.79
N TYR D 263 -30.78 -12.20 -11.43
CA TYR D 263 -29.70 -12.97 -12.04
C TYR D 263 -28.34 -12.29 -12.03
N ASP D 264 -28.02 -11.61 -10.94
CA ASP D 264 -26.72 -10.95 -10.81
C ASP D 264 -26.29 -10.10 -12.02
N VAL D 265 -27.23 -9.44 -12.68
CA VAL D 265 -26.87 -8.61 -13.83
C VAL D 265 -25.95 -7.46 -13.36
N HIS D 266 -24.80 -7.30 -14.02
CA HIS D 266 -23.84 -6.25 -13.68
C HIS D 266 -23.96 -5.04 -14.58
N HIS D 267 -23.79 -3.86 -13.99
CA HIS D 267 -23.82 -2.60 -14.74
C HIS D 267 -22.56 -1.81 -14.36
N TRP D 268 -21.73 -1.46 -15.34
CA TRP D 268 -20.52 -0.68 -15.11
C TRP D 268 -20.89 0.71 -14.59
N ARG D 269 -20.05 1.29 -13.74
CA ARG D 269 -20.25 2.63 -13.22
C ARG D 269 -19.02 3.49 -13.52
N GLY D 270 -19.26 4.66 -14.11
CA GLY D 270 -18.18 5.58 -14.44
C GLY D 270 -18.44 6.92 -13.78
N LEU D 271 -17.40 7.71 -13.59
CA LEU D 271 -17.54 9.04 -12.97
C LEU D 271 -16.90 10.10 -13.86
N PRO D 272 -17.43 11.34 -13.84
CA PRO D 272 -16.89 12.43 -14.66
C PRO D 272 -15.52 12.90 -14.16
N ARG D 273 -14.72 13.43 -15.09
CA ARG D 273 -13.39 13.93 -14.75
C ARG D 273 -13.25 15.40 -15.14
N TYR D 274 -12.75 16.20 -14.21
CA TYR D 274 -12.52 17.62 -14.43
C TYR D 274 -11.07 17.88 -14.82
N PHE D 275 -10.86 18.88 -15.68
CA PHE D 275 -9.53 19.27 -16.14
C PHE D 275 -9.38 20.80 -16.09
N LYS D 276 -8.23 21.27 -15.59
CA LYS D 276 -7.92 22.69 -15.59
C LYS D 276 -6.46 22.72 -16.05
N ILE D 277 -6.27 23.04 -17.33
CA ILE D 277 -4.93 23.08 -17.92
C ILE D 277 -4.34 24.48 -17.98
N THR D 278 -3.07 24.59 -17.63
CA THR D 278 -2.36 25.86 -17.68
C THR D 278 -1.45 25.80 -18.91
N LEU D 279 -1.55 26.78 -19.78
CA LEU D 279 -0.75 26.82 -20.99
C LEU D 279 0.01 28.12 -21.12
N ARG D 280 1.09 28.09 -21.90
CA ARG D 280 1.91 29.28 -22.13
C ARG D 280 2.34 29.26 -23.58
N LYS D 281 2.63 30.43 -24.14
CA LYS D 281 3.09 30.53 -25.52
C LYS D 281 4.59 30.25 -25.57
N ARG D 282 5.00 29.55 -26.61
CA ARG D 282 6.41 29.17 -26.79
C ARG D 282 6.88 29.59 -28.17
N TRP D 283 8.11 30.08 -28.25
CA TRP D 283 8.69 30.47 -29.54
C TRP D 283 9.25 29.16 -30.15
N VAL D 284 8.87 28.89 -31.39
CA VAL D 284 9.35 27.69 -32.09
C VAL D 284 9.82 28.04 -33.49
N LYS D 285 10.80 27.30 -33.98
CA LYS D 285 11.36 27.54 -35.31
C LYS D 285 10.34 27.23 -36.42
N GLY E 1 -11.27 46.99 -3.29
CA GLY E 1 -10.18 47.22 -4.19
C GLY E 1 -9.88 46.03 -5.08
N GLY E 2 -8.76 46.08 -5.79
CA GLY E 2 -8.37 44.98 -6.67
C GLY E 2 -7.79 43.80 -5.90
N MET E 3 -8.00 42.59 -6.41
CA MET E 3 -7.51 41.39 -5.73
C MET E 3 -6.02 41.09 -5.97
N GLU E 4 -5.16 42.01 -5.58
CA GLU E 4 -3.73 41.83 -5.75
C GLU E 4 -3.08 41.52 -4.40
N VAL E 5 -2.43 40.37 -4.33
CA VAL E 5 -1.76 39.92 -3.11
C VAL E 5 -0.42 40.63 -2.98
N LEU E 6 -0.16 41.22 -1.82
CA LEU E 6 1.08 41.93 -1.60
C LEU E 6 1.97 41.26 -0.53
N ASP E 7 2.50 42.04 0.40
CA ASP E 7 3.37 41.52 1.45
C ASP E 7 2.65 40.98 2.67
N LEU E 8 3.41 40.30 3.53
CA LEU E 8 2.87 39.76 4.76
C LEU E 8 2.94 40.91 5.76
N VAL E 9 1.88 41.08 6.54
CA VAL E 9 1.84 42.13 7.55
C VAL E 9 2.74 41.68 8.72
N THR E 10 3.57 42.58 9.23
CA THR E 10 4.45 42.26 10.36
C THR E 10 4.01 43.06 11.57
N GLY E 11 4.53 42.72 12.74
CA GLY E 11 4.17 43.43 13.94
C GLY E 11 3.33 42.65 14.93
N PRO E 12 2.94 43.29 16.04
CA PRO E 12 2.12 42.66 17.08
C PRO E 12 0.79 42.15 16.54
N ASP E 13 0.47 40.90 16.90
CA ASP E 13 -0.78 40.26 16.51
C ASP E 13 -0.97 40.02 15.00
N SER E 14 0.12 39.89 14.26
CA SER E 14 0.03 39.67 12.82
C SER E 14 -0.24 38.19 12.48
N VAL E 15 -0.01 37.31 13.45
CA VAL E 15 -0.20 35.86 13.30
C VAL E 15 -1.13 35.37 14.40
N THR E 16 -1.92 34.35 14.12
CA THR E 16 -2.84 33.79 15.12
C THR E 16 -3.16 32.32 14.83
N GLU E 17 -3.75 31.64 15.82
CA GLU E 17 -4.14 30.24 15.71
C GLU E 17 -5.60 30.09 16.10
N ILE E 18 -6.32 29.22 15.40
CA ILE E 18 -7.73 28.95 15.69
C ILE E 18 -7.90 27.45 15.82
N GLU E 19 -8.55 27.01 16.91
CA GLU E 19 -8.82 25.60 17.17
C GLU E 19 -10.32 25.36 17.13
N ALA E 20 -10.71 24.12 16.79
CA ALA E 20 -12.12 23.74 16.74
C ALA E 20 -12.23 22.26 16.41
N PHE E 21 -13.31 21.64 16.88
CA PHE E 21 -13.55 20.25 16.56
C PHE E 21 -14.95 20.19 15.94
N LEU E 22 -15.10 19.39 14.91
CA LEU E 22 -16.39 19.25 14.26
C LEU E 22 -16.87 17.82 14.51
N ASN E 23 -18.02 17.70 15.17
CA ASN E 23 -18.60 16.39 15.45
C ASN E 23 -19.27 15.88 14.17
N PRO E 24 -19.27 14.54 13.98
CA PRO E 24 -19.88 13.95 12.78
C PRO E 24 -21.38 14.11 12.73
N ARG E 25 -21.93 14.09 11.52
CA ARG E 25 -23.37 14.21 11.31
C ARG E 25 -23.83 12.99 10.50
N MET E 26 -23.83 11.83 11.15
CA MET E 26 -24.20 10.57 10.51
C MET E 26 -25.69 10.31 10.30
N GLY E 27 -26.54 11.06 11.00
CA GLY E 27 -27.97 10.86 10.83
C GLY E 27 -28.76 11.21 12.08
N GLN E 28 -28.37 10.64 13.21
CA GLN E 28 -29.07 10.93 14.46
C GLN E 28 -28.57 12.26 15.02
N PRO E 29 -29.50 13.23 15.23
CA PRO E 29 -29.13 14.55 15.77
C PRO E 29 -28.60 14.43 17.19
N PRO E 30 -27.97 15.50 17.72
CA PRO E 30 -27.43 15.52 19.08
C PRO E 30 -28.49 15.31 20.15
N THR E 31 -29.72 15.73 19.85
CA THR E 31 -30.84 15.56 20.77
C THR E 31 -31.92 14.73 20.06
N PRO E 32 -32.75 14.00 20.82
CA PRO E 32 -32.79 13.85 22.28
C PRO E 32 -31.52 13.23 22.87
N GLU E 33 -31.10 13.73 24.02
CA GLU E 33 -29.89 13.23 24.68
C GLU E 33 -30.09 11.90 25.40
N SER E 34 -31.35 11.55 25.67
CA SER E 34 -31.67 10.31 26.37
C SER E 34 -31.14 9.05 25.68
N LEU E 35 -30.47 8.21 26.45
CA LEU E 35 -29.91 6.97 25.94
C LEU E 35 -30.93 5.85 25.69
N THR E 36 -32.21 6.15 25.82
CA THR E 36 -33.27 5.18 25.55
C THR E 36 -34.27 5.76 24.55
N GLU E 37 -34.13 7.04 24.23
CA GLU E 37 -35.04 7.69 23.31
C GLU E 37 -34.42 8.06 21.96
N GLY E 38 -33.24 7.51 21.67
CA GLY E 38 -32.60 7.80 20.40
C GLY E 38 -31.20 8.34 20.54
N GLY E 39 -30.90 8.91 21.71
CA GLY E 39 -29.58 9.47 21.96
C GLY E 39 -28.47 8.44 21.87
N GLN E 40 -28.79 7.18 22.10
CA GLN E 40 -27.80 6.11 22.03
C GLN E 40 -27.25 5.92 20.60
N TYR E 41 -27.90 6.56 19.62
CA TYR E 41 -27.45 6.48 18.23
C TYR E 41 -26.61 7.69 17.82
N TYR E 42 -26.44 8.66 18.72
CA TYR E 42 -25.64 9.84 18.40
C TYR E 42 -24.23 9.42 18.05
N GLY E 43 -23.76 9.86 16.88
CA GLY E 43 -22.45 9.50 16.40
C GLY E 43 -22.60 8.43 15.32
N TRP E 44 -23.83 7.93 15.16
CA TRP E 44 -24.16 6.91 14.18
C TRP E 44 -25.38 7.38 13.39
N SER E 45 -25.76 6.60 12.38
CA SER E 45 -26.97 6.92 11.63
C SER E 45 -28.00 5.97 12.23
N ARG E 46 -29.26 6.13 11.85
CA ARG E 46 -30.28 5.21 12.32
C ARG E 46 -30.20 4.07 11.29
N GLY E 47 -30.92 2.98 11.53
CA GLY E 47 -30.89 1.83 10.63
C GLY E 47 -31.20 2.15 9.18
N ILE E 48 -30.26 1.81 8.29
CA ILE E 48 -30.42 2.07 6.86
C ILE E 48 -31.62 1.31 6.26
N ASN E 49 -32.56 2.05 5.68
CA ASN E 49 -33.75 1.45 5.06
C ASN E 49 -33.55 1.36 3.55
N LEU E 50 -33.93 0.21 2.97
CA LEU E 50 -33.75 -0.05 1.53
C LEU E 50 -34.95 0.21 0.64
N ALA E 51 -34.67 0.46 -0.63
CA ALA E 51 -35.71 0.69 -1.61
C ALA E 51 -36.63 -0.54 -1.66
N THR E 52 -37.89 -0.32 -1.98
CA THR E 52 -38.85 -1.43 -2.06
C THR E 52 -38.98 -1.95 -3.50
N SER E 53 -38.47 -1.18 -4.46
CA SER E 53 -38.50 -1.58 -5.87
C SER E 53 -37.52 -0.70 -6.63
N ASP E 54 -37.35 -0.99 -7.92
CA ASP E 54 -36.47 -0.23 -8.77
C ASP E 54 -36.94 1.22 -8.94
N THR E 55 -38.20 1.49 -8.63
CA THR E 55 -38.73 2.85 -8.78
C THR E 55 -39.15 3.50 -7.47
N GLU E 56 -38.95 2.79 -6.35
CA GLU E 56 -39.34 3.31 -5.03
C GLU E 56 -38.18 3.27 -4.03
N ASP E 57 -37.39 4.34 -4.03
CA ASP E 57 -36.24 4.47 -3.13
C ASP E 57 -36.39 5.75 -2.30
N SER E 58 -36.84 5.59 -1.06
CA SER E 58 -37.06 6.70 -0.13
C SER E 58 -36.27 6.58 1.18
N PRO E 59 -34.99 6.98 1.17
CA PRO E 59 -34.18 6.88 2.40
C PRO E 59 -34.63 7.87 3.48
N GLY E 60 -34.59 7.42 4.74
CA GLY E 60 -34.97 8.28 5.84
C GLY E 60 -33.86 9.30 6.06
N ASN E 61 -34.22 10.53 6.45
CA ASN E 61 -33.22 11.58 6.66
C ASN E 61 -32.15 11.17 7.66
N ASN E 62 -32.56 10.51 8.74
CA ASN E 62 -31.63 10.09 9.77
C ASN E 62 -30.76 8.87 9.40
N THR E 63 -30.81 8.44 8.14
CA THR E 63 -29.99 7.33 7.68
C THR E 63 -28.93 7.85 6.68
N LEU E 64 -28.98 9.15 6.40
CA LEU E 64 -28.06 9.76 5.46
C LEU E 64 -26.99 10.64 6.09
N PRO E 65 -25.71 10.23 6.04
CA PRO E 65 -24.64 11.05 6.62
C PRO E 65 -24.55 12.39 5.86
N THR E 66 -24.35 13.48 6.59
CA THR E 66 -24.26 14.79 5.96
C THR E 66 -22.94 15.47 6.31
N TRP E 67 -22.63 16.53 5.58
CA TRP E 67 -21.41 17.29 5.81
C TRP E 67 -21.44 18.03 7.15
N SER E 68 -20.29 18.12 7.79
CA SER E 68 -20.16 18.87 9.03
C SER E 68 -19.51 20.18 8.60
N MET E 69 -19.90 21.31 9.20
CA MET E 69 -19.30 22.58 8.87
C MET E 69 -19.45 23.57 10.03
N ALA E 70 -18.50 24.50 10.10
CA ALA E 70 -18.49 25.54 11.12
C ALA E 70 -17.88 26.80 10.52
N LYS E 71 -18.39 27.96 10.92
CA LYS E 71 -17.93 29.26 10.46
C LYS E 71 -17.38 29.95 11.72
N LEU E 72 -16.07 30.18 11.76
CA LEU E 72 -15.42 30.81 12.92
C LEU E 72 -15.02 32.26 12.67
N GLN E 73 -15.23 33.10 13.67
CA GLN E 73 -14.88 34.53 13.56
C GLN E 73 -13.39 34.76 13.79
N LEU E 74 -12.83 35.71 13.06
CA LEU E 74 -11.42 36.05 13.19
C LEU E 74 -11.35 37.46 13.77
N PRO E 75 -10.26 37.78 14.52
CA PRO E 75 -10.16 39.13 15.08
C PRO E 75 -10.16 40.18 13.96
N MET E 76 -10.77 41.34 14.23
CA MET E 76 -10.85 42.41 13.23
C MET E 76 -9.51 43.00 12.77
N LEU E 77 -9.53 43.64 11.60
CA LEU E 77 -8.33 44.21 11.02
C LEU E 77 -8.47 45.66 10.56
N ASN E 78 -9.14 45.84 9.42
CA ASN E 78 -9.34 47.14 8.78
C ASN E 78 -10.18 48.18 9.50
N GLU E 79 -9.54 49.31 9.78
CA GLU E 79 -10.19 50.45 10.41
C GLU E 79 -10.88 51.24 9.29
N ASP E 80 -10.09 51.53 8.25
CA ASP E 80 -10.56 52.26 7.08
C ASP E 80 -10.74 51.29 5.91
N LEU E 81 -11.99 50.99 5.58
CA LEU E 81 -12.31 50.06 4.49
C LEU E 81 -12.10 50.65 3.09
N THR E 82 -12.27 51.96 2.95
CA THR E 82 -12.11 52.64 1.66
C THR E 82 -10.63 52.93 1.31
N CYS E 83 -9.71 52.24 1.97
CA CYS E 83 -8.28 52.42 1.74
C CYS E 83 -7.82 51.64 0.51
N ASP E 84 -6.80 52.15 -0.18
CA ASP E 84 -6.26 51.52 -1.38
C ASP E 84 -5.72 50.11 -1.07
N THR E 85 -5.04 49.98 0.06
CA THR E 85 -4.47 48.70 0.47
C THR E 85 -5.10 48.33 1.80
N LEU E 86 -5.49 47.07 1.92
CA LEU E 86 -6.12 46.57 3.13
C LEU E 86 -5.42 45.30 3.62
N GLN E 87 -5.85 44.81 4.77
CA GLN E 87 -5.29 43.59 5.35
C GLN E 87 -6.35 42.49 5.25
N MET E 88 -5.92 41.27 5.01
CA MET E 88 -6.82 40.13 4.92
C MET E 88 -6.17 38.97 5.68
N TRP E 89 -6.99 38.16 6.34
CA TRP E 89 -6.46 37.00 7.03
C TRP E 89 -6.18 35.92 5.98
N GLU E 90 -5.04 35.25 6.13
CA GLU E 90 -4.63 34.22 5.18
C GLU E 90 -4.29 32.94 5.94
N ALA E 91 -4.94 31.83 5.57
CA ALA E 91 -4.69 30.54 6.20
C ALA E 91 -3.40 29.96 5.64
N VAL E 92 -2.45 29.71 6.52
CA VAL E 92 -1.15 29.17 6.14
C VAL E 92 -1.08 27.66 6.17
N SER E 93 -1.60 27.07 7.23
CA SER E 93 -1.57 25.61 7.37
C SER E 93 -2.59 25.16 8.41
N VAL E 94 -2.78 23.86 8.50
CA VAL E 94 -3.71 23.29 9.45
C VAL E 94 -3.21 21.94 9.96
N LYS E 95 -3.40 21.71 11.25
CA LYS E 95 -3.08 20.43 11.87
C LYS E 95 -4.45 19.86 12.11
N THR E 96 -4.79 18.80 11.37
CA THR E 96 -6.09 18.18 11.52
C THR E 96 -5.93 16.71 11.92
N GLU E 97 -6.94 16.17 12.60
CA GLU E 97 -6.86 14.80 13.08
C GLU E 97 -8.25 14.24 13.37
N VAL E 98 -8.47 12.97 13.00
CA VAL E 98 -9.73 12.30 13.27
C VAL E 98 -9.49 11.55 14.57
N VAL E 99 -10.29 11.87 15.58
CA VAL E 99 -10.16 11.30 16.92
C VAL E 99 -11.15 10.20 17.25
N GLY E 100 -10.66 9.18 17.96
CA GLY E 100 -11.53 8.10 18.38
C GLY E 100 -11.47 6.74 17.71
N SER E 101 -10.54 6.51 16.80
CA SER E 101 -10.46 5.20 16.14
C SER E 101 -10.26 4.05 17.12
N GLY E 102 -9.63 4.33 18.26
CA GLY E 102 -9.43 3.30 19.27
C GLY E 102 -10.75 2.75 19.80
N SER E 103 -11.81 3.56 19.77
CA SER E 103 -13.13 3.13 20.25
C SER E 103 -13.67 1.97 19.40
N LEU E 104 -13.15 1.82 18.18
CA LEU E 104 -13.60 0.75 17.30
C LEU E 104 -13.08 -0.61 17.75
N LEU E 105 -12.20 -0.60 18.75
CA LEU E 105 -11.65 -1.83 19.31
C LEU E 105 -12.65 -2.49 20.27
N ASP E 106 -13.79 -1.83 20.48
CA ASP E 106 -14.85 -2.38 21.32
C ASP E 106 -15.52 -3.49 20.52
N VAL E 107 -15.17 -4.74 20.80
CA VAL E 107 -15.78 -5.86 20.10
C VAL E 107 -16.50 -6.77 21.11
N HIS E 108 -16.99 -6.17 22.19
CA HIS E 108 -17.70 -6.91 23.25
C HIS E 108 -19.18 -6.55 23.33
N GLY E 109 -19.67 -5.83 22.33
CA GLY E 109 -21.06 -5.40 22.30
C GLY E 109 -22.05 -6.44 21.80
N PHE E 110 -23.18 -5.96 21.31
CA PHE E 110 -24.27 -6.80 20.84
C PHE E 110 -24.48 -6.79 19.32
N ASN E 111 -23.43 -6.53 18.56
CA ASN E 111 -23.55 -6.51 17.09
C ASN E 111 -23.63 -7.96 16.59
N LYS E 112 -23.82 -8.12 15.29
CA LYS E 112 -23.85 -9.44 14.66
C LYS E 112 -22.52 -10.09 15.07
N PRO E 113 -22.57 -11.28 15.67
CA PRO E 113 -21.35 -11.97 16.11
C PRO E 113 -20.55 -12.59 14.96
N THR E 114 -19.25 -12.77 15.17
CA THR E 114 -18.40 -13.37 14.15
C THR E 114 -18.75 -14.83 13.89
N ASP E 115 -19.31 -15.50 14.90
CA ASP E 115 -19.73 -16.89 14.74
C ASP E 115 -21.26 -16.85 14.80
N THR E 116 -21.90 -16.69 13.65
CA THR E 116 -23.35 -16.61 13.59
C THR E 116 -24.02 -17.96 13.85
N VAL E 117 -23.34 -19.05 13.47
CA VAL E 117 -23.88 -20.39 13.67
C VAL E 117 -24.25 -20.64 15.13
N ASN E 118 -23.35 -20.28 16.04
CA ASN E 118 -23.57 -20.48 17.47
C ASN E 118 -23.81 -19.20 18.24
N THR E 119 -23.75 -18.07 17.54
CA THR E 119 -23.94 -16.74 18.17
C THR E 119 -22.85 -16.55 19.23
N LYS E 120 -21.60 -16.69 18.79
CA LYS E 120 -20.43 -16.57 19.66
C LYS E 120 -19.33 -15.78 18.92
N GLY E 121 -18.11 -15.86 19.46
CA GLY E 121 -16.99 -15.14 18.88
C GLY E 121 -16.91 -13.75 19.49
N ILE E 122 -16.92 -12.72 18.64
CA ILE E 122 -16.88 -11.33 19.12
C ILE E 122 -17.96 -10.53 18.40
N SER E 123 -18.25 -9.34 18.93
CA SER E 123 -19.22 -8.43 18.32
C SER E 123 -18.46 -7.86 17.12
N THR E 124 -18.96 -8.10 15.91
CA THR E 124 -18.30 -7.63 14.69
C THR E 124 -18.03 -6.14 14.72
N PRO E 125 -16.74 -5.74 14.58
CA PRO E 125 -16.39 -4.32 14.59
C PRO E 125 -16.82 -3.60 13.31
N VAL E 126 -16.82 -2.27 13.38
CA VAL E 126 -17.19 -1.42 12.25
C VAL E 126 -16.29 -1.77 11.05
N GLU E 127 -16.90 -1.97 9.88
CA GLU E 127 -16.20 -2.31 8.64
C GLU E 127 -16.97 -1.71 7.48
N GLY E 128 -16.36 -1.74 6.29
CA GLY E 128 -17.04 -1.24 5.11
C GLY E 128 -16.52 0.02 4.47
N SER E 129 -17.41 0.71 3.77
CA SER E 129 -17.08 1.93 3.07
C SER E 129 -16.66 3.06 4.00
N GLN E 130 -15.58 3.73 3.61
CA GLN E 130 -14.99 4.82 4.38
C GLN E 130 -14.87 6.05 3.49
N TYR E 131 -15.01 7.22 4.08
CA TYR E 131 -14.97 8.48 3.35
C TYR E 131 -14.45 9.56 4.30
N HIS E 132 -13.35 10.19 3.91
CA HIS E 132 -12.74 11.24 4.73
C HIS E 132 -12.43 12.46 3.89
N VAL E 133 -13.10 13.57 4.20
CA VAL E 133 -12.87 14.82 3.49
C VAL E 133 -12.81 15.96 4.49
N PHE E 134 -11.90 16.91 4.28
CA PHE E 134 -11.81 18.09 5.14
C PHE E 134 -11.42 19.27 4.26
N ALA E 135 -11.89 20.46 4.63
CA ALA E 135 -11.61 21.68 3.87
C ALA E 135 -11.50 22.88 4.78
N VAL E 136 -10.73 23.87 4.33
CA VAL E 136 -10.53 25.12 5.06
C VAL E 136 -10.61 26.22 3.99
N GLY E 137 -11.44 27.23 4.23
CA GLY E 137 -11.55 28.28 3.24
C GLY E 137 -12.13 29.58 3.75
N GLY E 138 -12.07 30.61 2.91
CA GLY E 138 -12.59 31.92 3.26
C GLY E 138 -14.01 32.15 2.78
N GLU E 139 -14.65 31.10 2.28
CA GLU E 139 -16.03 31.14 1.77
C GLU E 139 -16.57 29.73 2.01
N PRO E 140 -17.90 29.54 1.93
CA PRO E 140 -18.43 28.19 2.15
C PRO E 140 -17.89 27.27 1.04
N LEU E 141 -17.71 25.98 1.35
CA LEU E 141 -17.21 25.02 0.37
C LEU E 141 -18.19 24.95 -0.80
N ASP E 142 -17.70 25.12 -2.02
CA ASP E 142 -18.55 25.04 -3.20
C ASP E 142 -18.81 23.56 -3.51
N LEU E 143 -20.09 23.23 -3.66
CA LEU E 143 -20.53 21.87 -3.92
C LEU E 143 -21.06 21.63 -5.32
N GLN E 144 -20.85 20.41 -5.80
CA GLN E 144 -21.30 19.96 -7.10
C GLN E 144 -22.13 18.71 -6.80
N GLY E 145 -23.39 18.71 -7.23
CA GLY E 145 -24.23 17.57 -6.98
C GLY E 145 -24.03 16.48 -8.01
N LEU E 146 -24.10 15.22 -7.56
CA LEU E 146 -23.98 14.04 -8.42
C LEU E 146 -24.49 12.88 -7.57
N VAL E 147 -25.47 12.15 -8.08
CA VAL E 147 -26.08 11.04 -7.35
C VAL E 147 -25.99 9.70 -8.08
N THR E 148 -26.26 8.63 -7.33
CA THR E 148 -26.28 7.29 -7.89
C THR E 148 -27.54 7.12 -8.74
N ASP E 149 -28.65 7.66 -8.25
CA ASP E 149 -29.95 7.52 -8.93
C ASP E 149 -30.78 8.81 -8.87
N ALA E 150 -31.04 9.39 -10.03
CA ALA E 150 -31.84 10.62 -10.15
C ALA E 150 -33.32 10.40 -9.79
N ARG E 151 -33.71 9.14 -9.63
CA ARG E 151 -35.08 8.78 -9.25
C ARG E 151 -35.24 8.66 -7.74
N THR E 152 -34.15 8.73 -6.98
CA THR E 152 -34.22 8.62 -5.53
C THR E 152 -35.14 9.70 -4.97
N LYS E 153 -36.02 9.30 -4.06
CA LYS E 153 -36.98 10.21 -3.45
C LYS E 153 -36.55 10.68 -2.08
N TYR E 154 -35.72 11.71 -2.05
CA TYR E 154 -35.25 12.28 -0.79
C TYR E 154 -36.38 13.11 -0.20
N LYS E 155 -36.39 13.27 1.12
CA LYS E 155 -37.41 14.09 1.76
C LYS E 155 -37.23 15.53 1.30
N GLU E 156 -38.33 16.27 1.20
CA GLU E 156 -38.24 17.66 0.78
C GLU E 156 -37.87 18.58 1.93
N GLU E 157 -37.99 18.09 3.16
CA GLU E 157 -37.64 18.88 4.32
C GLU E 157 -36.72 18.07 5.21
N GLY E 158 -35.82 18.75 5.91
CA GLY E 158 -34.89 18.03 6.76
C GLY E 158 -33.51 17.88 6.15
N VAL E 159 -33.44 17.97 4.82
CA VAL E 159 -32.19 17.85 4.07
C VAL E 159 -32.17 18.76 2.83
N VAL E 160 -30.99 19.22 2.45
CA VAL E 160 -30.84 20.05 1.26
C VAL E 160 -30.35 19.15 0.13
N THR E 161 -31.19 18.96 -0.89
CA THR E 161 -30.85 18.11 -2.01
C THR E 161 -30.88 18.90 -3.31
N ILE E 162 -30.60 18.26 -4.44
CA ILE E 162 -30.58 18.97 -5.71
C ILE E 162 -31.91 19.67 -5.98
N LYS E 163 -33.02 19.00 -5.70
CA LYS E 163 -34.35 19.57 -5.91
C LYS E 163 -34.56 20.85 -5.08
N THR E 164 -34.00 20.87 -3.88
CA THR E 164 -34.10 22.05 -3.00
C THR E 164 -33.53 23.28 -3.70
N ILE E 165 -32.43 23.08 -4.43
CA ILE E 165 -31.76 24.16 -5.13
C ILE E 165 -32.43 24.56 -6.44
N THR E 166 -32.68 23.56 -7.30
CA THR E 166 -33.27 23.82 -8.60
C THR E 166 -34.79 24.03 -8.62
N LYS E 167 -35.46 23.59 -7.57
CA LYS E 167 -36.92 23.69 -7.46
C LYS E 167 -37.63 22.76 -8.44
N LYS E 168 -36.88 21.83 -9.03
CA LYS E 168 -37.41 20.86 -9.99
C LYS E 168 -36.85 19.47 -9.66
N ASP E 169 -37.42 18.43 -10.25
CA ASP E 169 -36.94 17.08 -10.01
C ASP E 169 -35.60 16.88 -10.66
N MET E 170 -34.83 15.91 -10.15
CA MET E 170 -33.53 15.60 -10.71
C MET E 170 -33.73 15.06 -12.13
N VAL E 171 -32.73 15.28 -12.98
CA VAL E 171 -32.76 14.80 -14.36
C VAL E 171 -31.66 13.74 -14.50
N ASN E 172 -31.66 13.00 -15.61
CA ASN E 172 -30.65 11.96 -15.79
C ASN E 172 -29.20 12.47 -15.77
N LYS E 173 -28.99 13.74 -16.14
CA LYS E 173 -27.65 14.33 -16.14
C LYS E 173 -27.08 14.40 -14.72
N ASP E 174 -27.95 14.36 -13.72
CA ASP E 174 -27.51 14.44 -12.34
C ASP E 174 -26.80 13.17 -11.86
N GLN E 175 -26.77 12.14 -12.71
CA GLN E 175 -26.06 10.90 -12.38
C GLN E 175 -24.60 11.02 -12.89
N VAL E 176 -24.33 12.08 -13.67
CA VAL E 176 -23.00 12.38 -14.17
C VAL E 176 -22.79 13.85 -13.76
N LEU E 177 -22.00 14.63 -14.49
CA LEU E 177 -21.82 16.02 -14.08
C LEU E 177 -22.77 16.99 -14.78
N ASN E 178 -23.67 17.59 -13.99
CA ASN E 178 -24.63 18.58 -14.50
C ASN E 178 -24.28 19.92 -13.83
N PRO E 179 -23.70 20.86 -14.61
CA PRO E 179 -23.31 22.18 -14.12
C PRO E 179 -24.40 22.96 -13.38
N ILE E 180 -25.66 22.64 -13.66
CA ILE E 180 -26.79 23.30 -13.02
C ILE E 180 -26.93 22.92 -11.53
N SER E 181 -26.56 21.69 -11.19
CA SER E 181 -26.69 21.21 -9.82
C SER E 181 -25.55 21.62 -8.88
N LYS E 182 -25.57 22.88 -8.44
CA LYS E 182 -24.55 23.40 -7.55
C LYS E 182 -25.15 24.03 -6.31
N ALA E 183 -24.38 24.06 -5.22
CA ALA E 183 -24.81 24.64 -3.97
C ALA E 183 -23.56 25.03 -3.18
N LYS E 184 -23.75 25.54 -1.97
CA LYS E 184 -22.63 25.93 -1.11
C LYS E 184 -22.92 25.36 0.26
N LEU E 185 -21.89 24.84 0.90
CA LEU E 185 -22.02 24.23 2.23
C LEU E 185 -22.16 25.31 3.29
N ASP E 186 -23.38 25.81 3.47
CA ASP E 186 -23.65 26.88 4.42
C ASP E 186 -24.39 26.47 5.70
N LYS E 187 -24.68 25.18 5.85
CA LYS E 187 -25.39 24.69 7.04
C LYS E 187 -24.78 23.35 7.44
N ASP E 188 -24.66 23.14 8.73
CA ASP E 188 -24.12 21.92 9.29
C ASP E 188 -25.20 20.83 9.31
N GLY E 189 -24.81 19.59 9.05
CA GLY E 189 -25.76 18.48 9.09
C GLY E 189 -26.99 18.57 8.20
N MET E 190 -26.84 19.13 7.00
CA MET E 190 -27.98 19.28 6.09
C MET E 190 -27.74 18.78 4.66
N TYR E 191 -26.48 18.83 4.21
CA TYR E 191 -26.10 18.39 2.86
C TYR E 191 -25.56 16.95 2.85
N PRO E 192 -26.33 16.01 2.30
CA PRO E 192 -25.93 14.59 2.23
C PRO E 192 -24.66 14.39 1.41
N VAL E 193 -23.74 13.57 1.93
CA VAL E 193 -22.48 13.31 1.24
C VAL E 193 -22.62 12.43 0.00
N GLU E 194 -23.73 11.72 -0.12
CA GLU E 194 -23.93 10.89 -1.31
C GLU E 194 -24.48 11.73 -2.48
N ILE E 195 -24.71 13.02 -2.21
CA ILE E 195 -25.24 13.94 -3.21
C ILE E 195 -24.26 15.08 -3.53
N TRP E 196 -23.72 15.70 -2.48
CA TRP E 196 -22.84 16.85 -2.62
C TRP E 196 -21.34 16.62 -2.51
N HIS E 197 -20.62 16.99 -3.56
CA HIS E 197 -19.18 16.79 -3.64
C HIS E 197 -18.46 18.12 -3.83
N PRO E 198 -17.18 18.20 -3.43
CA PRO E 198 -16.43 19.44 -3.60
C PRO E 198 -16.40 19.79 -5.09
N ASP E 199 -16.71 21.03 -5.43
CA ASP E 199 -16.73 21.48 -6.82
C ASP E 199 -15.33 21.94 -7.24
N PRO E 200 -14.66 21.15 -8.10
CA PRO E 200 -13.31 21.53 -8.54
C PRO E 200 -13.29 22.74 -9.48
N ALA E 201 -14.45 23.10 -10.04
CA ALA E 201 -14.53 24.24 -10.95
C ALA E 201 -14.57 25.59 -10.20
N LYS E 202 -14.75 25.54 -8.89
CA LYS E 202 -14.79 26.75 -8.07
C LYS E 202 -13.83 26.57 -6.90
N ASN E 203 -14.24 26.92 -5.69
CA ASN E 203 -13.39 26.78 -4.51
C ASN E 203 -12.02 27.41 -4.69
N GLU E 204 -12.00 28.60 -5.28
CA GLU E 204 -10.76 29.32 -5.52
C GLU E 204 -10.13 29.79 -4.20
N ASN E 205 -10.97 29.90 -3.18
CA ASN E 205 -10.55 30.37 -1.86
C ASN E 205 -10.66 29.29 -0.79
N THR E 206 -10.65 28.02 -1.21
CA THR E 206 -10.76 26.88 -0.30
C THR E 206 -9.83 25.76 -0.75
N ARG E 207 -9.25 25.04 0.20
CA ARG E 207 -8.39 23.90 -0.10
C ARG E 207 -9.11 22.69 0.53
N TYR E 208 -9.42 21.66 -0.27
CA TYR E 208 -10.07 20.47 0.26
C TYR E 208 -9.28 19.22 -0.08
N PHE E 209 -9.38 18.22 0.79
CA PHE E 209 -8.65 16.97 0.61
C PHE E 209 -9.59 15.81 0.94
N GLY E 210 -9.81 14.91 -0.01
CA GLY E 210 -10.70 13.79 0.23
C GLY E 210 -10.22 12.45 -0.29
N ASN E 211 -10.74 11.39 0.30
CA ASN E 211 -10.40 10.05 -0.14
C ASN E 211 -11.55 9.11 0.19
N TYR E 212 -11.71 8.11 -0.65
CA TYR E 212 -12.78 7.15 -0.54
C TYR E 212 -12.28 5.73 -0.70
N THR E 213 -12.85 4.82 0.09
CA THR E 213 -12.56 3.38 0.04
C THR E 213 -13.93 2.74 0.18
N GLY E 214 -14.34 1.96 -0.82
CA GLY E 214 -15.64 1.32 -0.77
C GLY E 214 -15.64 -0.08 -0.20
N GLY E 215 -16.60 -0.89 -0.65
CA GLY E 215 -16.71 -2.25 -0.19
C GLY E 215 -17.72 -2.45 0.92
N THR E 216 -18.03 -3.70 1.21
CA THR E 216 -19.01 -4.04 2.23
C THR E 216 -18.39 -4.37 3.59
N THR E 217 -17.23 -5.02 3.58
CA THR E 217 -16.57 -5.40 4.82
C THR E 217 -15.08 -5.02 4.85
N THR E 218 -14.71 -4.00 4.08
CA THR E 218 -13.33 -3.52 4.01
C THR E 218 -12.82 -3.07 5.39
N PRO E 219 -11.60 -3.48 5.79
CA PRO E 219 -11.07 -3.06 7.10
C PRO E 219 -10.84 -1.55 7.16
N PRO E 220 -11.32 -0.88 8.23
CA PRO E 220 -11.11 0.57 8.34
C PRO E 220 -9.64 0.86 8.66
N VAL E 221 -9.10 1.92 8.08
CA VAL E 221 -7.70 2.29 8.33
C VAL E 221 -7.64 3.77 8.67
N LEU E 222 -6.84 4.12 9.68
CA LEU E 222 -6.71 5.52 10.10
C LEU E 222 -5.40 5.76 10.82
N GLN E 223 -4.79 6.90 10.52
CA GLN E 223 -3.55 7.31 11.18
C GLN E 223 -3.87 8.59 11.95
N PHE E 224 -3.18 8.82 13.06
CA PHE E 224 -3.39 10.03 13.86
C PHE E 224 -2.11 10.40 14.59
N THR E 225 -1.71 11.67 14.46
CA THR E 225 -0.50 12.16 15.11
C THR E 225 -0.62 13.68 15.26
N ASN E 226 0.06 14.24 16.25
CA ASN E 226 0.03 15.68 16.42
C ASN E 226 1.26 16.32 15.79
N THR E 227 1.94 15.58 14.92
CA THR E 227 3.15 16.06 14.26
C THR E 227 2.99 16.38 12.77
N LEU E 228 1.80 16.15 12.22
CA LEU E 228 1.58 16.38 10.80
C LEU E 228 0.86 17.69 10.49
N THR E 229 1.51 18.53 9.70
CA THR E 229 0.95 19.82 9.31
C THR E 229 0.56 19.77 7.84
N THR E 230 -0.63 20.26 7.52
CA THR E 230 -1.11 20.32 6.14
C THR E 230 -0.92 21.75 5.62
N VAL E 231 -0.09 21.92 4.61
CA VAL E 231 0.17 23.22 4.02
C VAL E 231 -1.06 23.66 3.22
N LEU E 232 -1.49 24.90 3.42
CA LEU E 232 -2.65 25.44 2.71
C LEU E 232 -2.28 26.45 1.63
N LEU E 233 -0.98 26.75 1.51
CA LEU E 233 -0.53 27.71 0.51
C LEU E 233 -0.56 27.07 -0.87
N ASP E 234 -0.96 27.85 -1.89
CA ASP E 234 -1.00 27.35 -3.25
C ASP E 234 0.40 27.44 -3.87
N GLU E 235 0.50 27.12 -5.15
CA GLU E 235 1.77 27.14 -5.88
C GLU E 235 2.49 28.51 -5.83
N ASN E 236 1.74 29.57 -5.58
CA ASN E 236 2.30 30.93 -5.50
C ASN E 236 2.59 31.41 -4.08
N GLY E 237 2.53 30.50 -3.11
CA GLY E 237 2.78 30.84 -1.73
C GLY E 237 1.65 31.57 -1.03
N VAL E 238 0.45 31.55 -1.62
CA VAL E 238 -0.70 32.23 -1.04
C VAL E 238 -1.74 31.22 -0.56
N GLY E 239 -2.24 31.39 0.67
CA GLY E 239 -3.24 30.48 1.17
C GLY E 239 -4.62 31.08 0.97
N PRO E 240 -5.67 30.44 1.46
CA PRO E 240 -7.03 30.95 1.31
C PRO E 240 -7.13 32.31 2.04
N LEU E 241 -7.79 33.28 1.42
CA LEU E 241 -7.95 34.61 2.02
C LEU E 241 -9.36 34.81 2.55
N CYS E 242 -9.50 35.35 3.76
CA CYS E 242 -10.81 35.60 4.34
C CYS E 242 -11.33 36.96 3.90
N LYS E 243 -12.16 36.95 2.85
CA LYS E 243 -12.73 38.19 2.31
C LYS E 243 -13.74 38.83 3.25
N GLY E 244 -14.33 38.04 4.15
CA GLY E 244 -15.31 38.58 5.07
C GLY E 244 -15.12 38.19 6.52
N GLU E 245 -13.86 38.02 6.91
CA GLU E 245 -13.48 37.66 8.29
C GLU E 245 -14.26 36.51 8.96
N GLY E 246 -14.57 35.48 8.18
CA GLY E 246 -15.28 34.31 8.67
C GLY E 246 -14.58 33.12 8.05
N LEU E 247 -13.96 32.28 8.88
CA LEU E 247 -13.25 31.09 8.43
C LEU E 247 -14.20 29.90 8.36
N TYR E 248 -14.19 29.17 7.25
CA TYR E 248 -15.06 28.00 7.09
C TYR E 248 -14.32 26.67 7.18
N LEU E 249 -14.79 25.79 8.05
CA LEU E 249 -14.22 24.45 8.22
C LEU E 249 -15.30 23.47 7.78
N SER E 250 -14.96 22.51 6.94
CA SER E 250 -15.91 21.52 6.45
C SER E 250 -15.31 20.13 6.52
N CYS E 251 -16.12 19.11 6.81
CA CYS E 251 -15.58 17.76 6.87
C CYS E 251 -16.62 16.65 7.00
N VAL E 252 -16.17 15.42 6.78
CA VAL E 252 -16.98 14.22 6.91
C VAL E 252 -16.00 13.06 7.07
N ASP E 253 -16.22 12.23 8.08
CA ASP E 253 -15.34 11.10 8.37
C ASP E 253 -16.10 9.84 8.71
N ILE E 254 -16.46 9.09 7.67
CA ILE E 254 -17.19 7.84 7.80
C ILE E 254 -16.19 6.70 7.91
N MET E 255 -16.37 5.88 8.95
CA MET E 255 -15.48 4.75 9.23
C MET E 255 -16.02 3.40 8.74
N GLY E 256 -17.30 3.37 8.38
CA GLY E 256 -17.95 2.15 7.92
C GLY E 256 -19.29 1.99 8.62
N TRP E 257 -19.73 0.74 8.78
CA TRP E 257 -21.01 0.46 9.45
C TRP E 257 -20.83 -0.61 10.52
N ARG E 258 -21.76 -0.63 11.46
CA ARG E 258 -21.80 -1.69 12.45
C ARG E 258 -23.09 -2.41 12.03
N VAL E 259 -23.17 -3.70 12.29
CA VAL E 259 -24.31 -4.52 11.88
C VAL E 259 -24.99 -5.16 13.09
N THR E 260 -26.30 -5.02 13.18
CA THR E 260 -27.06 -5.56 14.31
C THR E 260 -27.39 -7.04 14.12
N ARG E 261 -27.96 -7.66 15.15
CA ARG E 261 -28.34 -9.06 15.08
C ARG E 261 -29.76 -9.22 14.52
N ASN E 262 -30.37 -8.12 14.11
CA ASN E 262 -31.73 -8.15 13.56
C ASN E 262 -31.72 -7.85 12.07
N TYR E 263 -31.77 -8.90 11.25
CA TYR E 263 -31.80 -8.74 9.79
C TYR E 263 -30.65 -7.91 9.19
N ASP E 264 -29.47 -8.03 9.78
CA ASP E 264 -28.29 -7.31 9.30
C ASP E 264 -28.49 -5.80 9.10
N VAL E 265 -29.23 -5.15 9.99
CA VAL E 265 -29.44 -3.71 9.88
C VAL E 265 -28.09 -2.97 10.08
N HIS E 266 -27.74 -2.12 9.11
CA HIS E 266 -26.48 -1.36 9.16
C HIS E 266 -26.66 0.06 9.70
N HIS E 267 -25.70 0.50 10.50
CA HIS E 267 -25.72 1.87 11.05
C HIS E 267 -24.36 2.48 10.72
N TRP E 268 -24.37 3.61 10.01
CA TRP E 268 -23.11 4.32 9.67
C TRP E 268 -22.44 4.79 10.96
N ARG E 269 -21.11 4.84 10.94
CA ARG E 269 -20.33 5.32 12.08
C ARG E 269 -19.40 6.44 11.60
N GLY E 270 -19.41 7.55 12.32
CA GLY E 270 -18.56 8.68 11.96
C GLY E 270 -17.78 9.11 13.19
N LEU E 271 -16.66 9.81 12.98
CA LEU E 271 -15.82 10.25 14.08
C LEU E 271 -15.56 11.76 13.98
N PRO E 272 -15.31 12.42 15.13
CA PRO E 272 -15.04 13.86 15.14
C PRO E 272 -13.67 14.22 14.57
N ARG E 273 -13.57 15.42 14.01
CA ARG E 273 -12.32 15.92 13.43
C ARG E 273 -11.88 17.19 14.13
N TYR E 274 -10.60 17.24 14.50
CA TYR E 274 -10.03 18.39 15.16
C TYR E 274 -9.27 19.23 14.13
N PHE E 275 -9.32 20.56 14.29
CA PHE E 275 -8.63 21.49 13.39
C PHE E 275 -7.87 22.52 14.23
N LYS E 276 -6.65 22.84 13.80
CA LYS E 276 -5.86 23.89 14.43
C LYS E 276 -5.22 24.63 13.26
N ILE E 277 -5.81 25.77 12.91
CA ILE E 277 -5.37 26.58 11.78
C ILE E 277 -4.46 27.74 12.18
N THR E 278 -3.39 27.91 11.41
CA THR E 278 -2.46 29.00 11.62
C THR E 278 -2.76 30.02 10.53
N LEU E 279 -2.98 31.27 10.94
CA LEU E 279 -3.29 32.35 9.99
C LEU E 279 -2.35 33.55 10.17
N ARG E 280 -2.17 34.32 9.11
CA ARG E 280 -1.32 35.50 9.15
C ARG E 280 -2.01 36.60 8.34
N LYS E 281 -1.73 37.85 8.66
CA LYS E 281 -2.34 38.98 7.95
C LYS E 281 -1.58 39.23 6.64
N ARG E 282 -2.33 39.53 5.59
CA ARG E 282 -1.78 39.78 4.27
C ARG E 282 -2.22 41.12 3.71
N TRP E 283 -1.27 41.86 3.13
CA TRP E 283 -1.58 43.15 2.52
C TRP E 283 -2.18 42.81 1.15
N VAL E 284 -3.38 43.31 0.90
CA VAL E 284 -4.07 43.07 -0.37
C VAL E 284 -4.55 44.41 -0.96
N LYS E 285 -4.55 44.49 -2.28
CA LYS E 285 -4.97 45.71 -2.97
C LYS E 285 -6.49 45.93 -2.79
#